data_7XL7
# 
_entry.id   7XL7 
# 
_audit_conform.dict_name       mmcif_pdbx.dic 
_audit_conform.dict_version    5.398 
_audit_conform.dict_location   http://mmcif.pdb.org/dictionaries/ascii/mmcif_pdbx.dic 
# 
loop_
_database_2.database_id 
_database_2.database_code 
_database_2.pdbx_database_accession 
_database_2.pdbx_DOI 
PDB   7XL7         pdb_00007xl7 10.2210/pdb7xl7/pdb 
WWPDB D_1300028964 ?            ?                   
# 
loop_
_pdbx_audit_revision_history.ordinal 
_pdbx_audit_revision_history.data_content_type 
_pdbx_audit_revision_history.major_revision 
_pdbx_audit_revision_history.minor_revision 
_pdbx_audit_revision_history.revision_date 
1 'Structure model' 1 0 2023-05-03 
2 'Structure model' 1 1 2024-11-13 
# 
_pdbx_audit_revision_details.ordinal             1 
_pdbx_audit_revision_details.revision_ordinal    1 
_pdbx_audit_revision_details.data_content_type   'Structure model' 
_pdbx_audit_revision_details.provider            repository 
_pdbx_audit_revision_details.type                'Initial release' 
_pdbx_audit_revision_details.description         ? 
_pdbx_audit_revision_details.details             ? 
# 
loop_
_pdbx_audit_revision_group.ordinal 
_pdbx_audit_revision_group.revision_ordinal 
_pdbx_audit_revision_group.data_content_type 
_pdbx_audit_revision_group.group 
1 2 'Structure model' 'Data collection'   
2 2 'Structure model' 'Structure summary' 
# 
loop_
_pdbx_audit_revision_category.ordinal 
_pdbx_audit_revision_category.revision_ordinal 
_pdbx_audit_revision_category.data_content_type 
_pdbx_audit_revision_category.category 
1 2 'Structure model' chem_comp_atom            
2 2 'Structure model' chem_comp_bond            
3 2 'Structure model' pdbx_entry_details        
4 2 'Structure model' pdbx_modification_feature 
# 
_pdbx_database_status.status_code                     REL 
_pdbx_database_status.status_code_sf                  REL 
_pdbx_database_status.status_code_mr                  ? 
_pdbx_database_status.entry_id                        7XL7 
_pdbx_database_status.recvd_initial_deposition_date   2022-04-21 
_pdbx_database_status.SG_entry                        N 
_pdbx_database_status.deposit_site                    PDBJ 
_pdbx_database_status.process_site                    PDBJ 
_pdbx_database_status.status_code_cs                  ? 
_pdbx_database_status.status_code_nmr_data            ? 
_pdbx_database_status.methods_development_category    ? 
_pdbx_database_status.pdb_format_compatible           Y 
# 
loop_
_pdbx_contact_author.id 
_pdbx_contact_author.email 
_pdbx_contact_author.name_first 
_pdbx_contact_author.name_last 
_pdbx_contact_author.name_mi 
_pdbx_contact_author.role 
_pdbx_contact_author.identifier_ORCID 
2 bingqingsdu@163.com BingQing Li       ? 'principal investigator/group leader' 0000-0002-4322-3744 
3 yyy0513@163.com     Yue      YingYing ? 'principal investigator/group leader' 0000-0001-6229-2561 
# 
loop_
_audit_author.name 
_audit_author.pdbx_ordinal 
_audit_author.identifier_ORCID 
'Wang, Q.' 1 ? 
'Li, B.Q.' 2 ? 
# 
_citation.abstract                  ? 
_citation.abstract_id_CAS           ? 
_citation.book_id_ISBN              ? 
_citation.book_publisher            ? 
_citation.book_publisher_city       ? 
_citation.book_title                ? 
_citation.coordinate_linkage        ? 
_citation.country                   ? 
_citation.database_id_Medline       ? 
_citation.details                   ? 
_citation.id                        primary 
_citation.journal_abbrev            'To Be Published' 
_citation.journal_id_ASTM           ? 
_citation.journal_id_CSD            0353 
_citation.journal_id_ISSN           ? 
_citation.journal_full              ? 
_citation.journal_issue             ? 
_citation.journal_volume            ? 
_citation.language                  ? 
_citation.page_first                ? 
_citation.page_last                 ? 
_citation.title                     'Function And Structure Research of Salmonella typhimurium Unknown Functional Protein MicN' 
_citation.year                      ? 
_citation.database_id_CSD           ? 
_citation.pdbx_database_id_DOI      ? 
_citation.pdbx_database_id_PubMed   ? 
_citation.pdbx_database_id_patent   ? 
_citation.unpublished_flag          ? 
# 
loop_
_citation_author.citation_id 
_citation_author.name 
_citation_author.ordinal 
_citation_author.identifier_ORCID 
primary 'Wang, Q.' 1 ? 
primary 'Li, B.Q.' 2 ? 
# 
loop_
_entity.id 
_entity.type 
_entity.src_method 
_entity.pdbx_description 
_entity.formula_weight 
_entity.pdbx_number_of_molecules 
_entity.pdbx_ec 
_entity.pdbx_mutation 
_entity.pdbx_fragment 
_entity.details 
1 polymer man 'Uncharacterized protein' 6955.707 2  ? ? ? ? 
2 water   nat water                     18.015   96 ? ? ? ? 
# 
_entity_poly.entity_id                      1 
_entity_poly.type                           'polypeptide(L)' 
_entity_poly.nstd_linkage                   no 
_entity_poly.nstd_monomer                   no 
_entity_poly.pdbx_seq_one_letter_code       MKEGFYWIQHNGRVQVAYYTHGVTEDLETGQTIIGVWHLTQGDDICHNGEAEILAGPLEPPI 
_entity_poly.pdbx_seq_one_letter_code_can   MKEGFYWIQHNGRVQVAYYTHGVTEDLETGQTIIGVWHLTQGDDICHNGEAEILAGPLEPPI 
_entity_poly.pdbx_strand_id                 A,B 
_entity_poly.pdbx_target_identifier         ? 
# 
_pdbx_entity_nonpoly.entity_id   2 
_pdbx_entity_nonpoly.name        water 
_pdbx_entity_nonpoly.comp_id     HOH 
# 
loop_
_entity_poly_seq.entity_id 
_entity_poly_seq.num 
_entity_poly_seq.mon_id 
_entity_poly_seq.hetero 
1 1  MET n 
1 2  LYS n 
1 3  GLU n 
1 4  GLY n 
1 5  PHE n 
1 6  TYR n 
1 7  TRP n 
1 8  ILE n 
1 9  GLN n 
1 10 HIS n 
1 11 ASN n 
1 12 GLY n 
1 13 ARG n 
1 14 VAL n 
1 15 GLN n 
1 16 VAL n 
1 17 ALA n 
1 18 TYR n 
1 19 TYR n 
1 20 THR n 
1 21 HIS n 
1 22 GLY n 
1 23 VAL n 
1 24 THR n 
1 25 GLU n 
1 26 ASP n 
1 27 LEU n 
1 28 GLU n 
1 29 THR n 
1 30 GLY n 
1 31 GLN n 
1 32 THR n 
1 33 ILE n 
1 34 ILE n 
1 35 GLY n 
1 36 VAL n 
1 37 TRP n 
1 38 HIS n 
1 39 LEU n 
1 40 THR n 
1 41 GLN n 
1 42 GLY n 
1 43 ASP n 
1 44 ASP n 
1 45 ILE n 
1 46 CYS n 
1 47 HIS n 
1 48 ASN n 
1 49 GLY n 
1 50 GLU n 
1 51 ALA n 
1 52 GLU n 
1 53 ILE n 
1 54 LEU n 
1 55 ALA n 
1 56 GLY n 
1 57 PRO n 
1 58 LEU n 
1 59 GLU n 
1 60 PRO n 
1 61 PRO n 
1 62 ILE n 
# 
_entity_src_gen.entity_id                          1 
_entity_src_gen.pdbx_src_id                        1 
_entity_src_gen.pdbx_alt_source_flag               sample 
_entity_src_gen.pdbx_seq_type                      'Biological sequence' 
_entity_src_gen.pdbx_beg_seq_num                   1 
_entity_src_gen.pdbx_end_seq_num                   62 
_entity_src_gen.gene_src_common_name               ? 
_entity_src_gen.gene_src_genus                     ? 
_entity_src_gen.pdbx_gene_src_gene                 ? 
_entity_src_gen.gene_src_species                   ? 
_entity_src_gen.gene_src_strain                    ? 
_entity_src_gen.gene_src_tissue                    ? 
_entity_src_gen.gene_src_tissue_fraction           ? 
_entity_src_gen.gene_src_details                   ? 
_entity_src_gen.pdbx_gene_src_fragment             ? 
_entity_src_gen.pdbx_gene_src_scientific_name      'Salmonella enterica subsp. enterica serovar Typhimurium' 
_entity_src_gen.pdbx_gene_src_ncbi_taxonomy_id     90371 
_entity_src_gen.pdbx_gene_src_variant              ? 
_entity_src_gen.pdbx_gene_src_cell_line            ? 
_entity_src_gen.pdbx_gene_src_atcc                 ? 
_entity_src_gen.pdbx_gene_src_organ                ? 
_entity_src_gen.pdbx_gene_src_organelle            ? 
_entity_src_gen.pdbx_gene_src_cell                 ? 
_entity_src_gen.pdbx_gene_src_cellular_location    ? 
_entity_src_gen.host_org_common_name               ? 
_entity_src_gen.pdbx_host_org_scientific_name      'Escherichia coli' 
_entity_src_gen.pdbx_host_org_ncbi_taxonomy_id     562 
_entity_src_gen.host_org_genus                     ? 
_entity_src_gen.pdbx_host_org_gene                 ? 
_entity_src_gen.pdbx_host_org_organ                ? 
_entity_src_gen.host_org_species                   ? 
_entity_src_gen.pdbx_host_org_tissue               ? 
_entity_src_gen.pdbx_host_org_tissue_fraction      ? 
_entity_src_gen.pdbx_host_org_strain               ? 
_entity_src_gen.pdbx_host_org_variant              ? 
_entity_src_gen.pdbx_host_org_cell_line            ? 
_entity_src_gen.pdbx_host_org_atcc                 ? 
_entity_src_gen.pdbx_host_org_culture_collection   ? 
_entity_src_gen.pdbx_host_org_cell                 ? 
_entity_src_gen.pdbx_host_org_organelle            ? 
_entity_src_gen.pdbx_host_org_cellular_location    ? 
_entity_src_gen.pdbx_host_org_vector_type          ? 
_entity_src_gen.pdbx_host_org_vector               ? 
_entity_src_gen.host_org_details                   ? 
_entity_src_gen.expression_system_id               ? 
_entity_src_gen.plasmid_name                       ? 
_entity_src_gen.plasmid_details                    ? 
_entity_src_gen.pdbx_description                   ? 
# 
loop_
_chem_comp.id 
_chem_comp.type 
_chem_comp.mon_nstd_flag 
_chem_comp.name 
_chem_comp.pdbx_synonyms 
_chem_comp.formula 
_chem_comp.formula_weight 
ALA 'L-peptide linking' y ALANINE         ? 'C3 H7 N O2'     89.093  
ARG 'L-peptide linking' y ARGININE        ? 'C6 H15 N4 O2 1' 175.209 
ASN 'L-peptide linking' y ASPARAGINE      ? 'C4 H8 N2 O3'    132.118 
ASP 'L-peptide linking' y 'ASPARTIC ACID' ? 'C4 H7 N O4'     133.103 
CYS 'L-peptide linking' y CYSTEINE        ? 'C3 H7 N O2 S'   121.158 
GLN 'L-peptide linking' y GLUTAMINE       ? 'C5 H10 N2 O3'   146.144 
GLU 'L-peptide linking' y 'GLUTAMIC ACID' ? 'C5 H9 N O4'     147.129 
GLY 'peptide linking'   y GLYCINE         ? 'C2 H5 N O2'     75.067  
HIS 'L-peptide linking' y HISTIDINE       ? 'C6 H10 N3 O2 1' 156.162 
HOH non-polymer         . WATER           ? 'H2 O'           18.015  
ILE 'L-peptide linking' y ISOLEUCINE      ? 'C6 H13 N O2'    131.173 
LEU 'L-peptide linking' y LEUCINE         ? 'C6 H13 N O2'    131.173 
LYS 'L-peptide linking' y LYSINE          ? 'C6 H15 N2 O2 1' 147.195 
MET 'L-peptide linking' y METHIONINE      ? 'C5 H11 N O2 S'  149.211 
PHE 'L-peptide linking' y PHENYLALANINE   ? 'C9 H11 N O2'    165.189 
PRO 'L-peptide linking' y PROLINE         ? 'C5 H9 N O2'     115.130 
THR 'L-peptide linking' y THREONINE       ? 'C4 H9 N O3'     119.119 
TRP 'L-peptide linking' y TRYPTOPHAN      ? 'C11 H12 N2 O2'  204.225 
TYR 'L-peptide linking' y TYROSINE        ? 'C9 H11 N O3'    181.189 
VAL 'L-peptide linking' y VALINE          ? 'C5 H11 N O2'    117.146 
# 
loop_
_pdbx_poly_seq_scheme.asym_id 
_pdbx_poly_seq_scheme.entity_id 
_pdbx_poly_seq_scheme.seq_id 
_pdbx_poly_seq_scheme.mon_id 
_pdbx_poly_seq_scheme.ndb_seq_num 
_pdbx_poly_seq_scheme.pdb_seq_num 
_pdbx_poly_seq_scheme.auth_seq_num 
_pdbx_poly_seq_scheme.pdb_mon_id 
_pdbx_poly_seq_scheme.auth_mon_id 
_pdbx_poly_seq_scheme.pdb_strand_id 
_pdbx_poly_seq_scheme.pdb_ins_code 
_pdbx_poly_seq_scheme.hetero 
A 1 1  MET 1  1  1  MET MET A . n 
A 1 2  LYS 2  2  2  LYS LYS A . n 
A 1 3  GLU 3  3  3  GLU GLU A . n 
A 1 4  GLY 4  4  4  GLY GLY A . n 
A 1 5  PHE 5  5  5  PHE PHE A . n 
A 1 6  TYR 6  6  6  TYR TYR A . n 
A 1 7  TRP 7  7  7  TRP TRP A . n 
A 1 8  ILE 8  8  8  ILE ILE A . n 
A 1 9  GLN 9  9  9  GLN GLN A . n 
A 1 10 HIS 10 10 10 HIS HIS A . n 
A 1 11 ASN 11 11 11 ASN ASN A . n 
A 1 12 GLY 12 12 12 GLY GLY A . n 
A 1 13 ARG 13 13 13 ARG ARG A . n 
A 1 14 VAL 14 14 14 VAL VAL A . n 
A 1 15 GLN 15 15 15 GLN GLN A . n 
A 1 16 VAL 16 16 16 VAL VAL A . n 
A 1 17 ALA 17 17 17 ALA ALA A . n 
A 1 18 TYR 18 18 18 TYR TYR A . n 
A 1 19 TYR 19 19 19 TYR TYR A . n 
A 1 20 THR 20 20 20 THR THR A . n 
A 1 21 HIS 21 21 21 HIS HIS A . n 
A 1 22 GLY 22 22 22 GLY GLY A . n 
A 1 23 VAL 23 23 23 VAL VAL A . n 
A 1 24 THR 24 24 24 THR THR A . n 
A 1 25 GLU 25 25 25 GLU GLU A . n 
A 1 26 ASP 26 26 26 ASP ASP A . n 
A 1 27 LEU 27 27 ?  ?   ?   A . n 
A 1 28 GLU 28 28 ?  ?   ?   A . n 
A 1 29 THR 29 29 ?  ?   ?   A . n 
A 1 30 GLY 30 30 ?  ?   ?   A . n 
A 1 31 GLN 31 31 31 GLN GLN A . n 
A 1 32 THR 32 32 32 THR THR A . n 
A 1 33 ILE 33 33 33 ILE ILE A . n 
A 1 34 ILE 34 34 34 ILE ILE A . n 
A 1 35 GLY 35 35 35 GLY GLY A . n 
A 1 36 VAL 36 36 36 VAL VAL A . n 
A 1 37 TRP 37 37 37 TRP TRP A . n 
A 1 38 HIS 38 38 38 HIS HIS A . n 
A 1 39 LEU 39 39 39 LEU LEU A . n 
A 1 40 THR 40 40 40 THR THR A . n 
A 1 41 GLN 41 41 41 GLN GLN A . n 
A 1 42 GLY 42 42 42 GLY GLY A . n 
A 1 43 ASP 43 43 43 ASP ASP A . n 
A 1 44 ASP 44 44 44 ASP ASP A . n 
A 1 45 ILE 45 45 45 ILE ILE A . n 
A 1 46 CYS 46 46 46 CYS CYS A . n 
A 1 47 HIS 47 47 47 HIS HIS A . n 
A 1 48 ASN 48 48 48 ASN ASN A . n 
A 1 49 GLY 49 49 49 GLY GLY A . n 
A 1 50 GLU 50 50 50 GLU GLU A . n 
A 1 51 ALA 51 51 51 ALA ALA A . n 
A 1 52 GLU 52 52 52 GLU GLU A . n 
A 1 53 ILE 53 53 53 ILE ILE A . n 
A 1 54 LEU 54 54 54 LEU LEU A . n 
A 1 55 ALA 55 55 55 ALA ALA A . n 
A 1 56 GLY 56 56 56 GLY GLY A . n 
A 1 57 PRO 57 57 57 PRO PRO A . n 
A 1 58 LEU 58 58 58 LEU LEU A . n 
A 1 59 GLU 59 59 59 GLU GLU A . n 
A 1 60 PRO 60 60 60 PRO PRO A . n 
A 1 61 PRO 61 61 61 PRO PRO A . n 
A 1 62 ILE 62 62 62 ILE ILE A . n 
B 1 1  MET 1  1  1  MET MET B . n 
B 1 2  LYS 2  2  2  LYS LYS B . n 
B 1 3  GLU 3  3  3  GLU GLU B . n 
B 1 4  GLY 4  4  4  GLY GLY B . n 
B 1 5  PHE 5  5  5  PHE PHE B . n 
B 1 6  TYR 6  6  6  TYR TYR B . n 
B 1 7  TRP 7  7  7  TRP TRP B . n 
B 1 8  ILE 8  8  8  ILE ILE B . n 
B 1 9  GLN 9  9  9  GLN GLN B . n 
B 1 10 HIS 10 10 10 HIS HIS B . n 
B 1 11 ASN 11 11 11 ASN ASN B . n 
B 1 12 GLY 12 12 12 GLY GLY B . n 
B 1 13 ARG 13 13 13 ARG ARG B . n 
B 1 14 VAL 14 14 14 VAL VAL B . n 
B 1 15 GLN 15 15 15 GLN GLN B . n 
B 1 16 VAL 16 16 16 VAL VAL B . n 
B 1 17 ALA 17 17 17 ALA ALA B . n 
B 1 18 TYR 18 18 18 TYR TYR B . n 
B 1 19 TYR 19 19 19 TYR TYR B . n 
B 1 20 THR 20 20 20 THR THR B . n 
B 1 21 HIS 21 21 21 HIS HIS B . n 
B 1 22 GLY 22 22 ?  ?   ?   B . n 
B 1 23 VAL 23 23 ?  ?   ?   B . n 
B 1 24 THR 24 24 ?  ?   ?   B . n 
B 1 25 GLU 25 25 ?  ?   ?   B . n 
B 1 26 ASP 26 26 ?  ?   ?   B . n 
B 1 27 LEU 27 27 ?  ?   ?   B . n 
B 1 28 GLU 28 28 ?  ?   ?   B . n 
B 1 29 THR 29 29 ?  ?   ?   B . n 
B 1 30 GLY 30 30 ?  ?   ?   B . n 
B 1 31 GLN 31 31 ?  ?   ?   B . n 
B 1 32 THR 32 32 ?  ?   ?   B . n 
B 1 33 ILE 33 33 ?  ?   ?   B . n 
B 1 34 ILE 34 34 ?  ?   ?   B . n 
B 1 35 GLY 35 35 35 GLY GLY B . n 
B 1 36 VAL 36 36 36 VAL VAL B . n 
B 1 37 TRP 37 37 37 TRP TRP B . n 
B 1 38 HIS 38 38 38 HIS HIS B . n 
B 1 39 LEU 39 39 39 LEU LEU B . n 
B 1 40 THR 40 40 40 THR THR B . n 
B 1 41 GLN 41 41 41 GLN GLN B . n 
B 1 42 GLY 42 42 42 GLY GLY B . n 
B 1 43 ASP 43 43 43 ASP ASP B . n 
B 1 44 ASP 44 44 44 ASP ASP B . n 
B 1 45 ILE 45 45 45 ILE ILE B . n 
B 1 46 CYS 46 46 46 CYS CYS B . n 
B 1 47 HIS 47 47 47 HIS HIS B . n 
B 1 48 ASN 48 48 48 ASN ASN B . n 
B 1 49 GLY 49 49 49 GLY GLY B . n 
B 1 50 GLU 50 50 50 GLU GLU B . n 
B 1 51 ALA 51 51 51 ALA ALA B . n 
B 1 52 GLU 52 52 52 GLU GLU B . n 
B 1 53 ILE 53 53 53 ILE ILE B . n 
B 1 54 LEU 54 54 54 LEU LEU B . n 
B 1 55 ALA 55 55 55 ALA ALA B . n 
B 1 56 GLY 56 56 56 GLY GLY B . n 
B 1 57 PRO 57 57 57 PRO PRO B . n 
B 1 58 LEU 58 58 58 LEU LEU B . n 
B 1 59 GLU 59 59 59 GLU GLU B . n 
B 1 60 PRO 60 60 60 PRO PRO B . n 
B 1 61 PRO 61 61 61 PRO PRO B . n 
B 1 62 ILE 62 62 62 ILE ILE B . n 
# 
loop_
_pdbx_nonpoly_scheme.asym_id 
_pdbx_nonpoly_scheme.entity_id 
_pdbx_nonpoly_scheme.mon_id 
_pdbx_nonpoly_scheme.ndb_seq_num 
_pdbx_nonpoly_scheme.pdb_seq_num 
_pdbx_nonpoly_scheme.auth_seq_num 
_pdbx_nonpoly_scheme.pdb_mon_id 
_pdbx_nonpoly_scheme.auth_mon_id 
_pdbx_nonpoly_scheme.pdb_strand_id 
_pdbx_nonpoly_scheme.pdb_ins_code 
C 2 HOH 1  101 16 HOH HOH A . 
C 2 HOH 2  102 69 HOH HOH A . 
C 2 HOH 3  103 66 HOH HOH A . 
C 2 HOH 4  104 15 HOH HOH A . 
C 2 HOH 5  105 31 HOH HOH A . 
C 2 HOH 6  106 24 HOH HOH A . 
C 2 HOH 7  107 26 HOH HOH A . 
C 2 HOH 8  108 37 HOH HOH A . 
C 2 HOH 9  109 60 HOH HOH A . 
C 2 HOH 10 110 57 HOH HOH A . 
C 2 HOH 11 111 4  HOH HOH A . 
C 2 HOH 12 112 3  HOH HOH A . 
C 2 HOH 13 113 17 HOH HOH A . 
C 2 HOH 14 114 36 HOH HOH A . 
C 2 HOH 15 115 34 HOH HOH A . 
C 2 HOH 16 116 42 HOH HOH A . 
C 2 HOH 17 117 2  HOH HOH A . 
C 2 HOH 18 118 39 HOH HOH A . 
C 2 HOH 19 119 43 HOH HOH A . 
C 2 HOH 20 120 90 HOH HOH A . 
C 2 HOH 21 121 62 HOH HOH A . 
C 2 HOH 22 122 52 HOH HOH A . 
C 2 HOH 23 123 25 HOH HOH A . 
C 2 HOH 24 124 40 HOH HOH A . 
C 2 HOH 25 125 5  HOH HOH A . 
C 2 HOH 26 126 8  HOH HOH A . 
C 2 HOH 27 127 35 HOH HOH A . 
C 2 HOH 28 128 70 HOH HOH A . 
C 2 HOH 29 129 48 HOH HOH A . 
C 2 HOH 30 130 65 HOH HOH A . 
C 2 HOH 31 131 98 HOH HOH A . 
C 2 HOH 32 132 61 HOH HOH A . 
C 2 HOH 33 133 71 HOH HOH A . 
C 2 HOH 34 134 28 HOH HOH A . 
C 2 HOH 35 135 7  HOH HOH A . 
C 2 HOH 36 136 46 HOH HOH A . 
C 2 HOH 37 137 19 HOH HOH A . 
C 2 HOH 38 138 95 HOH HOH A . 
C 2 HOH 39 139 55 HOH HOH A . 
C 2 HOH 40 140 51 HOH HOH A . 
C 2 HOH 41 141 53 HOH HOH A . 
C 2 HOH 42 142 81 HOH HOH A . 
C 2 HOH 43 143 64 HOH HOH A . 
C 2 HOH 44 144 92 HOH HOH A . 
C 2 HOH 45 145 10 HOH HOH A . 
C 2 HOH 46 146 30 HOH HOH A . 
C 2 HOH 47 147 89 HOH HOH A . 
C 2 HOH 48 148 38 HOH HOH A . 
C 2 HOH 49 149 91 HOH HOH A . 
C 2 HOH 50 150 85 HOH HOH A . 
C 2 HOH 51 151 63 HOH HOH A . 
C 2 HOH 52 152 67 HOH HOH A . 
C 2 HOH 53 153 27 HOH HOH A . 
C 2 HOH 54 154 79 HOH HOH A . 
C 2 HOH 55 155 74 HOH HOH A . 
C 2 HOH 56 156 80 HOH HOH A . 
C 2 HOH 57 157 84 HOH HOH A . 
C 2 HOH 58 158 72 HOH HOH A . 
C 2 HOH 59 159 47 HOH HOH A . 
C 2 HOH 60 160 97 HOH HOH A . 
C 2 HOH 61 161 78 HOH HOH A . 
D 2 HOH 1  101 23 HOH HOH B . 
D 2 HOH 2  102 49 HOH HOH B . 
D 2 HOH 3  103 50 HOH HOH B . 
D 2 HOH 4  104 82 HOH HOH B . 
D 2 HOH 5  105 45 HOH HOH B . 
D 2 HOH 6  106 1  HOH HOH B . 
D 2 HOH 7  107 22 HOH HOH B . 
D 2 HOH 8  108 9  HOH HOH B . 
D 2 HOH 9  109 21 HOH HOH B . 
D 2 HOH 10 110 96 HOH HOH B . 
D 2 HOH 11 111 6  HOH HOH B . 
D 2 HOH 12 112 29 HOH HOH B . 
D 2 HOH 13 113 58 HOH HOH B . 
D 2 HOH 14 114 75 HOH HOH B . 
D 2 HOH 15 115 77 HOH HOH B . 
D 2 HOH 16 116 14 HOH HOH B . 
D 2 HOH 17 117 86 HOH HOH B . 
D 2 HOH 18 118 94 HOH HOH B . 
D 2 HOH 19 119 18 HOH HOH B . 
D 2 HOH 20 120 20 HOH HOH B . 
D 2 HOH 21 121 32 HOH HOH B . 
D 2 HOH 22 122 11 HOH HOH B . 
D 2 HOH 23 123 12 HOH HOH B . 
D 2 HOH 24 124 87 HOH HOH B . 
D 2 HOH 25 125 33 HOH HOH B . 
D 2 HOH 26 126 41 HOH HOH B . 
D 2 HOH 27 127 73 HOH HOH B . 
D 2 HOH 28 128 56 HOH HOH B . 
D 2 HOH 29 129 88 HOH HOH B . 
D 2 HOH 30 130 68 HOH HOH B . 
D 2 HOH 31 131 76 HOH HOH B . 
D 2 HOH 32 132 83 HOH HOH B . 
D 2 HOH 33 133 59 HOH HOH B . 
D 2 HOH 34 134 93 HOH HOH B . 
D 2 HOH 35 135 44 HOH HOH B . 
# 
loop_
_pdbx_unobs_or_zero_occ_atoms.id 
_pdbx_unobs_or_zero_occ_atoms.PDB_model_num 
_pdbx_unobs_or_zero_occ_atoms.polymer_flag 
_pdbx_unobs_or_zero_occ_atoms.occupancy_flag 
_pdbx_unobs_or_zero_occ_atoms.auth_asym_id 
_pdbx_unobs_or_zero_occ_atoms.auth_comp_id 
_pdbx_unobs_or_zero_occ_atoms.auth_seq_id 
_pdbx_unobs_or_zero_occ_atoms.PDB_ins_code 
_pdbx_unobs_or_zero_occ_atoms.auth_atom_id 
_pdbx_unobs_or_zero_occ_atoms.label_alt_id 
_pdbx_unobs_or_zero_occ_atoms.label_asym_id 
_pdbx_unobs_or_zero_occ_atoms.label_comp_id 
_pdbx_unobs_or_zero_occ_atoms.label_seq_id 
_pdbx_unobs_or_zero_occ_atoms.label_atom_id 
1 1 Y 1 A ARG 13 ? CG  ? A ARG 13 CG  
2 1 Y 1 A ARG 13 ? CD  ? A ARG 13 CD  
3 1 Y 1 A ARG 13 ? NE  ? A ARG 13 NE  
4 1 Y 1 A ARG 13 ? CZ  ? A ARG 13 CZ  
5 1 Y 1 A ARG 13 ? NH1 ? A ARG 13 NH1 
6 1 Y 1 A ARG 13 ? NH2 ? A ARG 13 NH2 
# 
loop_
_software.citation_id 
_software.classification 
_software.compiler_name 
_software.compiler_version 
_software.contact_author 
_software.contact_author_email 
_software.date 
_software.description 
_software.dependencies 
_software.hardware 
_software.language 
_software.location 
_software.mods 
_software.name 
_software.os 
_software.os_version 
_software.type 
_software.version 
_software.pdbx_ordinal 
? refinement        ? ? ? ? ? ? ? ? ? ? ? PHENIX      ? ? ? 1.20_4459 1 
? 'data extraction' ? ? ? ? ? ? ? ? ? ? ? PDB_EXTRACT ? ? ? 3.27      2 
# 
_cell.angle_alpha                  90.000 
_cell.angle_alpha_esd              ? 
_cell.angle_beta                   90.000 
_cell.angle_beta_esd               ? 
_cell.angle_gamma                  120.000 
_cell.angle_gamma_esd              ? 
_cell.entry_id                     7XL7 
_cell.details                      ? 
_cell.formula_units_Z              ? 
_cell.length_a                     74.967 
_cell.length_a_esd                 ? 
_cell.length_b                     74.967 
_cell.length_b_esd                 ? 
_cell.length_c                     65.405 
_cell.length_c_esd                 ? 
_cell.volume                       ? 
_cell.volume_esd                   ? 
_cell.Z_PDB                        12 
_cell.reciprocal_angle_alpha       ? 
_cell.reciprocal_angle_beta        ? 
_cell.reciprocal_angle_gamma       ? 
_cell.reciprocal_angle_alpha_esd   ? 
_cell.reciprocal_angle_beta_esd    ? 
_cell.reciprocal_angle_gamma_esd   ? 
_cell.reciprocal_length_a          ? 
_cell.reciprocal_length_b          ? 
_cell.reciprocal_length_c          ? 
_cell.reciprocal_length_a_esd      ? 
_cell.reciprocal_length_b_esd      ? 
_cell.reciprocal_length_c_esd      ? 
_cell.pdbx_unique_axis             ? 
# 
_symmetry.entry_id                         7XL7 
_symmetry.cell_setting                     ? 
_symmetry.Int_Tables_number                172 
_symmetry.space_group_name_Hall            ? 
_symmetry.space_group_name_H-M             'P 64' 
_symmetry.pdbx_full_space_group_name_H-M   ? 
# 
_exptl.absorpt_coefficient_mu     ? 
_exptl.absorpt_correction_T_max   ? 
_exptl.absorpt_correction_T_min   ? 
_exptl.absorpt_correction_type    ? 
_exptl.absorpt_process_details    ? 
_exptl.entry_id                   7XL7 
_exptl.crystals_number            1 
_exptl.details                    ? 
_exptl.method                     'X-RAY DIFFRACTION' 
_exptl.method_details             ? 
# 
_exptl_crystal.colour                      ? 
_exptl_crystal.density_diffrn              ? 
_exptl_crystal.density_Matthews            3.81 
_exptl_crystal.density_method              ? 
_exptl_crystal.density_percent_sol         70.96 
_exptl_crystal.description                 ? 
_exptl_crystal.F_000                       ? 
_exptl_crystal.id                          1 
_exptl_crystal.preparation                 ? 
_exptl_crystal.size_max                    ? 
_exptl_crystal.size_mid                    ? 
_exptl_crystal.size_min                    ? 
_exptl_crystal.size_rad                    ? 
_exptl_crystal.colour_lustre               ? 
_exptl_crystal.colour_modifier             ? 
_exptl_crystal.colour_primary              ? 
_exptl_crystal.density_meas                ? 
_exptl_crystal.density_meas_esd            ? 
_exptl_crystal.density_meas_gt             ? 
_exptl_crystal.density_meas_lt             ? 
_exptl_crystal.density_meas_temp           ? 
_exptl_crystal.density_meas_temp_esd       ? 
_exptl_crystal.density_meas_temp_gt        ? 
_exptl_crystal.density_meas_temp_lt        ? 
_exptl_crystal.pdbx_crystal_image_url      ? 
_exptl_crystal.pdbx_crystal_image_format   ? 
_exptl_crystal.pdbx_mosaicity              ? 
_exptl_crystal.pdbx_mosaicity_esd          ? 
# 
_exptl_crystal_grow.apparatus       ? 
_exptl_crystal_grow.atmosphere      ? 
_exptl_crystal_grow.crystal_id      1 
_exptl_crystal_grow.details         ? 
_exptl_crystal_grow.method          'VAPOR DIFFUSION, SITTING DROP' 
_exptl_crystal_grow.method_ref      ? 
_exptl_crystal_grow.pH              ? 
_exptl_crystal_grow.pressure        ? 
_exptl_crystal_grow.pressure_esd    ? 
_exptl_crystal_grow.seeding         ? 
_exptl_crystal_grow.seeding_ref     ? 
_exptl_crystal_grow.temp            291.15 
_exptl_crystal_grow.temp_details    ? 
_exptl_crystal_grow.temp_esd        ? 
_exptl_crystal_grow.time            ? 
_exptl_crystal_grow.pdbx_details    'Lithium sulfate monohydrate, Bis-Tris propane pH7.0' 
_exptl_crystal_grow.pdbx_pH_range   ? 
# 
_diffrn.ambient_environment              ? 
_diffrn.ambient_temp                     100 
_diffrn.ambient_temp_details             ? 
_diffrn.ambient_temp_esd                 ? 
_diffrn.crystal_id                       1 
_diffrn.crystal_support                  ? 
_diffrn.crystal_treatment                ? 
_diffrn.details                          ? 
_diffrn.id                               1 
_diffrn.ambient_pressure                 ? 
_diffrn.ambient_pressure_esd             ? 
_diffrn.ambient_pressure_gt              ? 
_diffrn.ambient_pressure_lt              ? 
_diffrn.ambient_temp_gt                  ? 
_diffrn.ambient_temp_lt                  ? 
_diffrn.pdbx_serial_crystal_experiment   N 
# 
_diffrn_detector.details                      ? 
_diffrn_detector.detector                     CCD 
_diffrn_detector.diffrn_id                    1 
_diffrn_detector.type                         'RAYONIX MX-225' 
_diffrn_detector.area_resol_mean              ? 
_diffrn_detector.dtime                        ? 
_diffrn_detector.pdbx_frames_total            ? 
_diffrn_detector.pdbx_collection_time_total   ? 
_diffrn_detector.pdbx_collection_date         2020-11-22 
_diffrn_detector.pdbx_frequency               ? 
# 
_diffrn_radiation.collimation                      ? 
_diffrn_radiation.diffrn_id                        1 
_diffrn_radiation.filter_edge                      ? 
_diffrn_radiation.inhomogeneity                    ? 
_diffrn_radiation.monochromator                    ? 
_diffrn_radiation.polarisn_norm                    ? 
_diffrn_radiation.polarisn_ratio                   ? 
_diffrn_radiation.probe                            ? 
_diffrn_radiation.type                             ? 
_diffrn_radiation.xray_symbol                      ? 
_diffrn_radiation.wavelength_id                    1 
_diffrn_radiation.pdbx_monochromatic_or_laue_m_l   M 
_diffrn_radiation.pdbx_wavelength_list             ? 
_diffrn_radiation.pdbx_wavelength                  ? 
_diffrn_radiation.pdbx_diffrn_protocol             'SINGLE WAVELENGTH' 
_diffrn_radiation.pdbx_analyzer                    ? 
_diffrn_radiation.pdbx_scattering_type             x-ray 
# 
_diffrn_radiation_wavelength.id           1 
_diffrn_radiation_wavelength.wavelength   0.9791 
_diffrn_radiation_wavelength.wt           1.0 
# 
_diffrn_source.current                     ? 
_diffrn_source.details                     ? 
_diffrn_source.diffrn_id                   1 
_diffrn_source.power                       ? 
_diffrn_source.size                        ? 
_diffrn_source.source                      SYNCHROTRON 
_diffrn_source.target                      ? 
_diffrn_source.type                        'SSRF BEAMLINE BL17U1' 
_diffrn_source.voltage                     ? 
_diffrn_source.take-off_angle              ? 
_diffrn_source.pdbx_wavelength_list        0.9791 
_diffrn_source.pdbx_wavelength             ? 
_diffrn_source.pdbx_synchrotron_beamline   BL17U1 
_diffrn_source.pdbx_synchrotron_site       SSRF 
# 
_reflns.B_iso_Wilson_estimate                          ? 
_reflns.entry_id                                       7XL7 
_reflns.data_reduction_details                         ? 
_reflns.data_reduction_method                          ? 
_reflns.d_resolution_high                              1.85 
_reflns.d_resolution_low                               37.48 
_reflns.details                                        ? 
_reflns.limit_h_max                                    ? 
_reflns.limit_h_min                                    ? 
_reflns.limit_k_max                                    ? 
_reflns.limit_k_min                                    ? 
_reflns.limit_l_max                                    ? 
_reflns.limit_l_min                                    ? 
_reflns.number_all                                     ? 
_reflns.number_obs                                     16080 
_reflns.observed_criterion                             ? 
_reflns.observed_criterion_F_max                       ? 
_reflns.observed_criterion_F_min                       ? 
_reflns.observed_criterion_I_max                       ? 
_reflns.observed_criterion_I_min                       ? 
_reflns.observed_criterion_sigma_F                     ? 
_reflns.observed_criterion_sigma_I                     ? 
_reflns.percent_possible_obs                           90.41 
_reflns.R_free_details                                 ? 
_reflns.Rmerge_F_all                                   ? 
_reflns.Rmerge_F_obs                                   ? 
_reflns.Friedel_coverage                               ? 
_reflns.number_gt                                      ? 
_reflns.threshold_expression                           ? 
_reflns.pdbx_redundancy                                20 
_reflns.pdbx_Rmerge_I_obs                              0.074 
_reflns.pdbx_Rmerge_I_all                              ? 
_reflns.pdbx_Rsym_value                                ? 
_reflns.pdbx_netI_over_av_sigmaI                       ? 
_reflns.pdbx_netI_over_sigmaI                          0.83 
_reflns.pdbx_res_netI_over_av_sigmaI_2                 ? 
_reflns.pdbx_res_netI_over_sigmaI_2                    ? 
_reflns.pdbx_chi_squared                               ? 
_reflns.pdbx_scaling_rejects                           ? 
_reflns.pdbx_d_res_high_opt                            ? 
_reflns.pdbx_d_res_low_opt                             ? 
_reflns.pdbx_d_res_opt_method                          ? 
_reflns.phase_calculation_details                      ? 
_reflns.pdbx_Rrim_I_all                                ? 
_reflns.pdbx_Rpim_I_all                                ? 
_reflns.pdbx_d_opt                                     ? 
_reflns.pdbx_number_measured_all                       ? 
_reflns.pdbx_diffrn_id                                 1 
_reflns.pdbx_ordinal                                   1 
_reflns.pdbx_CC_half                                   ? 
_reflns.pdbx_CC_star                                   ? 
_reflns.pdbx_R_split                                   ? 
_reflns.pdbx_aniso_diffraction_limit_axis_1_ortho[1]   ? 
_reflns.pdbx_aniso_diffraction_limit_axis_1_ortho[2]   ? 
_reflns.pdbx_aniso_diffraction_limit_axis_1_ortho[3]   ? 
_reflns.pdbx_aniso_diffraction_limit_axis_2_ortho[1]   ? 
_reflns.pdbx_aniso_diffraction_limit_axis_2_ortho[2]   ? 
_reflns.pdbx_aniso_diffraction_limit_axis_2_ortho[3]   ? 
_reflns.pdbx_aniso_diffraction_limit_axis_3_ortho[1]   ? 
_reflns.pdbx_aniso_diffraction_limit_axis_3_ortho[2]   ? 
_reflns.pdbx_aniso_diffraction_limit_axis_3_ortho[3]   ? 
_reflns.pdbx_aniso_diffraction_limit_1                 ? 
_reflns.pdbx_aniso_diffraction_limit_2                 ? 
_reflns.pdbx_aniso_diffraction_limit_3                 ? 
_reflns.pdbx_aniso_B_tensor_eigenvector_1_ortho[1]     ? 
_reflns.pdbx_aniso_B_tensor_eigenvector_1_ortho[2]     ? 
_reflns.pdbx_aniso_B_tensor_eigenvector_1_ortho[3]     ? 
_reflns.pdbx_aniso_B_tensor_eigenvector_2_ortho[1]     ? 
_reflns.pdbx_aniso_B_tensor_eigenvector_2_ortho[2]     ? 
_reflns.pdbx_aniso_B_tensor_eigenvector_2_ortho[3]     ? 
_reflns.pdbx_aniso_B_tensor_eigenvector_3_ortho[1]     ? 
_reflns.pdbx_aniso_B_tensor_eigenvector_3_ortho[2]     ? 
_reflns.pdbx_aniso_B_tensor_eigenvector_3_ortho[3]     ? 
_reflns.pdbx_aniso_B_tensor_eigenvalue_1               ? 
_reflns.pdbx_aniso_B_tensor_eigenvalue_2               ? 
_reflns.pdbx_aniso_B_tensor_eigenvalue_3               ? 
_reflns.pdbx_orthogonalization_convention              ? 
_reflns.pdbx_percent_possible_ellipsoidal              ? 
_reflns.pdbx_percent_possible_spherical                ? 
_reflns.pdbx_percent_possible_ellipsoidal_anomalous    ? 
_reflns.pdbx_percent_possible_spherical_anomalous      ? 
_reflns.pdbx_redundancy_anomalous                      ? 
_reflns.pdbx_CC_half_anomalous                         ? 
_reflns.pdbx_absDiff_over_sigma_anomalous              ? 
_reflns.pdbx_percent_possible_anomalous                ? 
_reflns.pdbx_observed_signal_threshold                 ? 
_reflns.pdbx_signal_type                               ? 
_reflns.pdbx_signal_details                            ? 
_reflns.pdbx_signal_software_id                        ? 
# 
_reflns_shell.d_res_high                                    1.85 
_reflns_shell.d_res_low                                     2.35 
_reflns_shell.meanI_over_sigI_all                           ? 
_reflns_shell.meanI_over_sigI_obs                           ? 
_reflns_shell.number_measured_all                           ? 
_reflns_shell.number_measured_obs                           ? 
_reflns_shell.number_possible                               ? 
_reflns_shell.number_unique_all                             ? 
_reflns_shell.number_unique_obs                             885 
_reflns_shell.percent_possible_all                          ? 
_reflns_shell.percent_possible_obs                          ? 
_reflns_shell.Rmerge_F_all                                  ? 
_reflns_shell.Rmerge_F_obs                                  ? 
_reflns_shell.Rmerge_I_all                                  ? 
_reflns_shell.Rmerge_I_obs                                  0.274 
_reflns_shell.meanI_over_sigI_gt                            ? 
_reflns_shell.meanI_over_uI_all                             ? 
_reflns_shell.meanI_over_uI_gt                              ? 
_reflns_shell.number_measured_gt                            ? 
_reflns_shell.number_unique_gt                              ? 
_reflns_shell.percent_possible_gt                           ? 
_reflns_shell.Rmerge_F_gt                                   ? 
_reflns_shell.Rmerge_I_gt                                   ? 
_reflns_shell.pdbx_redundancy                               ? 
_reflns_shell.pdbx_Rsym_value                               ? 
_reflns_shell.pdbx_chi_squared                              ? 
_reflns_shell.pdbx_netI_over_sigmaI_all                     ? 
_reflns_shell.pdbx_netI_over_sigmaI_obs                     ? 
_reflns_shell.pdbx_Rrim_I_all                               ? 
_reflns_shell.pdbx_Rpim_I_all                               ? 
_reflns_shell.pdbx_rejects                                  ? 
_reflns_shell.pdbx_ordinal                                  1 
_reflns_shell.pdbx_diffrn_id                                1 
_reflns_shell.pdbx_CC_half                                  ? 
_reflns_shell.pdbx_CC_star                                  ? 
_reflns_shell.pdbx_R_split                                  ? 
_reflns_shell.pdbx_percent_possible_ellipsoidal             ? 
_reflns_shell.pdbx_percent_possible_spherical               ? 
_reflns_shell.pdbx_percent_possible_ellipsoidal_anomalous   ? 
_reflns_shell.pdbx_percent_possible_spherical_anomalous     ? 
_reflns_shell.pdbx_redundancy_anomalous                     ? 
_reflns_shell.pdbx_CC_half_anomalous                        ? 
_reflns_shell.pdbx_absDiff_over_sigma_anomalous             ? 
_reflns_shell.pdbx_percent_possible_anomalous               ? 
# 
_refine.aniso_B[1][1]                            ? 
_refine.aniso_B[1][2]                            ? 
_refine.aniso_B[1][3]                            ? 
_refine.aniso_B[2][2]                            ? 
_refine.aniso_B[2][3]                            ? 
_refine.aniso_B[3][3]                            ? 
_refine.B_iso_max                                85.050 
_refine.B_iso_mean                               47.0074 
_refine.B_iso_min                                31.280 
_refine.correlation_coeff_Fo_to_Fc               ? 
_refine.correlation_coeff_Fo_to_Fc_free          ? 
_refine.details                                  ? 
_refine.diff_density_max                         ? 
_refine.diff_density_max_esd                     ? 
_refine.diff_density_min                         ? 
_refine.diff_density_min_esd                     ? 
_refine.diff_density_rms                         ? 
_refine.diff_density_rms_esd                     ? 
_refine.entry_id                                 7XL7 
_refine.pdbx_refine_id                           'X-RAY DIFFRACTION' 
_refine.ls_abs_structure_details                 ? 
_refine.ls_abs_structure_Flack                   ? 
_refine.ls_abs_structure_Flack_esd               ? 
_refine.ls_abs_structure_Rogers                  ? 
_refine.ls_abs_structure_Rogers_esd              ? 
_refine.ls_d_res_high                            1.8500 
_refine.ls_d_res_low                             37.4800 
_refine.ls_extinction_coef                       ? 
_refine.ls_extinction_coef_esd                   ? 
_refine.ls_extinction_expression                 ? 
_refine.ls_extinction_method                     ? 
_refine.ls_goodness_of_fit_all                   ? 
_refine.ls_goodness_of_fit_all_esd               ? 
_refine.ls_goodness_of_fit_obs                   ? 
_refine.ls_goodness_of_fit_obs_esd               ? 
_refine.ls_hydrogen_treatment                    ? 
_refine.ls_matrix_type                           ? 
_refine.ls_number_constraints                    ? 
_refine.ls_number_parameters                     ? 
_refine.ls_number_reflns_all                     ? 
_refine.ls_number_reflns_obs                     16078 
_refine.ls_number_reflns_R_free                  790 
_refine.ls_number_reflns_R_work                  15288 
_refine.ls_number_restraints                     ? 
_refine.ls_percent_reflns_obs                    90.4000 
_refine.ls_percent_reflns_R_free                 4.9100 
_refine.ls_R_factor_all                          ? 
_refine.ls_R_factor_obs                          0.2268 
_refine.ls_R_factor_R_free                       0.2531 
_refine.ls_R_factor_R_free_error                 ? 
_refine.ls_R_factor_R_free_error_details         ? 
_refine.ls_R_factor_R_work                       0.2255 
_refine.ls_R_Fsqd_factor_obs                     ? 
_refine.ls_R_I_factor_obs                        ? 
_refine.ls_redundancy_reflns_all                 ? 
_refine.ls_redundancy_reflns_obs                 ? 
_refine.ls_restrained_S_all                      ? 
_refine.ls_restrained_S_obs                      ? 
_refine.ls_shift_over_esd_max                    ? 
_refine.ls_shift_over_esd_mean                   ? 
_refine.ls_structure_factor_coef                 ? 
_refine.ls_weighting_details                     ? 
_refine.ls_weighting_scheme                      ? 
_refine.ls_wR_factor_all                         ? 
_refine.ls_wR_factor_obs                         ? 
_refine.ls_wR_factor_R_free                      ? 
_refine.ls_wR_factor_R_work                      ? 
_refine.occupancy_max                            ? 
_refine.occupancy_min                            ? 
_refine.solvent_model_details                    'FLAT BULK SOLVENT MODEL' 
_refine.solvent_model_param_bsol                 ? 
_refine.solvent_model_param_ksol                 ? 
_refine.pdbx_R_complete                          ? 
_refine.ls_R_factor_gt                           ? 
_refine.ls_goodness_of_fit_gt                    ? 
_refine.ls_goodness_of_fit_ref                   ? 
_refine.ls_shift_over_su_max                     ? 
_refine.ls_shift_over_su_max_lt                  ? 
_refine.ls_shift_over_su_mean                    ? 
_refine.ls_shift_over_su_mean_lt                 ? 
_refine.pdbx_ls_sigma_I                          ? 
_refine.pdbx_ls_sigma_F                          1.330 
_refine.pdbx_ls_sigma_Fsqd                       ? 
_refine.pdbx_data_cutoff_high_absF               ? 
_refine.pdbx_data_cutoff_high_rms_absF           ? 
_refine.pdbx_data_cutoff_low_absF                ? 
_refine.pdbx_isotropic_thermal_model             ? 
_refine.pdbx_ls_cross_valid_method               THROUGHOUT 
_refine.pdbx_method_to_determine_struct          'AB INITIO PHASING' 
_refine.pdbx_starting_model                      ? 
_refine.pdbx_stereochemistry_target_values       ML 
_refine.pdbx_R_Free_selection_details            RANDOM 
_refine.pdbx_stereochem_target_val_spec_case     ? 
_refine.pdbx_overall_ESU_R                       ? 
_refine.pdbx_overall_ESU_R_Free                  ? 
_refine.pdbx_solvent_vdw_probe_radii             1.1000 
_refine.pdbx_solvent_ion_probe_radii             ? 
_refine.pdbx_solvent_shrinkage_radii             0.9000 
_refine.pdbx_real_space_R                        ? 
_refine.pdbx_density_correlation                 ? 
_refine.pdbx_pd_number_of_powder_patterns        ? 
_refine.pdbx_pd_number_of_points                 ? 
_refine.pdbx_pd_meas_number_of_points            ? 
_refine.pdbx_pd_proc_ls_prof_R_factor            ? 
_refine.pdbx_pd_proc_ls_prof_wR_factor           ? 
_refine.pdbx_pd_Marquardt_correlation_coeff      ? 
_refine.pdbx_pd_Fsqrd_R_factor                   ? 
_refine.pdbx_pd_ls_matrix_band_width             ? 
_refine.pdbx_overall_phase_error                 40.6600 
_refine.pdbx_overall_SU_R_free_Cruickshank_DPI   ? 
_refine.pdbx_overall_SU_R_free_Blow_DPI          ? 
_refine.pdbx_overall_SU_R_Blow_DPI               ? 
_refine.pdbx_TLS_residual_ADP_flag               ? 
_refine.pdbx_diffrn_id                           1 
_refine.overall_SU_B                             ? 
_refine.overall_SU_ML                            0.2800 
_refine.overall_SU_R_Cruickshank_DPI             ? 
_refine.overall_SU_R_free                        ? 
_refine.overall_FOM_free_R_set                   ? 
_refine.overall_FOM_work_R_set                   ? 
_refine.pdbx_average_fsc_overall                 ? 
_refine.pdbx_average_fsc_work                    ? 
_refine.pdbx_average_fsc_free                    ? 
# 
_refine_hist.pdbx_refine_id                   'X-RAY DIFFRACTION' 
_refine_hist.cycle_id                         final 
_refine_hist.details                          ? 
_refine_hist.d_res_high                       1.8500 
_refine_hist.d_res_low                        37.4800 
_refine_hist.number_atoms_solvent             96 
_refine_hist.number_atoms_total               947 
_refine_hist.number_reflns_all                ? 
_refine_hist.number_reflns_obs                ? 
_refine_hist.number_reflns_R_free             ? 
_refine_hist.number_reflns_R_work             ? 
_refine_hist.R_factor_all                     ? 
_refine_hist.R_factor_obs                     ? 
_refine_hist.R_factor_R_free                  ? 
_refine_hist.R_factor_R_work                  ? 
_refine_hist.pdbx_number_residues_total       107 
_refine_hist.pdbx_B_iso_mean_ligand           ? 
_refine_hist.pdbx_B_iso_mean_solvent          53.03 
_refine_hist.pdbx_number_atoms_protein        851 
_refine_hist.pdbx_number_atoms_nucleic_acid   0 
_refine_hist.pdbx_number_atoms_ligand         0 
_refine_hist.pdbx_number_atoms_lipid          ? 
_refine_hist.pdbx_number_atoms_carb           ? 
_refine_hist.pdbx_pseudo_atom_details         ? 
# 
loop_
_refine_ls_shell.pdbx_refine_id 
_refine_ls_shell.d_res_high 
_refine_ls_shell.d_res_low 
_refine_ls_shell.number_reflns_all 
_refine_ls_shell.number_reflns_obs 
_refine_ls_shell.number_reflns_R_free 
_refine_ls_shell.number_reflns_R_work 
_refine_ls_shell.percent_reflns_obs 
_refine_ls_shell.percent_reflns_R_free 
_refine_ls_shell.R_factor_all 
_refine_ls_shell.R_factor_obs 
_refine_ls_shell.R_factor_R_free 
_refine_ls_shell.R_factor_R_free_error 
_refine_ls_shell.R_factor_R_work 
_refine_ls_shell.redundancy_reflns_all 
_refine_ls_shell.redundancy_reflns_obs 
_refine_ls_shell.wR_factor_all 
_refine_ls_shell.wR_factor_obs 
_refine_ls_shell.wR_factor_R_free 
_refine_ls_shell.wR_factor_R_work 
_refine_ls_shell.pdbx_R_complete 
_refine_ls_shell.pdbx_total_number_of_bins_used 
_refine_ls_shell.pdbx_phase_error 
_refine_ls_shell.pdbx_fsc_work 
_refine_ls_shell.pdbx_fsc_free 
'X-RAY DIFFRACTION' 1.8500 1.9700  1294 . 65  1229 44.0000  . . . 0.3864 0.0000 0.3800 . . . . . . . 6 . . . 
'X-RAY DIFFRACTION' 1.9700 2.1200  2907 . 154 2753 99.0000  . . . 0.3372 0.0000 0.3087 . . . . . . . 6 . . . 
'X-RAY DIFFRACTION' 2.1200 2.3400  2950 . 124 2826 100.0000 . . . 0.2997 0.0000 0.2893 . . . . . . . 6 . . . 
'X-RAY DIFFRACTION' 2.3400 2.6700  2945 . 151 2794 100.0000 . . . 0.3100 0.0000 0.2685 . . . . . . . 6 . . . 
'X-RAY DIFFRACTION' 2.6800 3.3700  2971 . 154 2817 100.0000 . . . 0.2757 0.0000 0.2464 . . . . . . . 6 . . . 
'X-RAY DIFFRACTION' 3.3700 37.4800 3011 . 142 2869 100.0000 . . . 0.2071 0.0000 0.1833 . . . . . . . 6 . . . 
# 
_struct.entry_id                     7XL7 
_struct.title                        'Function And Structure Research of Salmonella typhimurium Unknown Functional Protein MicN' 
_struct.pdbx_model_details           ? 
_struct.pdbx_formula_weight          ? 
_struct.pdbx_formula_weight_method   ? 
_struct.pdbx_model_type_details      ? 
_struct.pdbx_CASP_flag               N 
# 
_struct_keywords.entry_id        7XL7 
_struct_keywords.text            'UNKNOWN FUNCTION' 
_struct_keywords.pdbx_keywords   'UNKNOWN FUNCTION' 
# 
loop_
_struct_asym.id 
_struct_asym.pdbx_blank_PDB_chainid_flag 
_struct_asym.pdbx_modified 
_struct_asym.entity_id 
_struct_asym.details 
A N N 1 ? 
B N N 1 ? 
C N N 2 ? 
D N N 2 ? 
# 
_struct_ref.id                         1 
_struct_ref.db_name                    UNP 
_struct_ref.db_code                    A0A2J0R8J6_SALTM 
_struct_ref.pdbx_db_accession          A0A2J0R8J6 
_struct_ref.pdbx_db_isoform            ? 
_struct_ref.entity_id                  1 
_struct_ref.pdbx_seq_one_letter_code   MKEGFYWIQHNGRVQVAYYTHGVTEDLETGQTIIGVWHLTQGDDICHNGEAEILAGPLEPPI 
_struct_ref.pdbx_align_begin           1 
# 
loop_
_struct_ref_seq.align_id 
_struct_ref_seq.ref_id 
_struct_ref_seq.pdbx_PDB_id_code 
_struct_ref_seq.pdbx_strand_id 
_struct_ref_seq.seq_align_beg 
_struct_ref_seq.pdbx_seq_align_beg_ins_code 
_struct_ref_seq.seq_align_end 
_struct_ref_seq.pdbx_seq_align_end_ins_code 
_struct_ref_seq.pdbx_db_accession 
_struct_ref_seq.db_align_beg 
_struct_ref_seq.pdbx_db_align_beg_ins_code 
_struct_ref_seq.db_align_end 
_struct_ref_seq.pdbx_db_align_end_ins_code 
_struct_ref_seq.pdbx_auth_seq_align_beg 
_struct_ref_seq.pdbx_auth_seq_align_end 
1 1 7XL7 A 1 ? 62 ? A0A2J0R8J6 1 ? 62 ? 1 62 
2 1 7XL7 B 1 ? 62 ? A0A2J0R8J6 1 ? 62 ? 1 62 
# 
_pdbx_struct_assembly.id                   1 
_pdbx_struct_assembly.details              author_and_software_defined_assembly 
_pdbx_struct_assembly.method_details       PISA 
_pdbx_struct_assembly.oligomeric_details   dimeric 
_pdbx_struct_assembly.oligomeric_count     2 
# 
loop_
_pdbx_struct_assembly_prop.biol_id 
_pdbx_struct_assembly_prop.type 
_pdbx_struct_assembly_prop.value 
_pdbx_struct_assembly_prop.details 
1 'ABSA (A^2)' 1580 ? 
1 MORE         -15  ? 
1 'SSA (A^2)'  6430 ? 
# 
_pdbx_struct_assembly_gen.assembly_id       1 
_pdbx_struct_assembly_gen.oper_expression   1 
_pdbx_struct_assembly_gen.asym_id_list      A,B,C,D 
# 
_pdbx_struct_assembly_auth_evidence.id                     1 
_pdbx_struct_assembly_auth_evidence.assembly_id            1 
_pdbx_struct_assembly_auth_evidence.experimental_support   'native gel electrophoresis' 
_pdbx_struct_assembly_auth_evidence.details                ? 
# 
_pdbx_struct_oper_list.id                   1 
_pdbx_struct_oper_list.type                 'identity operation' 
_pdbx_struct_oper_list.name                 1_555 
_pdbx_struct_oper_list.symmetry_operation   x,y,z 
_pdbx_struct_oper_list.matrix[1][1]         1.0000000000 
_pdbx_struct_oper_list.matrix[1][2]         0.0000000000 
_pdbx_struct_oper_list.matrix[1][3]         0.0000000000 
_pdbx_struct_oper_list.vector[1]            0.0000000000 
_pdbx_struct_oper_list.matrix[2][1]         0.0000000000 
_pdbx_struct_oper_list.matrix[2][2]         1.0000000000 
_pdbx_struct_oper_list.matrix[2][3]         0.0000000000 
_pdbx_struct_oper_list.vector[2]            0.0000000000 
_pdbx_struct_oper_list.matrix[3][1]         0.0000000000 
_pdbx_struct_oper_list.matrix[3][2]         0.0000000000 
_pdbx_struct_oper_list.matrix[3][3]         1.0000000000 
_pdbx_struct_oper_list.vector[3]            0.0000000000 
# 
_struct_conn.id                            disulf1 
_struct_conn.conn_type_id                  disulf 
_struct_conn.pdbx_leaving_atom_flag        ? 
_struct_conn.pdbx_PDB_id                   ? 
_struct_conn.ptnr1_label_asym_id           B 
_struct_conn.ptnr1_label_comp_id           CYS 
_struct_conn.ptnr1_label_seq_id            46 
_struct_conn.ptnr1_label_atom_id           SG 
_struct_conn.pdbx_ptnr1_label_alt_id       ? 
_struct_conn.pdbx_ptnr1_PDB_ins_code       ? 
_struct_conn.pdbx_ptnr1_standard_comp_id   ? 
_struct_conn.ptnr1_symmetry                1_555 
_struct_conn.ptnr2_label_asym_id           B 
_struct_conn.ptnr2_label_comp_id           CYS 
_struct_conn.ptnr2_label_seq_id            46 
_struct_conn.ptnr2_label_atom_id           SG 
_struct_conn.pdbx_ptnr2_label_alt_id       ? 
_struct_conn.pdbx_ptnr2_PDB_ins_code       ? 
_struct_conn.ptnr1_auth_asym_id            B 
_struct_conn.ptnr1_auth_comp_id            CYS 
_struct_conn.ptnr1_auth_seq_id             46 
_struct_conn.ptnr2_auth_asym_id            B 
_struct_conn.ptnr2_auth_comp_id            CYS 
_struct_conn.ptnr2_auth_seq_id             46 
_struct_conn.ptnr2_symmetry                4_655 
_struct_conn.pdbx_ptnr3_label_atom_id      ? 
_struct_conn.pdbx_ptnr3_label_seq_id       ? 
_struct_conn.pdbx_ptnr3_label_comp_id      ? 
_struct_conn.pdbx_ptnr3_label_asym_id      ? 
_struct_conn.pdbx_ptnr3_label_alt_id       ? 
_struct_conn.pdbx_ptnr3_PDB_ins_code       ? 
_struct_conn.details                       ? 
_struct_conn.pdbx_dist_value               2.236 
_struct_conn.pdbx_value_order              ? 
_struct_conn.pdbx_role                     ? 
# 
_struct_conn_type.id          disulf 
_struct_conn_type.criteria    ? 
_struct_conn_type.reference   ? 
# 
_pdbx_modification_feature.ordinal                            1 
_pdbx_modification_feature.label_comp_id                      CYS 
_pdbx_modification_feature.label_asym_id                      B 
_pdbx_modification_feature.label_seq_id                       46 
_pdbx_modification_feature.label_alt_id                       ? 
_pdbx_modification_feature.modified_residue_label_comp_id     CYS 
_pdbx_modification_feature.modified_residue_label_asym_id     B 
_pdbx_modification_feature.modified_residue_label_seq_id      46 
_pdbx_modification_feature.modified_residue_label_alt_id      ? 
_pdbx_modification_feature.auth_comp_id                       CYS 
_pdbx_modification_feature.auth_asym_id                       B 
_pdbx_modification_feature.auth_seq_id                        46 
_pdbx_modification_feature.PDB_ins_code                       ? 
_pdbx_modification_feature.symmetry                           1_555 
_pdbx_modification_feature.modified_residue_auth_comp_id      CYS 
_pdbx_modification_feature.modified_residue_auth_asym_id      B 
_pdbx_modification_feature.modified_residue_auth_seq_id       46 
_pdbx_modification_feature.modified_residue_PDB_ins_code      ? 
_pdbx_modification_feature.modified_residue_symmetry          4_655 
_pdbx_modification_feature.comp_id_linking_atom               SG 
_pdbx_modification_feature.modified_residue_id_linking_atom   SG 
_pdbx_modification_feature.modified_residue_id                . 
_pdbx_modification_feature.ref_pcm_id                         . 
_pdbx_modification_feature.ref_comp_id                        . 
_pdbx_modification_feature.type                               None 
_pdbx_modification_feature.category                           'Disulfide bridge' 
# 
loop_
_struct_mon_prot_cis.pdbx_id 
_struct_mon_prot_cis.label_comp_id 
_struct_mon_prot_cis.label_seq_id 
_struct_mon_prot_cis.label_asym_id 
_struct_mon_prot_cis.label_alt_id 
_struct_mon_prot_cis.pdbx_PDB_ins_code 
_struct_mon_prot_cis.auth_comp_id 
_struct_mon_prot_cis.auth_seq_id 
_struct_mon_prot_cis.auth_asym_id 
_struct_mon_prot_cis.pdbx_label_comp_id_2 
_struct_mon_prot_cis.pdbx_label_seq_id_2 
_struct_mon_prot_cis.pdbx_label_asym_id_2 
_struct_mon_prot_cis.pdbx_PDB_ins_code_2 
_struct_mon_prot_cis.pdbx_auth_comp_id_2 
_struct_mon_prot_cis.pdbx_auth_seq_id_2 
_struct_mon_prot_cis.pdbx_auth_asym_id_2 
_struct_mon_prot_cis.pdbx_PDB_model_num 
_struct_mon_prot_cis.pdbx_omega_angle 
1 GLY 56 A . ? GLY 56 A PRO 57 A ? PRO 57 A 1 2.10 
2 GLY 56 B . ? GLY 56 B PRO 57 B ? PRO 57 B 1 3.62 
# 
loop_
_struct_sheet.id 
_struct_sheet.type 
_struct_sheet.number_strands 
_struct_sheet.details 
AA1 ? 5 ? 
AA2 ? 5 ? 
# 
loop_
_struct_sheet_order.sheet_id 
_struct_sheet_order.range_id_1 
_struct_sheet_order.range_id_2 
_struct_sheet_order.offset 
_struct_sheet_order.sense 
AA1 1 2 ? anti-parallel 
AA1 2 3 ? anti-parallel 
AA1 3 4 ? anti-parallel 
AA1 4 5 ? anti-parallel 
AA2 1 2 ? anti-parallel 
AA2 2 3 ? anti-parallel 
AA2 3 4 ? anti-parallel 
AA2 4 5 ? anti-parallel 
# 
loop_
_struct_sheet_range.sheet_id 
_struct_sheet_range.id 
_struct_sheet_range.beg_label_comp_id 
_struct_sheet_range.beg_label_asym_id 
_struct_sheet_range.beg_label_seq_id 
_struct_sheet_range.pdbx_beg_PDB_ins_code 
_struct_sheet_range.end_label_comp_id 
_struct_sheet_range.end_label_asym_id 
_struct_sheet_range.end_label_seq_id 
_struct_sheet_range.pdbx_end_PDB_ins_code 
_struct_sheet_range.beg_auth_comp_id 
_struct_sheet_range.beg_auth_asym_id 
_struct_sheet_range.beg_auth_seq_id 
_struct_sheet_range.end_auth_comp_id 
_struct_sheet_range.end_auth_asym_id 
_struct_sheet_range.end_auth_seq_id 
AA1 1 ILE A 45 ? CYS A 46 ? ILE A 45 CYS A 46 
AA1 2 ILE A 33 ? LEU A 39 ? ILE A 33 LEU A 39 
AA1 3 ARG A 13 ? THR A 24 ? ARG A 13 THR A 24 
AA1 4 GLY A 4  ? HIS A 10 ? GLY A 4  HIS A 10 
AA1 5 ALA A 51 ? ALA A 55 ? ALA A 51 ALA A 55 
AA2 1 ILE B 45 ? CYS B 46 ? ILE B 45 CYS B 46 
AA2 2 VAL B 36 ? LEU B 39 ? VAL B 36 LEU B 39 
AA2 3 ARG B 13 ? THR B 20 ? ARG B 13 THR B 20 
AA2 4 GLY B 4  ? HIS B 10 ? GLY B 4  HIS B 10 
AA2 5 ALA B 51 ? ALA B 55 ? ALA B 51 ALA B 55 
# 
loop_
_pdbx_struct_sheet_hbond.sheet_id 
_pdbx_struct_sheet_hbond.range_id_1 
_pdbx_struct_sheet_hbond.range_id_2 
_pdbx_struct_sheet_hbond.range_1_label_atom_id 
_pdbx_struct_sheet_hbond.range_1_label_comp_id 
_pdbx_struct_sheet_hbond.range_1_label_asym_id 
_pdbx_struct_sheet_hbond.range_1_label_seq_id 
_pdbx_struct_sheet_hbond.range_1_PDB_ins_code 
_pdbx_struct_sheet_hbond.range_1_auth_atom_id 
_pdbx_struct_sheet_hbond.range_1_auth_comp_id 
_pdbx_struct_sheet_hbond.range_1_auth_asym_id 
_pdbx_struct_sheet_hbond.range_1_auth_seq_id 
_pdbx_struct_sheet_hbond.range_2_label_atom_id 
_pdbx_struct_sheet_hbond.range_2_label_comp_id 
_pdbx_struct_sheet_hbond.range_2_label_asym_id 
_pdbx_struct_sheet_hbond.range_2_label_seq_id 
_pdbx_struct_sheet_hbond.range_2_PDB_ins_code 
_pdbx_struct_sheet_hbond.range_2_auth_atom_id 
_pdbx_struct_sheet_hbond.range_2_auth_comp_id 
_pdbx_struct_sheet_hbond.range_2_auth_asym_id 
_pdbx_struct_sheet_hbond.range_2_auth_seq_id 
AA1 1 2 O ILE A 45 ? O ILE A 45 N TRP A 37 ? N TRP A 37 
AA1 2 3 O ILE A 33 ? O ILE A 33 N THR A 24 ? N THR A 24 
AA1 3 4 O GLN A 15 ? O GLN A 15 N ILE A 8  ? N ILE A 8  
AA1 4 5 N TRP A 7  ? N TRP A 7  O ALA A 55 ? O ALA A 55 
AA2 1 2 O ILE B 45 ? O ILE B 45 N TRP B 37 ? N TRP B 37 
AA2 2 3 O HIS B 38 ? O HIS B 38 N TYR B 18 ? N TYR B 18 
AA2 3 4 O GLN B 15 ? O GLN B 15 N ILE B 8  ? N ILE B 8  
AA2 4 5 N TRP B 7  ? N TRP B 7  O LEU B 54 ? O LEU B 54 
# 
_pdbx_entry_details.entry_id                   7XL7 
_pdbx_entry_details.compound_details           ? 
_pdbx_entry_details.source_details             ? 
_pdbx_entry_details.nonpolymer_details         ? 
_pdbx_entry_details.sequence_details           ? 
_pdbx_entry_details.has_ligand_of_interest     ? 
_pdbx_entry_details.has_protein_modification   Y 
# 
_pdbx_validate_torsion.id              1 
_pdbx_validate_torsion.PDB_model_num   1 
_pdbx_validate_torsion.auth_comp_id    HIS 
_pdbx_validate_torsion.auth_asym_id    A 
_pdbx_validate_torsion.auth_seq_id     21 
_pdbx_validate_torsion.PDB_ins_code    ? 
_pdbx_validate_torsion.label_alt_id    ? 
_pdbx_validate_torsion.phi             -81.89 
_pdbx_validate_torsion.psi             37.98 
# 
loop_
_pdbx_unobs_or_zero_occ_residues.id 
_pdbx_unobs_or_zero_occ_residues.PDB_model_num 
_pdbx_unobs_or_zero_occ_residues.polymer_flag 
_pdbx_unobs_or_zero_occ_residues.occupancy_flag 
_pdbx_unobs_or_zero_occ_residues.auth_asym_id 
_pdbx_unobs_or_zero_occ_residues.auth_comp_id 
_pdbx_unobs_or_zero_occ_residues.auth_seq_id 
_pdbx_unobs_or_zero_occ_residues.PDB_ins_code 
_pdbx_unobs_or_zero_occ_residues.label_asym_id 
_pdbx_unobs_or_zero_occ_residues.label_comp_id 
_pdbx_unobs_or_zero_occ_residues.label_seq_id 
1  1 Y 1 A LEU 27 ? A LEU 27 
2  1 Y 1 A GLU 28 ? A GLU 28 
3  1 Y 1 A THR 29 ? A THR 29 
4  1 Y 1 A GLY 30 ? A GLY 30 
5  1 Y 1 B GLY 22 ? B GLY 22 
6  1 Y 1 B VAL 23 ? B VAL 23 
7  1 Y 1 B THR 24 ? B THR 24 
8  1 Y 1 B GLU 25 ? B GLU 25 
9  1 Y 1 B ASP 26 ? B ASP 26 
10 1 Y 1 B LEU 27 ? B LEU 27 
11 1 Y 1 B GLU 28 ? B GLU 28 
12 1 Y 1 B THR 29 ? B THR 29 
13 1 Y 1 B GLY 30 ? B GLY 30 
14 1 Y 1 B GLN 31 ? B GLN 31 
15 1 Y 1 B THR 32 ? B THR 32 
16 1 Y 1 B ILE 33 ? B ILE 33 
17 1 Y 1 B ILE 34 ? B ILE 34 
# 
loop_
_chem_comp_atom.comp_id 
_chem_comp_atom.atom_id 
_chem_comp_atom.type_symbol 
_chem_comp_atom.pdbx_aromatic_flag 
_chem_comp_atom.pdbx_stereo_config 
_chem_comp_atom.pdbx_ordinal 
ALA N    N N N 1   
ALA CA   C N S 2   
ALA C    C N N 3   
ALA O    O N N 4   
ALA CB   C N N 5   
ALA OXT  O N N 6   
ALA H    H N N 7   
ALA H2   H N N 8   
ALA HA   H N N 9   
ALA HB1  H N N 10  
ALA HB2  H N N 11  
ALA HB3  H N N 12  
ALA HXT  H N N 13  
ARG N    N N N 14  
ARG CA   C N S 15  
ARG C    C N N 16  
ARG O    O N N 17  
ARG CB   C N N 18  
ARG CG   C N N 19  
ARG CD   C N N 20  
ARG NE   N N N 21  
ARG CZ   C N N 22  
ARG NH1  N N N 23  
ARG NH2  N N N 24  
ARG OXT  O N N 25  
ARG H    H N N 26  
ARG H2   H N N 27  
ARG HA   H N N 28  
ARG HB2  H N N 29  
ARG HB3  H N N 30  
ARG HG2  H N N 31  
ARG HG3  H N N 32  
ARG HD2  H N N 33  
ARG HD3  H N N 34  
ARG HE   H N N 35  
ARG HH11 H N N 36  
ARG HH12 H N N 37  
ARG HH21 H N N 38  
ARG HH22 H N N 39  
ARG HXT  H N N 40  
ASN N    N N N 41  
ASN CA   C N S 42  
ASN C    C N N 43  
ASN O    O N N 44  
ASN CB   C N N 45  
ASN CG   C N N 46  
ASN OD1  O N N 47  
ASN ND2  N N N 48  
ASN OXT  O N N 49  
ASN H    H N N 50  
ASN H2   H N N 51  
ASN HA   H N N 52  
ASN HB2  H N N 53  
ASN HB3  H N N 54  
ASN HD21 H N N 55  
ASN HD22 H N N 56  
ASN HXT  H N N 57  
ASP N    N N N 58  
ASP CA   C N S 59  
ASP C    C N N 60  
ASP O    O N N 61  
ASP CB   C N N 62  
ASP CG   C N N 63  
ASP OD1  O N N 64  
ASP OD2  O N N 65  
ASP OXT  O N N 66  
ASP H    H N N 67  
ASP H2   H N N 68  
ASP HA   H N N 69  
ASP HB2  H N N 70  
ASP HB3  H N N 71  
ASP HD2  H N N 72  
ASP HXT  H N N 73  
CYS N    N N N 74  
CYS CA   C N R 75  
CYS C    C N N 76  
CYS O    O N N 77  
CYS CB   C N N 78  
CYS SG   S N N 79  
CYS OXT  O N N 80  
CYS H    H N N 81  
CYS H2   H N N 82  
CYS HA   H N N 83  
CYS HB2  H N N 84  
CYS HB3  H N N 85  
CYS HG   H N N 86  
CYS HXT  H N N 87  
GLN N    N N N 88  
GLN CA   C N S 89  
GLN C    C N N 90  
GLN O    O N N 91  
GLN CB   C N N 92  
GLN CG   C N N 93  
GLN CD   C N N 94  
GLN OE1  O N N 95  
GLN NE2  N N N 96  
GLN OXT  O N N 97  
GLN H    H N N 98  
GLN H2   H N N 99  
GLN HA   H N N 100 
GLN HB2  H N N 101 
GLN HB3  H N N 102 
GLN HG2  H N N 103 
GLN HG3  H N N 104 
GLN HE21 H N N 105 
GLN HE22 H N N 106 
GLN HXT  H N N 107 
GLU N    N N N 108 
GLU CA   C N S 109 
GLU C    C N N 110 
GLU O    O N N 111 
GLU CB   C N N 112 
GLU CG   C N N 113 
GLU CD   C N N 114 
GLU OE1  O N N 115 
GLU OE2  O N N 116 
GLU OXT  O N N 117 
GLU H    H N N 118 
GLU H2   H N N 119 
GLU HA   H N N 120 
GLU HB2  H N N 121 
GLU HB3  H N N 122 
GLU HG2  H N N 123 
GLU HG3  H N N 124 
GLU HE2  H N N 125 
GLU HXT  H N N 126 
GLY N    N N N 127 
GLY CA   C N N 128 
GLY C    C N N 129 
GLY O    O N N 130 
GLY OXT  O N N 131 
GLY H    H N N 132 
GLY H2   H N N 133 
GLY HA2  H N N 134 
GLY HA3  H N N 135 
GLY HXT  H N N 136 
HIS N    N N N 137 
HIS CA   C N S 138 
HIS C    C N N 139 
HIS O    O N N 140 
HIS CB   C N N 141 
HIS CG   C Y N 142 
HIS ND1  N Y N 143 
HIS CD2  C Y N 144 
HIS CE1  C Y N 145 
HIS NE2  N Y N 146 
HIS OXT  O N N 147 
HIS H    H N N 148 
HIS H2   H N N 149 
HIS HA   H N N 150 
HIS HB2  H N N 151 
HIS HB3  H N N 152 
HIS HD1  H N N 153 
HIS HD2  H N N 154 
HIS HE1  H N N 155 
HIS HE2  H N N 156 
HIS HXT  H N N 157 
HOH O    O N N 158 
HOH H1   H N N 159 
HOH H2   H N N 160 
ILE N    N N N 161 
ILE CA   C N S 162 
ILE C    C N N 163 
ILE O    O N N 164 
ILE CB   C N S 165 
ILE CG1  C N N 166 
ILE CG2  C N N 167 
ILE CD1  C N N 168 
ILE OXT  O N N 169 
ILE H    H N N 170 
ILE H2   H N N 171 
ILE HA   H N N 172 
ILE HB   H N N 173 
ILE HG12 H N N 174 
ILE HG13 H N N 175 
ILE HG21 H N N 176 
ILE HG22 H N N 177 
ILE HG23 H N N 178 
ILE HD11 H N N 179 
ILE HD12 H N N 180 
ILE HD13 H N N 181 
ILE HXT  H N N 182 
LEU N    N N N 183 
LEU CA   C N S 184 
LEU C    C N N 185 
LEU O    O N N 186 
LEU CB   C N N 187 
LEU CG   C N N 188 
LEU CD1  C N N 189 
LEU CD2  C N N 190 
LEU OXT  O N N 191 
LEU H    H N N 192 
LEU H2   H N N 193 
LEU HA   H N N 194 
LEU HB2  H N N 195 
LEU HB3  H N N 196 
LEU HG   H N N 197 
LEU HD11 H N N 198 
LEU HD12 H N N 199 
LEU HD13 H N N 200 
LEU HD21 H N N 201 
LEU HD22 H N N 202 
LEU HD23 H N N 203 
LEU HXT  H N N 204 
LYS N    N N N 205 
LYS CA   C N S 206 
LYS C    C N N 207 
LYS O    O N N 208 
LYS CB   C N N 209 
LYS CG   C N N 210 
LYS CD   C N N 211 
LYS CE   C N N 212 
LYS NZ   N N N 213 
LYS OXT  O N N 214 
LYS H    H N N 215 
LYS H2   H N N 216 
LYS HA   H N N 217 
LYS HB2  H N N 218 
LYS HB3  H N N 219 
LYS HG2  H N N 220 
LYS HG3  H N N 221 
LYS HD2  H N N 222 
LYS HD3  H N N 223 
LYS HE2  H N N 224 
LYS HE3  H N N 225 
LYS HZ1  H N N 226 
LYS HZ2  H N N 227 
LYS HZ3  H N N 228 
LYS HXT  H N N 229 
MET N    N N N 230 
MET CA   C N S 231 
MET C    C N N 232 
MET O    O N N 233 
MET CB   C N N 234 
MET CG   C N N 235 
MET SD   S N N 236 
MET CE   C N N 237 
MET OXT  O N N 238 
MET H    H N N 239 
MET H2   H N N 240 
MET HA   H N N 241 
MET HB2  H N N 242 
MET HB3  H N N 243 
MET HG2  H N N 244 
MET HG3  H N N 245 
MET HE1  H N N 246 
MET HE2  H N N 247 
MET HE3  H N N 248 
MET HXT  H N N 249 
PHE N    N N N 250 
PHE CA   C N S 251 
PHE C    C N N 252 
PHE O    O N N 253 
PHE CB   C N N 254 
PHE CG   C Y N 255 
PHE CD1  C Y N 256 
PHE CD2  C Y N 257 
PHE CE1  C Y N 258 
PHE CE2  C Y N 259 
PHE CZ   C Y N 260 
PHE OXT  O N N 261 
PHE H    H N N 262 
PHE H2   H N N 263 
PHE HA   H N N 264 
PHE HB2  H N N 265 
PHE HB3  H N N 266 
PHE HD1  H N N 267 
PHE HD2  H N N 268 
PHE HE1  H N N 269 
PHE HE2  H N N 270 
PHE HZ   H N N 271 
PHE HXT  H N N 272 
PRO N    N N N 273 
PRO CA   C N S 274 
PRO C    C N N 275 
PRO O    O N N 276 
PRO CB   C N N 277 
PRO CG   C N N 278 
PRO CD   C N N 279 
PRO OXT  O N N 280 
PRO H    H N N 281 
PRO HA   H N N 282 
PRO HB2  H N N 283 
PRO HB3  H N N 284 
PRO HG2  H N N 285 
PRO HG3  H N N 286 
PRO HD2  H N N 287 
PRO HD3  H N N 288 
PRO HXT  H N N 289 
THR N    N N N 290 
THR CA   C N S 291 
THR C    C N N 292 
THR O    O N N 293 
THR CB   C N R 294 
THR OG1  O N N 295 
THR CG2  C N N 296 
THR OXT  O N N 297 
THR H    H N N 298 
THR H2   H N N 299 
THR HA   H N N 300 
THR HB   H N N 301 
THR HG1  H N N 302 
THR HG21 H N N 303 
THR HG22 H N N 304 
THR HG23 H N N 305 
THR HXT  H N N 306 
TRP N    N N N 307 
TRP CA   C N S 308 
TRP C    C N N 309 
TRP O    O N N 310 
TRP CB   C N N 311 
TRP CG   C Y N 312 
TRP CD1  C Y N 313 
TRP CD2  C Y N 314 
TRP NE1  N Y N 315 
TRP CE2  C Y N 316 
TRP CE3  C Y N 317 
TRP CZ2  C Y N 318 
TRP CZ3  C Y N 319 
TRP CH2  C Y N 320 
TRP OXT  O N N 321 
TRP H    H N N 322 
TRP H2   H N N 323 
TRP HA   H N N 324 
TRP HB2  H N N 325 
TRP HB3  H N N 326 
TRP HD1  H N N 327 
TRP HE1  H N N 328 
TRP HE3  H N N 329 
TRP HZ2  H N N 330 
TRP HZ3  H N N 331 
TRP HH2  H N N 332 
TRP HXT  H N N 333 
TYR N    N N N 334 
TYR CA   C N S 335 
TYR C    C N N 336 
TYR O    O N N 337 
TYR CB   C N N 338 
TYR CG   C Y N 339 
TYR CD1  C Y N 340 
TYR CD2  C Y N 341 
TYR CE1  C Y N 342 
TYR CE2  C Y N 343 
TYR CZ   C Y N 344 
TYR OH   O N N 345 
TYR OXT  O N N 346 
TYR H    H N N 347 
TYR H2   H N N 348 
TYR HA   H N N 349 
TYR HB2  H N N 350 
TYR HB3  H N N 351 
TYR HD1  H N N 352 
TYR HD2  H N N 353 
TYR HE1  H N N 354 
TYR HE2  H N N 355 
TYR HH   H N N 356 
TYR HXT  H N N 357 
VAL N    N N N 358 
VAL CA   C N S 359 
VAL C    C N N 360 
VAL O    O N N 361 
VAL CB   C N N 362 
VAL CG1  C N N 363 
VAL CG2  C N N 364 
VAL OXT  O N N 365 
VAL H    H N N 366 
VAL H2   H N N 367 
VAL HA   H N N 368 
VAL HB   H N N 369 
VAL HG11 H N N 370 
VAL HG12 H N N 371 
VAL HG13 H N N 372 
VAL HG21 H N N 373 
VAL HG22 H N N 374 
VAL HG23 H N N 375 
VAL HXT  H N N 376 
# 
loop_
_chem_comp_bond.comp_id 
_chem_comp_bond.atom_id_1 
_chem_comp_bond.atom_id_2 
_chem_comp_bond.value_order 
_chem_comp_bond.pdbx_aromatic_flag 
_chem_comp_bond.pdbx_stereo_config 
_chem_comp_bond.pdbx_ordinal 
ALA N   CA   sing N N 1   
ALA N   H    sing N N 2   
ALA N   H2   sing N N 3   
ALA CA  C    sing N N 4   
ALA CA  CB   sing N N 5   
ALA CA  HA   sing N N 6   
ALA C   O    doub N N 7   
ALA C   OXT  sing N N 8   
ALA CB  HB1  sing N N 9   
ALA CB  HB2  sing N N 10  
ALA CB  HB3  sing N N 11  
ALA OXT HXT  sing N N 12  
ARG N   CA   sing N N 13  
ARG N   H    sing N N 14  
ARG N   H2   sing N N 15  
ARG CA  C    sing N N 16  
ARG CA  CB   sing N N 17  
ARG CA  HA   sing N N 18  
ARG C   O    doub N N 19  
ARG C   OXT  sing N N 20  
ARG CB  CG   sing N N 21  
ARG CB  HB2  sing N N 22  
ARG CB  HB3  sing N N 23  
ARG CG  CD   sing N N 24  
ARG CG  HG2  sing N N 25  
ARG CG  HG3  sing N N 26  
ARG CD  NE   sing N N 27  
ARG CD  HD2  sing N N 28  
ARG CD  HD3  sing N N 29  
ARG NE  CZ   sing N N 30  
ARG NE  HE   sing N N 31  
ARG CZ  NH1  sing N N 32  
ARG CZ  NH2  doub N N 33  
ARG NH1 HH11 sing N N 34  
ARG NH1 HH12 sing N N 35  
ARG NH2 HH21 sing N N 36  
ARG NH2 HH22 sing N N 37  
ARG OXT HXT  sing N N 38  
ASN N   CA   sing N N 39  
ASN N   H    sing N N 40  
ASN N   H2   sing N N 41  
ASN CA  C    sing N N 42  
ASN CA  CB   sing N N 43  
ASN CA  HA   sing N N 44  
ASN C   O    doub N N 45  
ASN C   OXT  sing N N 46  
ASN CB  CG   sing N N 47  
ASN CB  HB2  sing N N 48  
ASN CB  HB3  sing N N 49  
ASN CG  OD1  doub N N 50  
ASN CG  ND2  sing N N 51  
ASN ND2 HD21 sing N N 52  
ASN ND2 HD22 sing N N 53  
ASN OXT HXT  sing N N 54  
ASP N   CA   sing N N 55  
ASP N   H    sing N N 56  
ASP N   H2   sing N N 57  
ASP CA  C    sing N N 58  
ASP CA  CB   sing N N 59  
ASP CA  HA   sing N N 60  
ASP C   O    doub N N 61  
ASP C   OXT  sing N N 62  
ASP CB  CG   sing N N 63  
ASP CB  HB2  sing N N 64  
ASP CB  HB3  sing N N 65  
ASP CG  OD1  doub N N 66  
ASP CG  OD2  sing N N 67  
ASP OD2 HD2  sing N N 68  
ASP OXT HXT  sing N N 69  
CYS N   CA   sing N N 70  
CYS N   H    sing N N 71  
CYS N   H2   sing N N 72  
CYS CA  C    sing N N 73  
CYS CA  CB   sing N N 74  
CYS CA  HA   sing N N 75  
CYS C   O    doub N N 76  
CYS C   OXT  sing N N 77  
CYS CB  SG   sing N N 78  
CYS CB  HB2  sing N N 79  
CYS CB  HB3  sing N N 80  
CYS SG  HG   sing N N 81  
CYS OXT HXT  sing N N 82  
GLN N   CA   sing N N 83  
GLN N   H    sing N N 84  
GLN N   H2   sing N N 85  
GLN CA  C    sing N N 86  
GLN CA  CB   sing N N 87  
GLN CA  HA   sing N N 88  
GLN C   O    doub N N 89  
GLN C   OXT  sing N N 90  
GLN CB  CG   sing N N 91  
GLN CB  HB2  sing N N 92  
GLN CB  HB3  sing N N 93  
GLN CG  CD   sing N N 94  
GLN CG  HG2  sing N N 95  
GLN CG  HG3  sing N N 96  
GLN CD  OE1  doub N N 97  
GLN CD  NE2  sing N N 98  
GLN NE2 HE21 sing N N 99  
GLN NE2 HE22 sing N N 100 
GLN OXT HXT  sing N N 101 
GLU N   CA   sing N N 102 
GLU N   H    sing N N 103 
GLU N   H2   sing N N 104 
GLU CA  C    sing N N 105 
GLU CA  CB   sing N N 106 
GLU CA  HA   sing N N 107 
GLU C   O    doub N N 108 
GLU C   OXT  sing N N 109 
GLU CB  CG   sing N N 110 
GLU CB  HB2  sing N N 111 
GLU CB  HB3  sing N N 112 
GLU CG  CD   sing N N 113 
GLU CG  HG2  sing N N 114 
GLU CG  HG3  sing N N 115 
GLU CD  OE1  doub N N 116 
GLU CD  OE2  sing N N 117 
GLU OE2 HE2  sing N N 118 
GLU OXT HXT  sing N N 119 
GLY N   CA   sing N N 120 
GLY N   H    sing N N 121 
GLY N   H2   sing N N 122 
GLY CA  C    sing N N 123 
GLY CA  HA2  sing N N 124 
GLY CA  HA3  sing N N 125 
GLY C   O    doub N N 126 
GLY C   OXT  sing N N 127 
GLY OXT HXT  sing N N 128 
HIS N   CA   sing N N 129 
HIS N   H    sing N N 130 
HIS N   H2   sing N N 131 
HIS CA  C    sing N N 132 
HIS CA  CB   sing N N 133 
HIS CA  HA   sing N N 134 
HIS C   O    doub N N 135 
HIS C   OXT  sing N N 136 
HIS CB  CG   sing N N 137 
HIS CB  HB2  sing N N 138 
HIS CB  HB3  sing N N 139 
HIS CG  ND1  sing Y N 140 
HIS CG  CD2  doub Y N 141 
HIS ND1 CE1  doub Y N 142 
HIS ND1 HD1  sing N N 143 
HIS CD2 NE2  sing Y N 144 
HIS CD2 HD2  sing N N 145 
HIS CE1 NE2  sing Y N 146 
HIS CE1 HE1  sing N N 147 
HIS NE2 HE2  sing N N 148 
HIS OXT HXT  sing N N 149 
HOH O   H1   sing N N 150 
HOH O   H2   sing N N 151 
ILE N   CA   sing N N 152 
ILE N   H    sing N N 153 
ILE N   H2   sing N N 154 
ILE CA  C    sing N N 155 
ILE CA  CB   sing N N 156 
ILE CA  HA   sing N N 157 
ILE C   O    doub N N 158 
ILE C   OXT  sing N N 159 
ILE CB  CG1  sing N N 160 
ILE CB  CG2  sing N N 161 
ILE CB  HB   sing N N 162 
ILE CG1 CD1  sing N N 163 
ILE CG1 HG12 sing N N 164 
ILE CG1 HG13 sing N N 165 
ILE CG2 HG21 sing N N 166 
ILE CG2 HG22 sing N N 167 
ILE CG2 HG23 sing N N 168 
ILE CD1 HD11 sing N N 169 
ILE CD1 HD12 sing N N 170 
ILE CD1 HD13 sing N N 171 
ILE OXT HXT  sing N N 172 
LEU N   CA   sing N N 173 
LEU N   H    sing N N 174 
LEU N   H2   sing N N 175 
LEU CA  C    sing N N 176 
LEU CA  CB   sing N N 177 
LEU CA  HA   sing N N 178 
LEU C   O    doub N N 179 
LEU C   OXT  sing N N 180 
LEU CB  CG   sing N N 181 
LEU CB  HB2  sing N N 182 
LEU CB  HB3  sing N N 183 
LEU CG  CD1  sing N N 184 
LEU CG  CD2  sing N N 185 
LEU CG  HG   sing N N 186 
LEU CD1 HD11 sing N N 187 
LEU CD1 HD12 sing N N 188 
LEU CD1 HD13 sing N N 189 
LEU CD2 HD21 sing N N 190 
LEU CD2 HD22 sing N N 191 
LEU CD2 HD23 sing N N 192 
LEU OXT HXT  sing N N 193 
LYS N   CA   sing N N 194 
LYS N   H    sing N N 195 
LYS N   H2   sing N N 196 
LYS CA  C    sing N N 197 
LYS CA  CB   sing N N 198 
LYS CA  HA   sing N N 199 
LYS C   O    doub N N 200 
LYS C   OXT  sing N N 201 
LYS CB  CG   sing N N 202 
LYS CB  HB2  sing N N 203 
LYS CB  HB3  sing N N 204 
LYS CG  CD   sing N N 205 
LYS CG  HG2  sing N N 206 
LYS CG  HG3  sing N N 207 
LYS CD  CE   sing N N 208 
LYS CD  HD2  sing N N 209 
LYS CD  HD3  sing N N 210 
LYS CE  NZ   sing N N 211 
LYS CE  HE2  sing N N 212 
LYS CE  HE3  sing N N 213 
LYS NZ  HZ1  sing N N 214 
LYS NZ  HZ2  sing N N 215 
LYS NZ  HZ3  sing N N 216 
LYS OXT HXT  sing N N 217 
MET N   CA   sing N N 218 
MET N   H    sing N N 219 
MET N   H2   sing N N 220 
MET CA  C    sing N N 221 
MET CA  CB   sing N N 222 
MET CA  HA   sing N N 223 
MET C   O    doub N N 224 
MET C   OXT  sing N N 225 
MET CB  CG   sing N N 226 
MET CB  HB2  sing N N 227 
MET CB  HB3  sing N N 228 
MET CG  SD   sing N N 229 
MET CG  HG2  sing N N 230 
MET CG  HG3  sing N N 231 
MET SD  CE   sing N N 232 
MET CE  HE1  sing N N 233 
MET CE  HE2  sing N N 234 
MET CE  HE3  sing N N 235 
MET OXT HXT  sing N N 236 
PHE N   CA   sing N N 237 
PHE N   H    sing N N 238 
PHE N   H2   sing N N 239 
PHE CA  C    sing N N 240 
PHE CA  CB   sing N N 241 
PHE CA  HA   sing N N 242 
PHE C   O    doub N N 243 
PHE C   OXT  sing N N 244 
PHE CB  CG   sing N N 245 
PHE CB  HB2  sing N N 246 
PHE CB  HB3  sing N N 247 
PHE CG  CD1  doub Y N 248 
PHE CG  CD2  sing Y N 249 
PHE CD1 CE1  sing Y N 250 
PHE CD1 HD1  sing N N 251 
PHE CD2 CE2  doub Y N 252 
PHE CD2 HD2  sing N N 253 
PHE CE1 CZ   doub Y N 254 
PHE CE1 HE1  sing N N 255 
PHE CE2 CZ   sing Y N 256 
PHE CE2 HE2  sing N N 257 
PHE CZ  HZ   sing N N 258 
PHE OXT HXT  sing N N 259 
PRO N   CA   sing N N 260 
PRO N   CD   sing N N 261 
PRO N   H    sing N N 262 
PRO CA  C    sing N N 263 
PRO CA  CB   sing N N 264 
PRO CA  HA   sing N N 265 
PRO C   O    doub N N 266 
PRO C   OXT  sing N N 267 
PRO CB  CG   sing N N 268 
PRO CB  HB2  sing N N 269 
PRO CB  HB3  sing N N 270 
PRO CG  CD   sing N N 271 
PRO CG  HG2  sing N N 272 
PRO CG  HG3  sing N N 273 
PRO CD  HD2  sing N N 274 
PRO CD  HD3  sing N N 275 
PRO OXT HXT  sing N N 276 
THR N   CA   sing N N 277 
THR N   H    sing N N 278 
THR N   H2   sing N N 279 
THR CA  C    sing N N 280 
THR CA  CB   sing N N 281 
THR CA  HA   sing N N 282 
THR C   O    doub N N 283 
THR C   OXT  sing N N 284 
THR CB  OG1  sing N N 285 
THR CB  CG2  sing N N 286 
THR CB  HB   sing N N 287 
THR OG1 HG1  sing N N 288 
THR CG2 HG21 sing N N 289 
THR CG2 HG22 sing N N 290 
THR CG2 HG23 sing N N 291 
THR OXT HXT  sing N N 292 
TRP N   CA   sing N N 293 
TRP N   H    sing N N 294 
TRP N   H2   sing N N 295 
TRP CA  C    sing N N 296 
TRP CA  CB   sing N N 297 
TRP CA  HA   sing N N 298 
TRP C   O    doub N N 299 
TRP C   OXT  sing N N 300 
TRP CB  CG   sing N N 301 
TRP CB  HB2  sing N N 302 
TRP CB  HB3  sing N N 303 
TRP CG  CD1  doub Y N 304 
TRP CG  CD2  sing Y N 305 
TRP CD1 NE1  sing Y N 306 
TRP CD1 HD1  sing N N 307 
TRP CD2 CE2  doub Y N 308 
TRP CD2 CE3  sing Y N 309 
TRP NE1 CE2  sing Y N 310 
TRP NE1 HE1  sing N N 311 
TRP CE2 CZ2  sing Y N 312 
TRP CE3 CZ3  doub Y N 313 
TRP CE3 HE3  sing N N 314 
TRP CZ2 CH2  doub Y N 315 
TRP CZ2 HZ2  sing N N 316 
TRP CZ3 CH2  sing Y N 317 
TRP CZ3 HZ3  sing N N 318 
TRP CH2 HH2  sing N N 319 
TRP OXT HXT  sing N N 320 
TYR N   CA   sing N N 321 
TYR N   H    sing N N 322 
TYR N   H2   sing N N 323 
TYR CA  C    sing N N 324 
TYR CA  CB   sing N N 325 
TYR CA  HA   sing N N 326 
TYR C   O    doub N N 327 
TYR C   OXT  sing N N 328 
TYR CB  CG   sing N N 329 
TYR CB  HB2  sing N N 330 
TYR CB  HB3  sing N N 331 
TYR CG  CD1  doub Y N 332 
TYR CG  CD2  sing Y N 333 
TYR CD1 CE1  sing Y N 334 
TYR CD1 HD1  sing N N 335 
TYR CD2 CE2  doub Y N 336 
TYR CD2 HD2  sing N N 337 
TYR CE1 CZ   doub Y N 338 
TYR CE1 HE1  sing N N 339 
TYR CE2 CZ   sing Y N 340 
TYR CE2 HE2  sing N N 341 
TYR CZ  OH   sing N N 342 
TYR OH  HH   sing N N 343 
TYR OXT HXT  sing N N 344 
VAL N   CA   sing N N 345 
VAL N   H    sing N N 346 
VAL N   H2   sing N N 347 
VAL CA  C    sing N N 348 
VAL CA  CB   sing N N 349 
VAL CA  HA   sing N N 350 
VAL C   O    doub N N 351 
VAL C   OXT  sing N N 352 
VAL CB  CG1  sing N N 353 
VAL CB  CG2  sing N N 354 
VAL CB  HB   sing N N 355 
VAL CG1 HG11 sing N N 356 
VAL CG1 HG12 sing N N 357 
VAL CG1 HG13 sing N N 358 
VAL CG2 HG21 sing N N 359 
VAL CG2 HG22 sing N N 360 
VAL CG2 HG23 sing N N 361 
VAL OXT HXT  sing N N 362 
# 
_pdbx_audit_support.funding_organization   'Not funded' 
_pdbx_audit_support.country                ? 
_pdbx_audit_support.grant_number           ? 
_pdbx_audit_support.ordinal                1 
# 
_atom_sites.entry_id                    7XL7 
_atom_sites.Cartn_transf_matrix[1][1]   ? 
_atom_sites.Cartn_transf_matrix[1][2]   ? 
_atom_sites.Cartn_transf_matrix[1][3]   ? 
_atom_sites.Cartn_transf_matrix[2][1]   ? 
_atom_sites.Cartn_transf_matrix[2][2]   ? 
_atom_sites.Cartn_transf_matrix[2][3]   ? 
_atom_sites.Cartn_transf_matrix[3][1]   ? 
_atom_sites.Cartn_transf_matrix[3][2]   ? 
_atom_sites.Cartn_transf_matrix[3][3]   ? 
_atom_sites.Cartn_transf_vector[1]      ? 
_atom_sites.Cartn_transf_vector[2]      ? 
_atom_sites.Cartn_transf_vector[3]      ? 
_atom_sites.fract_transf_matrix[1][1]   0.00756270 
_atom_sites.fract_transf_matrix[1][2]   -0.00366373 
_atom_sites.fract_transf_matrix[1][3]   -0.01290802 
_atom_sites.fract_transf_matrix[2][1]   0.01510556 
_atom_sites.fract_transf_matrix[2][2]   0.00279175 
_atom_sites.fract_transf_matrix[2][3]   -0.00113169 
_atom_sites.fract_transf_matrix[3][1]   0.00299008 
_atom_sites.fract_transf_matrix[3][2]   -0.01387244 
_atom_sites.fract_transf_matrix[3][3]   0.00568933 
_atom_sites.fract_transf_vector[1]      0.376761 
_atom_sites.fract_transf_vector[2]      0.176297 
_atom_sites.fract_transf_vector[3]      0.181875 
_atom_sites.solution_primary            ? 
_atom_sites.solution_secondary          ? 
_atom_sites.solution_hydrogens          ? 
_atom_sites.special_details             ? 
# 
loop_
_atom_type.symbol 
C 
N 
O 
S 
# 
loop_
_atom_site.group_PDB 
_atom_site.id 
_atom_site.type_symbol 
_atom_site.label_atom_id 
_atom_site.label_alt_id 
_atom_site.label_comp_id 
_atom_site.label_asym_id 
_atom_site.label_entity_id 
_atom_site.label_seq_id 
_atom_site.pdbx_PDB_ins_code 
_atom_site.Cartn_x 
_atom_site.Cartn_y 
_atom_site.Cartn_z 
_atom_site.occupancy 
_atom_site.B_iso_or_equiv 
_atom_site.pdbx_formal_charge 
_atom_site.auth_seq_id 
_atom_site.auth_comp_id 
_atom_site.auth_asym_id 
_atom_site.auth_atom_id 
_atom_site.pdbx_PDB_model_num 
ATOM   1   N N   . MET A 1 1  ? 10.927  2.343   10.334  1.00 58.47 ? 1   MET A N   1 
ATOM   2   C CA  . MET A 1 1  ? 11.977  1.302   10.379  1.00 53.97 ? 1   MET A CA  1 
ATOM   3   C C   . MET A 1 1  ? 11.340  -0.083  10.431  1.00 50.98 ? 1   MET A C   1 
ATOM   4   O O   . MET A 1 1  ? 12.045  -1.033  10.161  1.00 52.22 ? 1   MET A O   1 
ATOM   5   C CB  . MET A 1 1  ? 12.965  1.495   11.533  1.00 53.16 ? 1   MET A CB  1 
ATOM   6   C CG  . MET A 1 1  ? 12.360  1.725   12.891  1.00 57.40 ? 1   MET A CG  1 
ATOM   7   S SD  . MET A 1 1  ? 13.638  2.269   14.074  1.00 85.05 ? 1   MET A SD  1 
ATOM   8   C CE  . MET A 1 1  ? 14.872  1.005   13.788  1.00 59.50 ? 1   MET A CE  1 
ATOM   9   N N   . LYS A 1 2  ? 10.036  -0.159  10.696  1.00 50.33 ? 2   LYS A N   1 
ATOM   10  C CA  . LYS A 1 2  ? 9.363   -1.482  10.747  1.00 48.36 ? 2   LYS A CA  1 
ATOM   11  C C   . LYS A 1 2  ? 8.574   -1.756  9.467   1.00 47.64 ? 2   LYS A C   1 
ATOM   12  O O   . LYS A 1 2  ? 7.892   -0.869  8.978   1.00 44.44 ? 2   LYS A O   1 
ATOM   13  C CB  . LYS A 1 2  ? 8.420   -1.597  11.944  1.00 52.07 ? 2   LYS A CB  1 
ATOM   14  C CG  . LYS A 1 2  ? 9.079   -1.812  13.300  1.00 58.03 ? 2   LYS A CG  1 
ATOM   15  C CD  . LYS A 1 2  ? 9.289   -3.263  13.661  1.00 60.49 ? 2   LYS A CD  1 
ATOM   16  C CE  . LYS A 1 2  ? 8.975   -3.578  15.110  1.00 62.46 ? 2   LYS A CE  1 
ATOM   17  N NZ  . LYS A 1 2  ? 9.643   -4.817  15.570  1.00 64.32 ? 2   LYS A NZ  1 
ATOM   18  N N   . GLU A 1 3  ? 8.682   -2.981  8.967   1.00 45.82 ? 3   GLU A N   1 
ATOM   19  C CA  . GLU A 1 3  ? 7.945   -3.399  7.755   1.00 45.85 ? 3   GLU A CA  1 
ATOM   20  C C   . GLU A 1 3  ? 6.454   -3.288  8.055   1.00 46.40 ? 3   GLU A C   1 
ATOM   21  O O   . GLU A 1 3  ? 6.060   -3.640  9.148   1.00 42.11 ? 3   GLU A O   1 
ATOM   22  C CB  . GLU A 1 3  ? 8.252   -4.850  7.417   1.00 43.36 ? 3   GLU A CB  1 
ATOM   23  C CG  . GLU A 1 3  ? 9.674   -5.077  6.977   1.00 48.18 ? 3   GLU A CG  1 
ATOM   24  C CD  . GLU A 1 3  ? 9.823   -6.223  5.998   1.00 53.66 ? 3   GLU A CD  1 
ATOM   25  O OE1 . GLU A 1 3  ? 8.971   -7.114  6.022   1.00 54.69 ? 3   GLU A OE1 1 
ATOM   26  O OE2 . GLU A 1 3  ? 10.771  -6.192  5.201   1.00 51.61 ? 3   GLU A OE2 1 
ATOM   27  N N   . GLY A 1 4  ? 5.680   -2.830  7.082   1.00 42.98 ? 4   GLY A N   1 
ATOM   28  C CA  . GLY A 1 4  ? 4.231   -2.723  7.275   1.00 42.12 ? 4   GLY A CA  1 
ATOM   29  C C   . GLY A 1 4  ? 3.626   -1.717  6.336   1.00 43.80 ? 4   GLY A C   1 
ATOM   30  O O   . GLY A 1 4  ? 4.345   -1.230  5.468   1.00 40.94 ? 4   GLY A O   1 
ATOM   31  N N   . PHE A 1 5  ? 2.341   -1.430  6.532   1.00 38.50 ? 5   PHE A N   1 
ATOM   32  C CA  . PHE A 1 5  ? 1.606   -0.443  5.712   1.00 39.27 ? 5   PHE A CA  1 
ATOM   33  C C   . PHE A 1 5  ? 1.696   0.910   6.413   1.00 40.27 ? 5   PHE A C   1 
ATOM   34  O O   . PHE A 1 5  ? 1.571   0.971   7.618   1.00 37.99 ? 5   PHE A O   1 
ATOM   35  C CB  . PHE A 1 5  ? 0.178   -0.913  5.441   1.00 38.88 ? 5   PHE A CB  1 
ATOM   36  C CG  . PHE A 1 5  ? 0.093   -2.162  4.607   1.00 40.44 ? 5   PHE A CG  1 
ATOM   37  C CD1 . PHE A 1 5  ? 0.091   -2.097  3.231   1.00 39.21 ? 5   PHE A CD1 1 
ATOM   38  C CD2 . PHE A 1 5  ? 0.021   -3.403  5.201   1.00 41.34 ? 5   PHE A CD2 1 
ATOM   39  C CE1 . PHE A 1 5  ? 0.030   -3.244  2.468   1.00 42.13 ? 5   PHE A CE1 1 
ATOM   40  C CE2 . PHE A 1 5  ? -0.036  -4.550  4.434   1.00 42.13 ? 5   PHE A CE2 1 
ATOM   41  C CZ  . PHE A 1 5  ? -0.041  -4.466  3.072   1.00 49.55 ? 5   PHE A CZ  1 
ATOM   42  N N   . TYR A 1 6  ? 1.829   1.952   5.607   1.00 39.69 ? 6   TYR A N   1 
ATOM   43  C CA  . TYR A 1 6  ? 1.940   3.327   6.120   1.00 40.14 ? 6   TYR A CA  1 
ATOM   44  C C   . TYR A 1 6  ? 1.225   4.281   5.170   1.00 38.94 ? 6   TYR A C   1 
ATOM   45  O O   . TYR A 1 6  ? 1.180   4.016   3.989   1.00 34.35 ? 6   TYR A O   1 
ATOM   46  C CB  . TYR A 1 6  ? 3.408   3.761   6.075   1.00 40.13 ? 6   TYR A CB  1 
ATOM   47  C CG  . TYR A 1 6  ? 4.360   3.037   6.988   1.00 41.45 ? 6   TYR A CG  1 
ATOM   48  C CD1 . TYR A 1 6  ? 4.823   1.775   6.692   1.00 43.78 ? 6   TYR A CD1 1 
ATOM   49  C CD2 . TYR A 1 6  ? 4.827   3.633   8.140   1.00 44.82 ? 6   TYR A CD2 1 
ATOM   50  C CE1 . TYR A 1 6  ? 5.706   1.114   7.520   1.00 43.46 ? 6   TYR A CE1 1 
ATOM   51  C CE2 . TYR A 1 6  ? 5.706   2.989   8.985   1.00 42.13 ? 6   TYR A CE2 1 
ATOM   52  C CZ  . TYR A 1 6  ? 6.152   1.727   8.671   1.00 49.55 ? 6   TYR A CZ  1 
ATOM   53  O OH  . TYR A 1 6  ? 7.008   1.086   9.505   1.00 56.98 ? 6   TYR A OH  1 
ATOM   54  N N   . TRP A 1 7  ? 0.674   5.354   5.700   1.00 36.26 ? 7   TRP A N   1 
ATOM   55  C CA  . TRP A 1 7  ? 0.149   6.409   4.812   1.00 37.56 ? 7   TRP A CA  1 
ATOM   56  C C   . TRP A 1 7  ? 1.343   7.270   4.410   1.00 38.36 ? 7   TRP A C   1 
ATOM   57  O O   . TRP A 1 7  ? 2.051   7.710   5.285   1.00 37.60 ? 7   TRP A O   1 
ATOM   58  C CB  . TRP A 1 7  ? -0.858  7.280   5.550   1.00 38.74 ? 7   TRP A CB  1 
ATOM   59  C CG  . TRP A 1 7  ? -2.236  6.718   5.653   1.00 42.48 ? 7   TRP A CG  1 
ATOM   60  C CD1 . TRP A 1 7  ? -2.784  6.081   6.719   1.00 41.97 ? 7   TRP A CD1 1 
ATOM   61  C CD2 . TRP A 1 7  ? -3.257  6.777   4.653   1.00 42.16 ? 7   TRP A CD2 1 
ATOM   62  N NE1 . TRP A 1 7  ? -4.074  5.734   6.449   1.00 42.13 ? 7   TRP A NE1 1 
ATOM   63  C CE2 . TRP A 1 7  ? -4.392  6.148   5.191   1.00 44.32 ? 7   TRP A CE2 1 
ATOM   64  C CE3 . TRP A 1 7  ? -3.322  7.299   3.362   1.00 42.38 ? 7   TRP A CE3 1 
ATOM   65  C CZ2 . TRP A 1 7  ? -5.578  6.025   4.479   1.00 49.55 ? 7   TRP A CZ2 1 
ATOM   66  C CZ3 . TRP A 1 7  ? -4.496  7.181   2.663   1.00 49.55 ? 7   TRP A CZ3 1 
ATOM   67  C CH2 . TRP A 1 7  ? -5.604  6.546   3.214   1.00 56.98 ? 7   TRP A CH2 1 
ATOM   68  N N   . ILE A 1 8  ? 1.526   7.477   3.125   1.00 38.72 ? 8   ILE A N   1 
ATOM   69  C CA  . ILE A 1 8  ? 2.635   8.342   2.677   1.00 36.78 ? 8   ILE A CA  1 
ATOM   70  C C   . ILE A 1 8  ? 2.077   9.355   1.692   1.00 39.26 ? 8   ILE A C   1 
ATOM   71  O O   . ILE A 1 8  ? 0.943   9.232   1.258   1.00 35.33 ? 8   ILE A O   1 
ATOM   72  C CB  . ILE A 1 8  ? 3.745   7.519   2.001   1.00 39.74 ? 8   ILE A CB  1 
ATOM   73  C CG1 . ILE A 1 8  ? 3.269   6.902   0.686   1.00 38.74 ? 8   ILE A CG1 1 
ATOM   74  C CG2 . ILE A 1 8  ? 4.309   6.476   2.930   1.00 39.81 ? 8   ILE A CG2 1 
ATOM   75  C CD1 . ILE A 1 8  ? 4.381   6.376   -0.166  1.00 35.92 ? 8   ILE A CD1 1 
ATOM   76  N N   . GLN A 1 9  ? 2.891   10.365  1.412   1.00 38.09 ? 9   GLN A N   1 
ATOM   77  C CA  . GLN A 1 9  ? 2.608   11.386  0.381   1.00 39.42 ? 9   GLN A CA  1 
ATOM   78  C C   . GLN A 1 9  ? 3.814   11.367  -0.555  1.00 40.64 ? 9   GLN A C   1 
ATOM   79  O O   . GLN A 1 9  ? 4.922   11.462  -0.074  1.00 35.84 ? 9   GLN A O   1 
ATOM   80  C CB  . GLN A 1 9  ? 2.331   12.766  0.954   1.00 36.27 ? 9   GLN A CB  1 
ATOM   81  C CG  . GLN A 1 9  ? 1.966   13.756  -0.129  1.00 41.11 ? 9   GLN A CG  1 
ATOM   82  C CD  . GLN A 1 9  ? 1.306   15.017  0.354   1.00 41.99 ? 9   GLN A CD  1 
ATOM   83  O OE1 . GLN A 1 9  ? 0.437   14.998  1.202   1.00 42.13 ? 9   GLN A OE1 1 
ATOM   84  N NE2 . GLN A 1 9  ? 1.702   16.129  -0.224  1.00 42.13 ? 9   GLN A NE2 1 
ATOM   85  N N   . HIS A 1 10 ? 3.549   11.169  -1.837  1.00 40.72 ? 10  HIS A N   1 
ATOM   86  C CA  . HIS A 1 10 ? 4.591   11.096  -2.883  1.00 41.73 ? 10  HIS A CA  1 
ATOM   87  C C   . HIS A 1 10 ? 4.088   11.923  -4.052  1.00 43.54 ? 10  HIS A C   1 
ATOM   88  O O   . HIS A 1 10 ? 3.038   11.592  -4.560  1.00 42.09 ? 10  HIS A O   1 
ATOM   89  C CB  . HIS A 1 10 ? 4.799   9.642   -3.288  1.00 41.94 ? 10  HIS A CB  1 
ATOM   90  C CG  . HIS A 1 10 ? 5.725   9.453   -4.432  1.00 45.32 ? 10  HIS A CG  1 
ATOM   91  N ND1 . HIS A 1 10 ? 6.954   10.022  -4.475  1.00 47.05 ? 10  HIS A ND1 1 
ATOM   92  C CD2 . HIS A 1 10 ? 5.607   8.748   -5.567  1.00 48.19 ? 10  HIS A CD2 1 
ATOM   93  C CE1 . HIS A 1 10 ? 7.561   9.679   -5.582  1.00 43.56 ? 10  HIS A CE1 1 
ATOM   94  N NE2 . HIS A 1 10 ? 6.763   8.902   -6.261  1.00 47.58 ? 10  HIS A NE2 1 
ATOM   95  N N   . ASN A 1 11 ? 4.775   12.996  -4.424  1.00 43.56 ? 11  ASN A N   1 
ATOM   96  C CA  . ASN A 1 11 ? 4.336   13.885  -5.531  1.00 43.32 ? 11  ASN A CA  1 
ATOM   97  C C   . ASN A 1 11 ? 2.908   14.369  -5.298  1.00 40.78 ? 11  ASN A C   1 
ATOM   98  O O   . ASN A 1 11 ? 2.131   14.365  -6.230  1.00 42.25 ? 11  ASN A O   1 
ATOM   99  C CB  . ASN A 1 11 ? 4.463   13.235  -6.903  1.00 44.72 ? 11  ASN A CB  1 
ATOM   100 C CG  . ASN A 1 11 ? 5.902   13.032  -7.299  1.00 46.95 ? 11  ASN A CG  1 
ATOM   101 O OD1 . ASN A 1 11 ? 6.773   13.773  -6.876  1.00 48.78 ? 11  ASN A OD1 1 
ATOM   102 N ND2 . ASN A 1 11 ? 6.156   12.015  -8.092  1.00 48.54 ? 11  ASN A ND2 1 
ATOM   103 N N   . GLY A 1 12 ? 2.567   14.704  -4.059  1.00 40.32 ? 12  GLY A N   1 
ATOM   104 C CA  . GLY A 1 12 ? 1.225   15.211  -3.740  1.00 42.36 ? 12  GLY A CA  1 
ATOM   105 C C   . GLY A 1 12 ? 0.158   14.142  -3.602  1.00 45.01 ? 12  GLY A C   1 
ATOM   106 O O   . GLY A 1 12 ? -0.944  14.497  -3.248  1.00 45.74 ? 12  GLY A O   1 
ATOM   107 N N   . ARG A 1 13 ? 0.476   12.880  -3.863  1.00 41.47 ? 13  ARG A N   1 
ATOM   108 C CA  . ARG A 1 13 ? -0.564  11.827  -3.749  1.00 43.11 ? 13  ARG A CA  1 
ATOM   109 C C   . ARG A 1 13 ? -0.530  11.175  -2.367  1.00 42.36 ? 13  ARG A C   1 
ATOM   110 O O   . ARG A 1 13 ? 0.444   10.535  -2.053  1.00 38.48 ? 13  ARG A O   1 
ATOM   111 C CB  . ARG A 1 13 ? -0.449  10.790  -4.869  1.00 45.12 ? 13  ARG A CB  1 
ATOM   112 N N   . VAL A 1 14 ? -1.593  11.359  -1.595  1.00 41.19 ? 14  VAL A N   1 
ATOM   113 C CA  . VAL A 1 14 ? -1.739  10.722  -0.262  1.00 39.72 ? 14  VAL A CA  1 
ATOM   114 C C   . VAL A 1 14 ? -2.212  9.295   -0.519  1.00 43.34 ? 14  VAL A C   1 
ATOM   115 O O   . VAL A 1 14 ? -3.239  9.123   -1.135  1.00 42.46 ? 14  VAL A O   1 
ATOM   116 C CB  . VAL A 1 14 ? -2.719  11.499  0.623   1.00 43.39 ? 14  VAL A CB  1 
ATOM   117 C CG1 . VAL A 1 14 ? -2.784  10.908  2.013   1.00 42.17 ? 14  VAL A CG1 1 
ATOM   118 C CG2 . VAL A 1 14 ? -2.341  12.962  0.677   1.00 41.86 ? 14  VAL A CG2 1 
ATOM   119 N N   . GLN A 1 15 ? -1.472  8.319   -0.033  1.00 41.55 ? 15  GLN A N   1 
ATOM   120 C CA  . GLN A 1 15 ? -1.820  6.927   -0.364  1.00 40.72 ? 15  GLN A CA  1 
ATOM   121 C C   . GLN A 1 15 ? -1.216  5.988   0.673   1.00 40.94 ? 15  GLN A C   1 
ATOM   122 O O   . GLN A 1 15 ? -0.365  6.421   1.417   1.00 39.04 ? 15  GLN A O   1 
ATOM   123 C CB  . GLN A 1 15 ? -1.175  6.614   -1.709  1.00 38.76 ? 15  GLN A CB  1 
ATOM   124 C CG  . GLN A 1 15 ? 0.333   6.809   -1.703  1.00 39.05 ? 15  GLN A CG  1 
ATOM   125 C CD  . GLN A 1 15 ? 0.975   6.804   -3.066  1.00 41.17 ? 15  GLN A CD  1 
ATOM   126 O OE1 . GLN A 1 15 ? 1.431   7.816   -3.560  1.00 42.13 ? 15  GLN A OE1 1 
ATOM   127 N NE2 . GLN A 1 15 ? 1.029   5.652   -3.683  1.00 42.13 ? 15  GLN A NE2 1 
ATOM   128 N N   . VAL A 1 16 ? -1.681  4.747   0.689   1.00 37.30 ? 16  VAL A N   1 
ATOM   129 C CA  . VAL A 1 16 ? -1.103  3.707   1.577   1.00 37.35 ? 16  VAL A CA  1 
ATOM   130 C C   . VAL A 1 16 ? -0.113  2.914   0.725   1.00 38.15 ? 16  VAL A C   1 
ATOM   131 O O   . VAL A 1 16 ? -0.463  2.574   -0.372  1.00 32.52 ? 16  VAL A O   1 
ATOM   132 C CB  . VAL A 1 16 ? -2.177  2.780   2.175   1.00 37.02 ? 16  VAL A CB  1 
ATOM   133 C CG1 . VAL A 1 16 ? -1.563  1.668   2.998   1.00 36.81 ? 16  VAL A CG1 1 
ATOM   134 C CG2 . VAL A 1 16 ? -3.212  3.532   2.981   1.00 39.07 ? 16  VAL A CG2 1 
ATOM   135 N N   . ALA A 1 17 ? 1.088   2.686   1.239   1.00 36.30 ? 17  ALA A N   1 
ATOM   136 C CA  . ALA A 1 17 ? 2.122   1.887   0.561   1.00 37.76 ? 17  ALA A CA  1 
ATOM   137 C C   . ALA A 1 17 ? 2.678   0.870   1.549   1.00 36.40 ? 17  ALA A C   1 
ATOM   138 O O   . ALA A 1 17 ? 2.520   1.056   2.731   1.00 38.60 ? 17  ALA A O   1 
ATOM   139 C CB  . ALA A 1 17 ? 3.208   2.778   0.036   1.00 36.62 ? 17  ALA A CB  1 
ATOM   140 N N   . TYR A 1 18 ? 3.282   -0.189  1.039   1.00 36.31 ? 18  TYR A N   1 
ATOM   141 C CA  . TYR A 1 18 ? 3.912   -1.203  1.905   1.00 38.12 ? 18  TYR A CA  1 
ATOM   142 C C   . TYR A 1 18 ? 5.410   -0.927  1.975   1.00 40.99 ? 18  TYR A C   1 
ATOM   143 O O   . TYR A 1 18 ? 6.035   -0.689  0.963   1.00 38.69 ? 18  TYR A O   1 
ATOM   144 C CB  . TYR A 1 18 ? 3.729   -2.611  1.354   1.00 39.03 ? 18  TYR A CB  1 
ATOM   145 C CG  . TYR A 1 18 ? 4.085   -3.680  2.348   1.00 42.46 ? 18  TYR A CG  1 
ATOM   146 C CD1 . TYR A 1 18 ? 3.474   -3.714  3.581   1.00 41.98 ? 18  TYR A CD1 1 
ATOM   147 C CD2 . TYR A 1 18 ? 5.013   -4.655  2.060   1.00 43.55 ? 18  TYR A CD2 1 
ATOM   148 C CE1 . TYR A 1 18 ? 3.773   -4.685  4.511   1.00 44.38 ? 18  TYR A CE1 1 
ATOM   149 C CE2 . TYR A 1 18 ? 5.332   -5.633  2.981   1.00 46.89 ? 18  TYR A CE2 1 
ATOM   150 C CZ  . TYR A 1 18 ? 4.712   -5.645  4.213   1.00 49.55 ? 18  TYR A CZ  1 
ATOM   151 O OH  . TYR A 1 18 ? 5.003   -6.602  5.131   1.00 56.98 ? 18  TYR A OH  1 
ATOM   152 N N   . TYR A 1 19 ? 5.953   -1.044  3.171   1.00 41.61 ? 19  TYR A N   1 
ATOM   153 C CA  . TYR A 1 19 ? 7.392   -0.804  3.351   1.00 42.73 ? 19  TYR A CA  1 
ATOM   154 C C   . TYR A 1 19 ? 8.099   -2.105  3.698   1.00 45.07 ? 19  TYR A C   1 
ATOM   155 O O   . TYR A 1 19 ? 7.690   -2.802  4.593   1.00 42.06 ? 19  TYR A O   1 
ATOM   156 C CB  . TYR A 1 19 ? 7.633   0.176   4.495   1.00 47.35 ? 19  TYR A CB  1 
ATOM   157 C CG  . TYR A 1 19 ? 9.084   0.429   4.796   1.00 45.65 ? 19  TYR A CG  1 
ATOM   158 C CD1 . TYR A 1 19 ? 9.813   1.325   4.047   1.00 44.90 ? 19  TYR A CD1 1 
ATOM   159 C CD2 . TYR A 1 19 ? 9.729   -0.224  5.826   1.00 46.03 ? 19  TYR A CD2 1 
ATOM   160 C CE1 . TYR A 1 19 ? 11.147  1.563   4.312   1.00 47.45 ? 19  TYR A CE1 1 
ATOM   161 C CE2 . TYR A 1 19 ? 11.064  -0.001  6.102   1.00 48.62 ? 19  TYR A CE2 1 
ATOM   162 C CZ  . TYR A 1 19 ? 11.776  0.899   5.342   1.00 49.55 ? 19  TYR A CZ  1 
ATOM   163 O OH  . TYR A 1 19 ? 13.089  1.138   5.592   1.00 56.98 ? 19  TYR A OH  1 
ATOM   164 N N   . THR A 1 20 ? 9.155   -2.393  2.947   1.00 43.61 ? 20  THR A N   1 
ATOM   165 C CA  . THR A 1 20 ? 10.038  -3.550  3.214   1.00 45.22 ? 20  THR A CA  1 
ATOM   166 C C   . THR A 1 20 ? 11.468  -3.031  3.305   1.00 46.04 ? 20  THR A C   1 
ATOM   167 O O   . THR A 1 20 ? 11.756  -1.989  2.752   1.00 44.64 ? 20  THR A O   1 
ATOM   168 C CB  . THR A 1 20 ? 9.958   -4.635  2.137   1.00 45.44 ? 20  THR A CB  1 
ATOM   169 O OG1 . THR A 1 20 ? 10.634  -4.171  0.976   1.00 43.71 ? 20  THR A OG1 1 
ATOM   170 C CG2 . THR A 1 20 ? 8.539   -5.012  1.786   1.00 44.19 ? 20  THR A CG2 1 
ATOM   171 N N   . HIS A 1 21 ? 12.320  -3.771  4.001   1.00 48.14 ? 21  HIS A N   1 
ATOM   172 C CA  . HIS A 1 21 ? 13.746  -3.401  4.168   1.00 48.38 ? 21  HIS A CA  1 
ATOM   173 C C   . HIS A 1 21 ? 14.537  -3.835  2.941   1.00 43.87 ? 21  HIS A C   1 
ATOM   174 O O   . HIS A 1 21 ? 15.643  -4.286  3.112   1.00 44.79 ? 21  HIS A O   1 
ATOM   175 C CB  . HIS A 1 21 ? 14.313  -4.094  5.396   1.00 46.60 ? 21  HIS A CB  1 
ATOM   176 C CG  . HIS A 1 21 ? 13.674  -3.660  6.659   1.00 45.49 ? 21  HIS A CG  1 
ATOM   177 N ND1 . HIS A 1 21 ? 13.100  -4.543  7.521   1.00 50.63 ? 21  HIS A ND1 1 
ATOM   178 C CD2 . HIS A 1 21 ? 13.523  -2.446  7.205   1.00 47.99 ? 21  HIS A CD2 1 
ATOM   179 C CE1 . HIS A 1 21 ? 12.632  -3.895  8.555   1.00 50.51 ? 21  HIS A CE1 1 
ATOM   180 N NE2 . HIS A 1 21 ? 12.872  -2.612  8.382   1.00 53.04 ? 21  HIS A NE2 1 
ATOM   181 N N   . GLY A 1 22 ? 13.950  -3.709  1.766   1.00 42.86 ? 22  GLY A N   1 
ATOM   182 C CA  . GLY A 1 22 ? 14.632  -4.124  0.538   1.00 42.66 ? 22  GLY A CA  1 
ATOM   183 C C   . GLY A 1 22 ? 15.852  -3.281  0.264   1.00 46.93 ? 22  GLY A C   1 
ATOM   184 O O   . GLY A 1 22 ? 15.810  -2.085  0.496   1.00 48.24 ? 22  GLY A O   1 
ATOM   185 N N   . VAL A 1 23 ? 16.891  -3.920  -0.256  1.00 47.06 ? 23  VAL A N   1 
ATOM   186 C CA  . VAL A 1 23 ? 18.170  -3.231  -0.573  1.00 49.46 ? 23  VAL A CA  1 
ATOM   187 C C   . VAL A 1 23 ? 18.224  -2.891  -2.058  1.00 49.87 ? 23  VAL A C   1 
ATOM   188 O O   . VAL A 1 23 ? 18.190  -3.799  -2.863  1.00 49.95 ? 23  VAL A O   1 
ATOM   189 C CB  . VAL A 1 23 ? 19.377  -4.101  -0.192  1.00 47.79 ? 23  VAL A CB  1 
ATOM   190 C CG1 . VAL A 1 23 ? 20.678  -3.410  -0.549  1.00 47.60 ? 23  VAL A CG1 1 
ATOM   191 C CG2 . VAL A 1 23 ? 19.352  -4.480  1.272   1.00 48.03 ? 23  VAL A CG2 1 
ATOM   192 N N   . THR A 1 24 ? 18.383  -1.607  -2.362  1.00 46.06 ? 24  THR A N   1 
ATOM   193 C CA  . THR A 1 24 ? 18.441  -1.154  -3.767  1.00 49.28 ? 24  THR A CA  1 
ATOM   194 C C   . THR A 1 24 ? 19.815  -0.580  -4.112  1.00 51.45 ? 24  THR A C   1 
ATOM   195 O O   . THR A 1 24 ? 20.079  0.551   -3.734  1.00 50.10 ? 24  THR A O   1 
ATOM   196 C CB  . THR A 1 24 ? 17.388  -0.082  -4.047  1.00 48.68 ? 24  THR A CB  1 
ATOM   197 O OG1 . THR A 1 24 ? 16.159  -0.507  -3.472  1.00 47.80 ? 24  THR A OG1 1 
ATOM   198 C CG2 . THR A 1 24 ? 17.223  0.182   -5.524  1.00 48.68 ? 24  THR A CG2 1 
ATOM   199 N N   . GLU A 1 25 ? 20.623  -1.347  -4.834  1.00 50.44 ? 25  GLU A N   1 
ATOM   200 C CA  . GLU A 1 25 ? 21.967  -0.894  -5.249  1.00 52.73 ? 25  GLU A CA  1 
ATOM   201 C C   . GLU A 1 25 ? 21.855  -0.235  -6.619  1.00 53.18 ? 25  GLU A C   1 
ATOM   202 O O   . GLU A 1 25 ? 21.385  -0.871  -7.528  1.00 55.79 ? 25  GLU A O   1 
ATOM   203 C CB  . GLU A 1 25 ? 22.915  -2.085  -5.305  1.00 55.56 ? 25  GLU A CB  1 
ATOM   204 C CG  . GLU A 1 25 ? 24.374  -1.695  -5.244  1.00 58.30 ? 25  GLU A CG  1 
ATOM   205 C CD  . GLU A 1 25 ? 25.306  -2.872  -5.448  1.00 63.96 ? 25  GLU A CD  1 
ATOM   206 O OE1 . GLU A 1 25 ? 25.107  -3.598  -6.419  1.00 66.57 ? 25  GLU A OE1 1 
ATOM   207 O OE2 . GLU A 1 25 ? 26.203  -3.070  -4.622  1.00 64.40 ? 25  GLU A OE2 1 
ATOM   208 N N   . ASP A 1 26 ? 22.294  1.005   -6.751  1.00 53.35 ? 26  ASP A N   1 
ATOM   209 C CA  . ASP A 1 26 ? 22.206  1.681   -8.067  1.00 58.88 ? 26  ASP A CA  1 
ATOM   210 C C   . ASP A 1 26 ? 23.445  1.341   -8.898  1.00 57.98 ? 26  ASP A C   1 
ATOM   211 O O   . ASP A 1 26 ? 24.527  1.703   -8.446  1.00 58.61 ? 26  ASP A O   1 
ATOM   212 C CB  . ASP A 1 26 ? 22.014  3.184   -7.898  1.00 59.23 ? 26  ASP A CB  1 
ATOM   213 C CG  . ASP A 1 26 ? 22.479  3.973   -9.101  1.00 66.01 ? 26  ASP A CG  1 
ATOM   214 O OD1 . ASP A 1 26 ? 22.033  3.642   -10.210 1.00 63.34 ? 26  ASP A OD1 1 
ATOM   215 O OD2 . ASP A 1 26 ? 23.285  4.908   -8.910  1.00 65.44 ? 26  ASP A OD2 1 
ATOM   216 N N   . GLN A 1 31 ? 25.636  3.915   -5.289  1.00 52.79 ? 31  GLN A N   1 
ATOM   217 C CA  . GLN A 1 31 ? 24.811  4.310   -4.117  1.00 51.52 ? 31  GLN A CA  1 
ATOM   218 C C   . GLN A 1 31 ? 23.854  3.172   -3.782  1.00 51.59 ? 31  GLN A C   1 
ATOM   219 O O   . GLN A 1 31 ? 23.246  2.640   -4.689  1.00 54.40 ? 31  GLN A O   1 
ATOM   220 C CB  . GLN A 1 31 ? 23.993  5.563   -4.416  1.00 51.07 ? 31  GLN A CB  1 
ATOM   221 C CG  . GLN A 1 31 ? 24.822  6.831   -4.489  1.00 49.02 ? 31  GLN A CG  1 
ATOM   222 C CD  . GLN A 1 31 ? 24.011  8.053   -4.823  1.00 49.34 ? 31  GLN A CD  1 
ATOM   223 O OE1 . GLN A 1 31 ? 22.894  8.215   -4.370  1.00 47.96 ? 31  GLN A OE1 1 
ATOM   224 N NE2 . GLN A 1 31 ? 24.593  8.947   -5.596  1.00 52.42 ? 31  GLN A NE2 1 
ATOM   225 N N   . THR A 1 32 ? 23.758  2.789   -2.517  1.00 48.59 ? 32  THR A N   1 
ATOM   226 C CA  . THR A 1 32 ? 22.840  1.681   -2.158  1.00 51.34 ? 32  THR A CA  1 
ATOM   227 C C   . THR A 1 32 ? 21.965  2.103   -0.974  1.00 54.23 ? 32  THR A C   1 
ATOM   228 O O   . THR A 1 32 ? 22.509  2.579   0.017   1.00 51.48 ? 32  THR A O   1 
ATOM   229 C CB  . THR A 1 32 ? 23.595  0.358   -2.056  1.00 51.66 ? 32  THR A CB  1 
ATOM   230 O OG1 . THR A 1 32 ? 23.440  -0.106  -0.724  1.00 55.49 ? 32  THR A OG1 1 
ATOM   231 C CG2 . THR A 1 32 ? 25.055  0.488   -2.408  1.00 46.86 ? 32  THR A CG2 1 
ATOM   232 N N   . ILE A 1 33 ? 20.657  1.943   -1.113  1.00 49.28 ? 33  ILE A N   1 
ATOM   233 C CA  . ILE A 1 33 ? 19.724  2.385   -0.049  1.00 47.18 ? 33  ILE A CA  1 
ATOM   234 C C   . ILE A 1 33 ? 18.933  1.183   0.439   1.00 46.76 ? 33  ILE A C   1 
ATOM   235 O O   . ILE A 1 33 ? 18.643  0.314   -0.347  1.00 46.88 ? 33  ILE A O   1 
ATOM   236 C CB  . ILE A 1 33 ? 18.778  3.458   -0.606  1.00 49.32 ? 33  ILE A CB  1 
ATOM   237 C CG1 . ILE A 1 33 ? 19.513  4.766   -0.881  1.00 47.68 ? 33  ILE A CG1 1 
ATOM   238 C CG2 . ILE A 1 33 ? 17.600  3.660   0.321   1.00 47.15 ? 33  ILE A CG2 1 
ATOM   239 C CD1 . ILE A 1 33 ? 18.762  5.715   -1.755  1.00 50.15 ? 33  ILE A CD1 1 
ATOM   240 N N   . ILE A 1 34 ? 18.672  1.134   1.747   1.00 46.03 ? 34  ILE A N   1 
ATOM   241 C CA  . ILE A 1 34 ? 17.798  0.066   2.317   1.00 48.03 ? 34  ILE A CA  1 
ATOM   242 C C   . ILE A 1 34 ? 16.461  0.700   2.711   1.00 46.35 ? 34  ILE A C   1 
ATOM   243 O O   . ILE A 1 34 ? 16.454  1.718   3.378   1.00 43.66 ? 34  ILE A O   1 
ATOM   244 C CB  . ILE A 1 34 ? 18.423  -0.780  3.442   1.00 50.54 ? 34  ILE A CB  1 
ATOM   245 C CG1 . ILE A 1 34 ? 17.644  -0.643  4.741   1.00 49.55 ? 34  ILE A CG1 1 
ATOM   246 C CG2 . ILE A 1 34 ? 19.909  -0.543  3.628   1.00 56.67 ? 34  ILE A CG2 1 
ATOM   247 C CD1 . ILE A 1 34 ? 17.413  -1.951  5.410   1.00 60.16 ? 34  ILE A CD1 1 
ATOM   248 N N   . GLY A 1 35 ? 15.376  0.107   2.224   1.00 43.78 ? 35  GLY A N   1 
ATOM   249 C CA  . GLY A 1 35 ? 14.020  0.625   2.438   1.00 40.74 ? 35  GLY A CA  1 
ATOM   250 C C   . GLY A 1 35 ? 13.348  0.841   1.102   1.00 42.01 ? 35  GLY A C   1 
ATOM   251 O O   . GLY A 1 35 ? 13.839  1.638   0.321   1.00 38.19 ? 35  GLY A O   1 
ATOM   252 N N   . VAL A 1 36 ? 12.248  0.134   0.870   1.00 41.97 ? 36  VAL A N   1 
ATOM   253 C CA  . VAL A 1 36 ? 11.522  0.259   -0.419  1.00 41.92 ? 36  VAL A CA  1 
ATOM   254 C C   . VAL A 1 36 ? 10.039  0.498   -0.170  1.00 41.61 ? 36  VAL A C   1 
ATOM   255 O O   . VAL A 1 36 ? 9.478   -0.166  0.666   1.00 40.20 ? 36  VAL A O   1 
ATOM   256 C CB  . VAL A 1 36 ? 11.711  -0.989  -1.293  1.00 42.35 ? 36  VAL A CB  1 
ATOM   257 C CG1 . VAL A 1 36 ? 10.855  -0.906  -2.537  1.00 41.25 ? 36  VAL A CG1 1 
ATOM   258 C CG2 . VAL A 1 36 ? 13.162  -1.189  -1.661  1.00 42.70 ? 36  VAL A CG2 1 
ATOM   259 N N   . TRP A 1 37 ? 9.470   1.438   -0.916  1.00 41.38 ? 37  TRP A N   1 
ATOM   260 C CA  . TRP A 1 37 ? 8.025   1.744   -0.859  1.00 39.74 ? 37  TRP A CA  1 
ATOM   261 C C   . TRP A 1 37 ? 7.343   1.017   -2.015  1.00 43.99 ? 37  TRP A C   1 
ATOM   262 O O   . TRP A 1 37 ? 7.661   1.310   -3.160  1.00 42.02 ? 37  TRP A O   1 
ATOM   263 C CB  . TRP A 1 37 ? 7.780   3.251   -0.929  1.00 39.03 ? 37  TRP A CB  1 
ATOM   264 C CG  . TRP A 1 37 ? 8.170   3.950   0.328   1.00 40.31 ? 37  TRP A CG  1 
ATOM   265 C CD1 . TRP A 1 37 ? 9.204   4.813   0.507   1.00 41.17 ? 37  TRP A CD1 1 
ATOM   266 C CD2 . TRP A 1 37 ? 7.550   3.804   1.610   1.00 40.13 ? 37  TRP A CD2 1 
ATOM   267 N NE1 . TRP A 1 37 ? 9.261   5.224   1.804   1.00 42.13 ? 37  TRP A NE1 1 
ATOM   268 C CE2 . TRP A 1 37 ? 8.266   4.614   2.507   1.00 42.13 ? 37  TRP A CE2 1 
ATOM   269 C CE3 . TRP A 1 37 ? 6.461   3.075   2.086   1.00 42.13 ? 37  TRP A CE3 1 
ATOM   270 C CZ2 . TRP A 1 37 ? 7.915   4.720   3.846   1.00 49.55 ? 37  TRP A CZ2 1 
ATOM   271 C CZ3 . TRP A 1 37 ? 6.124   3.170   3.413   1.00 49.55 ? 37  TRP A CZ3 1 
ATOM   272 C CH2 . TRP A 1 37 ? 6.842   3.986   4.280   1.00 56.98 ? 37  TRP A CH2 1 
ATOM   273 N N   . HIS A 1 38 ? 6.466   0.072   -1.696  1.00 37.12 ? 38  HIS A N   1 
ATOM   274 C CA  . HIS A 1 38 ? 5.693   -0.673  -2.718  1.00 41.01 ? 38  HIS A CA  1 
ATOM   275 C C   . HIS A 1 38 ? 4.329   -0.001  -2.855  1.00 39.84 ? 38  HIS A C   1 
ATOM   276 O O   . HIS A 1 38 ? 3.553   -0.071  -1.925  1.00 37.09 ? 38  HIS A O   1 
ATOM   277 C CB  . HIS A 1 38 ? 5.589   -2.149  -2.336  1.00 41.36 ? 38  HIS A CB  1 
ATOM   278 C CG  . HIS A 1 38 ? 6.899   -2.760  -2.005  1.00 42.06 ? 38  HIS A CG  1 
ATOM   279 N ND1 . HIS A 1 38 ? 7.674   -3.368  -2.941  1.00 45.82 ? 38  HIS A ND1 1 
ATOM   280 C CD2 . HIS A 1 38 ? 7.570   -2.856  -0.849  1.00 43.67 ? 38  HIS A CD2 1 
ATOM   281 C CE1 . HIS A 1 38 ? 8.762   -3.816  -2.378  1.00 42.60 ? 38  HIS A CE1 1 
ATOM   282 N NE2 . HIS A 1 38 ? 8.724   -3.517  -1.106  1.00 43.35 ? 38  HIS A NE2 1 
ATOM   283 N N   . LEU A 1 39 ? 4.061   0.641   -3.984  1.00 36.77 ? 39  LEU A N   1 
ATOM   284 C CA  . LEU A 1 39 ? 2.791   1.384   -4.153  1.00 38.83 ? 39  LEU A CA  1 
ATOM   285 C C   . LEU A 1 39 ? 1.712   0.550   -4.844  1.00 44.15 ? 39  LEU A C   1 
ATOM   286 O O   . LEU A 1 39 ? 2.046   -0.353  -5.589  1.00 43.19 ? 39  LEU A O   1 
ATOM   287 C CB  . LEU A 1 39 ? 3.085   2.625   -4.995  1.00 44.08 ? 39  LEU A CB  1 
ATOM   288 C CG  . LEU A 1 39 ? 4.352   3.379   -4.626  1.00 39.36 ? 39  LEU A CG  1 
ATOM   289 C CD1 . LEU A 1 39 ? 4.564   4.561   -5.543  1.00 42.76 ? 39  LEU A CD1 1 
ATOM   290 C CD2 . LEU A 1 39 ? 4.277   3.834   -3.192  1.00 37.71 ? 39  LEU A CD2 1 
ATOM   291 N N   . THR A 1 40 ? 0.457   0.935   -4.639  1.00 40.06 ? 40  THR A N   1 
ATOM   292 C CA  . THR A 1 40 ? -0.695  0.261   -5.276  1.00 42.46 ? 40  THR A CA  1 
ATOM   293 C C   . THR A 1 40 ? -0.677  0.555   -6.773  1.00 48.39 ? 40  THR A C   1 
ATOM   294 O O   . THR A 1 40 ? -1.082  -0.293  -7.537  1.00 50.23 ? 40  THR A O   1 
ATOM   295 C CB  . THR A 1 40 ? -2.016  0.681   -4.633  1.00 42.58 ? 40  THR A CB  1 
ATOM   296 O OG1 . THR A 1 40 ? -2.136  2.094   -4.696  1.00 38.92 ? 40  THR A OG1 1 
ATOM   297 C CG2 . THR A 1 40 ? -2.148  0.200   -3.208  1.00 39.96 ? 40  THR A CG2 1 
ATOM   298 N N   . GLN A 1 41 ? -0.235  1.742   -7.152  1.00 46.28 ? 41  GLN A N   1 
ATOM   299 C CA  . GLN A 1 41 ? -0.128  2.070   -8.588  1.00 48.43 ? 41  GLN A CA  1 
ATOM   300 C C   . GLN A 1 41 ? 1.222   2.745   -8.814  1.00 52.51 ? 41  GLN A C   1 
ATOM   301 O O   . GLN A 1 41 ? 1.554   3.660   -8.074  1.00 51.66 ? 41  GLN A O   1 
ATOM   302 C CB  . GLN A 1 41 ? -1.303  2.926   -9.036  1.00 52.76 ? 41  GLN A CB  1 
ATOM   303 C CG  . GLN A 1 41 ? -2.643  2.264   -8.776  1.00 51.69 ? 41  GLN A CG  1 
ATOM   304 C CD  . GLN A 1 41 ? -3.786  3.235   -8.875  1.00 54.70 ? 41  GLN A CD  1 
ATOM   305 O OE1 . GLN A 1 41 ? -4.086  3.965   -7.946  1.00 60.36 ? 41  GLN A OE1 1 
ATOM   306 N NE2 . GLN A 1 41 ? -4.432  3.253   -10.020 1.00 57.55 ? 41  GLN A NE2 1 
ATOM   307 N N   . GLY A 1 42 ? 1.996   2.247   -9.765  1.00 50.77 ? 42  GLY A N   1 
ATOM   308 C CA  . GLY A 1 42 ? 3.300   2.850   -10.063 1.00 51.03 ? 42  GLY A CA  1 
ATOM   309 C C   . GLY A 1 42 ? 4.453   1.976   -9.625  1.00 50.08 ? 42  GLY A C   1 
ATOM   310 O O   . GLY A 1 42 ? 4.240   1.037   -8.875  1.00 47.64 ? 42  GLY A O   1 
ATOM   311 N N   . ASP A 1 43 ? 5.649   2.304   -10.092 1.00 50.51 ? 43  ASP A N   1 
ATOM   312 C CA  . ASP A 1 43 ? 6.858   1.511   -9.774  1.00 51.01 ? 43  ASP A CA  1 
ATOM   313 C C   . ASP A 1 43 ? 7.254   1.725   -8.316  1.00 47.70 ? 43  ASP A C   1 
ATOM   314 O O   . ASP A 1 43 ? 6.931   2.751   -7.769  1.00 47.15 ? 43  ASP A O   1 
ATOM   315 C CB  . ASP A 1 43 ? 8.028   1.909   -10.671 1.00 55.45 ? 43  ASP A CB  1 
ATOM   316 C CG  . ASP A 1 43 ? 7.770   1.686   -12.147 1.00 55.87 ? 43  ASP A CG  1 
ATOM   317 O OD1 . ASP A 1 43 ? 7.249   0.633   -12.492 1.00 55.51 ? 43  ASP A OD1 1 
ATOM   318 O OD2 . ASP A 1 43 ? 8.084   2.577   -12.923 1.00 57.81 ? 43  ASP A OD2 1 
ATOM   319 N N   . ASP A 1 44 ? 7.929   0.745   -7.732  1.00 49.47 ? 44  ASP A N   1 
ATOM   320 C CA  . ASP A 1 44 ? 8.426   0.858   -6.342  1.00 46.40 ? 44  ASP A CA  1 
ATOM   321 C C   . ASP A 1 44 ? 9.385   2.044   -6.271  1.00 47.45 ? 44  ASP A C   1 
ATOM   322 O O   . ASP A 1 44 ? 9.893   2.442   -7.300  1.00 51.26 ? 44  ASP A O   1 
ATOM   323 C CB  . ASP A 1 44 ? 9.227   -0.378  -5.945  1.00 45.29 ? 44  ASP A CB  1 
ATOM   324 C CG  . ASP A 1 44 ? 8.456   -1.679  -5.934  1.00 47.84 ? 44  ASP A CG  1 
ATOM   325 O OD1 . ASP A 1 44 ? 7.236   -1.637  -6.026  1.00 46.58 ? 44  ASP A OD1 1 
ATOM   326 O OD2 . ASP A 1 44 ? 9.097   -2.710  -5.813  1.00 47.21 ? 44  ASP A OD2 1 
ATOM   327 N N   . ILE A 1 45 ? 9.621   2.549   -5.073  1.00 43.84 ? 45  ILE A N   1 
ATOM   328 C CA  . ILE A 1 45 ? 10.562  3.682   -4.930  1.00 43.31 ? 45  ILE A CA  1 
ATOM   329 C C   . ILE A 1 45 ? 11.385  3.485   -3.669  1.00 44.68 ? 45  ILE A C   1 
ATOM   330 O O   . ILE A 1 45 ? 10.869  2.995   -2.688  1.00 43.69 ? 45  ILE A O   1 
ATOM   331 C CB  . ILE A 1 45 ? 9.811   5.022   -4.901  1.00 44.39 ? 45  ILE A CB  1 
ATOM   332 C CG1 . ILE A 1 45 ? 8.820   5.094   -3.746  1.00 43.18 ? 45  ILE A CG1 1 
ATOM   333 C CG2 . ILE A 1 45 ? 9.142   5.282   -6.231  1.00 48.56 ? 45  ILE A CG2 1 
ATOM   334 C CD1 . ILE A 1 45 ? 7.885   6.246   -3.828  1.00 45.33 ? 45  ILE A CD1 1 
ATOM   335 N N   . CYS A 1 46 ? 12.644  3.858   -3.759  1.00 43.21 ? 46  CYS A N   1 
ATOM   336 C CA  . CYS A 1 46 ? 13.528  3.783   -2.590  1.00 40.98 ? 46  CYS A CA  1 
ATOM   337 C C   . CYS A 1 46 ? 13.038  4.786   -1.563  1.00 41.45 ? 46  CYS A C   1 
ATOM   338 O O   . CYS A 1 46 ? 12.484  5.798   -1.933  1.00 42.43 ? 46  CYS A O   1 
ATOM   339 C CB  . CYS A 1 46 ? 14.926  4.232   -2.969  1.00 42.84 ? 46  CYS A CB  1 
ATOM   340 S SG  . CYS A 1 46 ? 15.620  3.225   -4.291  1.00 60.06 ? 46  CYS A SG  1 
ATOM   341 N N   . HIS A 1 47 ? 13.273  4.468   -0.299  1.00 39.89 ? 47  HIS A N   1 
ATOM   342 C CA  . HIS A 1 47 ? 12.968  5.365   0.838   1.00 42.64 ? 47  HIS A CA  1 
ATOM   343 C C   . HIS A 1 47 ? 14.124  6.368   0.903   1.00 45.22 ? 47  HIS A C   1 
ATOM   344 O O   . HIS A 1 47 ? 15.050  6.150   1.687   1.00 41.69 ? 47  HIS A O   1 
ATOM   345 C CB  . HIS A 1 47 ? 12.832  4.514   2.098   1.00 39.53 ? 47  HIS A CB  1 
ATOM   346 C CG  . HIS A 1 47 ? 12.436  5.274   3.308   1.00 41.33 ? 47  HIS A CG  1 
ATOM   347 N ND1 . HIS A 1 47 ? 11.708  6.415   3.243   1.00 38.10 ? 47  HIS A ND1 1 
ATOM   348 C CD2 . HIS A 1 47 ? 12.674  5.052   4.606   1.00 42.95 ? 47  HIS A CD2 1 
ATOM   349 C CE1 . HIS A 1 47 ? 11.520  6.869   4.449   1.00 42.13 ? 47  HIS A CE1 1 
ATOM   350 N NE2 . HIS A 1 47 ? 12.094  6.056   5.296   1.00 42.34 ? 47  HIS A NE2 1 
ATOM   351 N N   . ASN A 1 48 ? 14.072  7.395   0.059   1.00 43.52 ? 48  ASN A N   1 
ATOM   352 C CA  . ASN A 1 48 ? 15.178  8.373   -0.062  1.00 45.03 ? 48  ASN A CA  1 
ATOM   353 C C   . ASN A 1 48 ? 14.666  9.792   0.153   1.00 45.53 ? 48  ASN A C   1 
ATOM   354 O O   . ASN A 1 48 ? 15.381  10.714  -0.190  1.00 44.97 ? 48  ASN A O   1 
ATOM   355 C CB  . ASN A 1 48 ? 15.815  8.286   -1.445  1.00 43.09 ? 48  ASN A CB  1 
ATOM   356 C CG  . ASN A 1 48 ? 14.826  8.562   -2.554  1.00 44.41 ? 48  ASN A CG  1 
ATOM   357 O OD1 . ASN A 1 48 ? 13.672  8.849   -2.299  1.00 45.28 ? 48  ASN A OD1 1 
ATOM   358 N ND2 . ASN A 1 48 ? 15.268  8.469   -3.790  1.00 48.61 ? 48  ASN A ND2 1 
ATOM   359 N N   . GLY A 1 49 ? 13.443  9.950   0.662   1.00 43.97 ? 49  GLY A N   1 
ATOM   360 C CA  . GLY A 1 49 ? 12.894  11.289  0.950   1.00 46.35 ? 49  GLY A CA  1 
ATOM   361 C C   . GLY A 1 49 ? 11.890  11.805  -0.063  1.00 43.88 ? 49  GLY A C   1 
ATOM   362 O O   . GLY A 1 49 ? 11.257  12.800  0.231   1.00 39.43 ? 49  GLY A O   1 
ATOM   363 N N   . GLU A 1 50 ? 11.780  11.165  -1.227  1.00 43.53 ? 50  GLU A N   1 
ATOM   364 C CA  . GLU A 1 50 ? 10.809  11.620  -2.253  1.00 42.95 ? 50  GLU A CA  1 
ATOM   365 C C   . GLU A 1 50 ? 9.415   11.464  -1.659  1.00 41.77 ? 50  GLU A C   1 
ATOM   366 O O   . GLU A 1 50 ? 8.575   12.316  -1.877  1.00 40.65 ? 50  GLU A O   1 
ATOM   367 C CB  . GLU A 1 50 ? 10.931  10.812  -3.541  1.00 43.99 ? 50  GLU A CB  1 
ATOM   368 C CG  . GLU A 1 50 ? 12.143  11.158  -4.373  1.00 50.14 ? 50  GLU A CG  1 
ATOM   369 C CD  . GLU A 1 50 ? 12.082  12.478  -5.116  1.00 58.87 ? 50  GLU A CD  1 
ATOM   370 O OE1 . GLU A 1 50 ? 11.022  12.805  -5.658  1.00 59.70 ? 50  GLU A OE1 1 
ATOM   371 O OE2 . GLU A 1 50 ? 13.100  13.182  -5.142  1.00 64.22 ? 50  GLU A OE2 1 
ATOM   372 N N   . ALA A 1 51 ? 9.224   10.369  -0.941  1.00 39.69 ? 51  ALA A N   1 
ATOM   373 C CA  . ALA A 1 51 ? 7.950   10.087  -0.262  1.00 40.14 ? 51  ALA A CA  1 
ATOM   374 C C   . ALA A 1 51 ? 8.120   10.435  1.211   1.00 41.33 ? 51  ALA A C   1 
ATOM   375 O O   . ALA A 1 51 ? 9.149   10.123  1.783   1.00 39.34 ? 51  ALA A O   1 
ATOM   376 C CB  . ALA A 1 51 ? 7.569   8.644   -0.423  1.00 39.53 ? 51  ALA A CB  1 
ATOM   377 N N   . GLU A 1 52 ? 7.115   11.097  1.774   1.00 39.31 ? 52  GLU A N   1 
ATOM   378 C CA  . GLU A 1 52 ? 7.136   11.520  3.192   1.00 38.93 ? 52  GLU A CA  1 
ATOM   379 C C   . GLU A 1 52 ? 6.098   10.692  3.945   1.00 42.77 ? 52  GLU A C   1 
ATOM   380 O O   . GLU A 1 52 ? 4.987   10.579  3.469   1.00 40.19 ? 52  GLU A O   1 
ATOM   381 C CB  . GLU A 1 52 ? 6.898   13.023  3.283   1.00 37.97 ? 52  GLU A CB  1 
ATOM   382 C CG  . GLU A 1 52 ? 8.070   13.833  2.778   1.00 38.55 ? 52  GLU A CG  1 
ATOM   383 C CD  . GLU A 1 52 ? 9.282   13.803  3.685   1.00 41.82 ? 52  GLU A CD  1 
ATOM   384 O OE1 . GLU A 1 52 ? 9.107   13.612  4.863   1.00 42.13 ? 52  GLU A OE1 1 
ATOM   385 O OE2 . GLU A 1 52 ? 10.378  13.959  3.194   1.00 42.13 ? 52  GLU A OE2 1 
ATOM   386 N N   . ILE A 1 53 ? 6.481   10.138  5.088   1.00 38.54 ? 53  ILE A N   1 
ATOM   387 C CA  . ILE A 1 53 ? 5.588   9.252   5.877   1.00 40.59 ? 53  ILE A CA  1 
ATOM   388 C C   . ILE A 1 53 ? 4.599   10.081  6.688   1.00 43.16 ? 53  ILE A C   1 
ATOM   389 O O   . ILE A 1 53 ? 5.037   10.817  7.545   1.00 41.69 ? 53  ILE A O   1 
ATOM   390 C CB  . ILE A 1 53 ? 6.423   8.345   6.789   1.00 39.43 ? 53  ILE A CB  1 
ATOM   391 C CG1 . ILE A 1 53 ? 7.376   7.470   5.984   1.00 39.50 ? 53  ILE A CG1 1 
ATOM   392 C CG2 . ILE A 1 53 ? 5.528   7.518   7.683   1.00 40.88 ? 53  ILE A CG2 1 
ATOM   393 C CD1 . ILE A 1 53 ? 8.366   6.729   6.820   1.00 40.24 ? 53  ILE A CD1 1 
ATOM   394 N N   . LEU A 1 54 ? 3.303   9.900   6.456   1.00 41.13 ? 54  LEU A N   1 
ATOM   395 C CA  . LEU A 1 54 ? 2.262   10.647  7.200   1.00 40.72 ? 54  LEU A CA  1 
ATOM   396 C C   . LEU A 1 54 ? 1.842   9.890   8.462   1.00 45.89 ? 54  LEU A C   1 
ATOM   397 O O   . LEU A 1 54 ? 1.654   10.523  9.474   1.00 49.58 ? 54  LEU A O   1 
ATOM   398 C CB  . LEU A 1 54 ? 1.053   10.854  6.291   1.00 40.16 ? 54  LEU A CB  1 
ATOM   399 C CG  . LEU A 1 54 ? 1.332   11.552  4.969   1.00 42.47 ? 54  LEU A CG  1 
ATOM   400 C CD1 . LEU A 1 54 ? 0.070   11.672  4.154   1.00 35.53 ? 54  LEU A CD1 1 
ATOM   401 C CD2 . LEU A 1 54 ? 1.932   12.919  5.202   1.00 43.62 ? 54  LEU A CD2 1 
ATOM   402 N N   . ALA A 1 55 ? 1.684   8.578   8.370   1.00 41.45 ? 55  ALA A N   1 
ATOM   403 C CA  . ALA A 1 55 ? 1.249   7.814   9.553   1.00 40.50 ? 55  ALA A CA  1 
ATOM   404 C C   . ALA A 1 55 ? 1.546   6.334   9.370   1.00 44.10 ? 55  ALA A C   1 
ATOM   405 O O   . ALA A 1 55 ? 1.587   5.882   8.251   1.00 41.08 ? 55  ALA A O   1 
ATOM   406 C CB  . ALA A 1 55 ? -0.215  8.033   9.780   1.00 42.72 ? 55  ALA A CB  1 
ATOM   407 N N   . GLY A 1 56 ? 1.724   5.610   10.465  1.00 39.25 ? 56  GLY A N   1 
ATOM   408 C CA  . GLY A 1 56 ? 1.962   4.169   10.339  1.00 41.24 ? 56  GLY A CA  1 
ATOM   409 C C   . GLY A 1 56 ? 3.041   3.677   11.268  1.00 44.11 ? 56  GLY A C   1 
ATOM   410 O O   . GLY A 1 56 ? 3.631   4.480   11.968  1.00 45.02 ? 56  GLY A O   1 
ATOM   411 N N   . PRO A 1 57 ? 3.306   2.360   11.321  1.00 45.54 ? 57  PRO A N   1 
ATOM   412 C CA  . PRO A 1 57 ? 2.617   1.388   10.478  1.00 45.52 ? 57  PRO A CA  1 
ATOM   413 C C   . PRO A 1 57 ? 1.183   1.122   10.951  1.00 46.79 ? 57  PRO A C   1 
ATOM   414 O O   . PRO A 1 57 ? 0.972   1.045   12.113  1.00 45.77 ? 57  PRO A O   1 
ATOM   415 C CB  . PRO A 1 57 ? 3.450   0.122   10.654  1.00 43.57 ? 57  PRO A CB  1 
ATOM   416 C CG  . PRO A 1 57 ? 4.016   0.264   12.025  1.00 47.36 ? 57  PRO A CG  1 
ATOM   417 C CD  . PRO A 1 57 ? 4.288   1.739   12.182  1.00 43.82 ? 57  PRO A CD  1 
ATOM   418 N N   . LEU A 1 58 ? 0.265   0.977   10.003  1.00 45.68 ? 58  LEU A N   1 
ATOM   419 C CA  . LEU A 1 58 ? -1.172  0.749   10.282  1.00 45.19 ? 58  LEU A CA  1 
ATOM   420 C C   . LEU A 1 58 ? -1.418  -0.628  10.893  1.00 48.20 ? 58  LEU A C   1 
ATOM   421 O O   . LEU A 1 58 ? -0.917  -1.600  10.368  1.00 45.06 ? 58  LEU A O   1 
ATOM   422 C CB  . LEU A 1 58 ? -1.938  0.870   8.970   1.00 43.90 ? 58  LEU A CB  1 
ATOM   423 C CG  . LEU A 1 58 ? -1.779  2.196   8.249   1.00 42.44 ? 58  LEU A CG  1 
ATOM   424 C CD1 . LEU A 1 58 ? -2.589  2.212   6.977   1.00 42.12 ? 58  LEU A CD1 1 
ATOM   425 C CD2 . LEU A 1 58 ? -2.189  3.338   9.148   1.00 47.39 ? 58  LEU A CD2 1 
ATOM   426 N N   . GLU A 1 59 ? -2.193  -0.647  11.968  1.00 50.23 ? 59  GLU A N   1 
ATOM   427 C CA  . GLU A 1 59 ? -2.514  -1.910  12.657  1.00 50.99 ? 59  GLU A CA  1 
ATOM   428 C C   . GLU A 1 59 ? -3.531  -2.653  11.809  1.00 46.32 ? 59  GLU A C   1 
ATOM   429 O O   . GLU A 1 59 ? -4.559  -2.093  11.492  1.00 45.95 ? 59  GLU A O   1 
ATOM   430 C CB  . GLU A 1 59 ? -3.143  -1.635  14.018  1.00 53.06 ? 59  GLU A CB  1 
ATOM   431 C CG  . GLU A 1 59 ? -3.414  -2.908  14.782  1.00 57.69 ? 59  GLU A CG  1 
ATOM   432 C CD  . GLU A 1 59 ? -2.205  -3.405  15.550  1.00 65.60 ? 59  GLU A CD  1 
ATOM   433 O OE1 . GLU A 1 59 ? -1.570  -4.381  15.112  1.00 63.99 ? 59  GLU A OE1 1 
ATOM   434 O OE2 . GLU A 1 59 ? -1.907  -2.809  16.584  1.00 69.99 ? 59  GLU A OE2 1 
ATOM   435 N N   . PRO A 1 60 ? -3.283  -3.907  11.405  1.00 46.45 ? 60  PRO A N   1 
ATOM   436 C CA  . PRO A 1 60 ? -4.236  -4.649  10.603  1.00 49.26 ? 60  PRO A CA  1 
ATOM   437 C C   . PRO A 1 60 ? -5.432  -5.003  11.489  1.00 49.56 ? 60  PRO A C   1 
ATOM   438 O O   . PRO A 1 60 ? -5.256  -5.191  12.649  1.00 49.36 ? 60  PRO A O   1 
ATOM   439 C CB  . PRO A 1 60 ? -3.468  -5.886  10.167  1.00 45.71 ? 60  PRO A CB  1 
ATOM   440 C CG  . PRO A 1 60 ? -2.443  -6.055  11.229  1.00 47.64 ? 60  PRO A CG  1 
ATOM   441 C CD  . PRO A 1 60 ? -2.093  -4.665  11.692  1.00 47.05 ? 60  PRO A CD  1 
ATOM   442 N N   . PRO A 1 61 ? -6.660  -5.095  10.953  1.00 47.45 ? 61  PRO A N   1 
ATOM   443 C CA  . PRO A 1 61 ? -7.820  -5.352  11.777  1.00 47.53 ? 61  PRO A CA  1 
ATOM   444 C C   . PRO A 1 61 ? -7.984  -6.819  12.178  1.00 47.53 ? 61  PRO A C   1 
ATOM   445 O O   . PRO A 1 61 ? -8.842  -7.093  12.949  1.00 52.01 ? 61  PRO A O   1 
ATOM   446 C CB  . PRO A 1 61 ? -8.960  -4.865  10.889  1.00 48.35 ? 61  PRO A CB  1 
ATOM   447 C CG  . PRO A 1 61 ? -8.486  -5.137  9.500   1.00 47.83 ? 61  PRO A CG  1 
ATOM   448 C CD  . PRO A 1 61 ? -6.985  -4.987  9.548   1.00 46.52 ? 61  PRO A CD  1 
ATOM   449 N N   . ILE A 1 62 ? -7.122  -7.694  11.679  1.00 49.33 ? 62  ILE A N   1 
ATOM   450 C CA  . ILE A 1 62 ? -7.224  -9.139  12.018  1.00 51.18 ? 62  ILE A CA  1 
ATOM   451 C C   . ILE A 1 62 ? -5.832  -9.761  11.921  1.00 48.92 ? 62  ILE A C   1 
ATOM   452 O O   . ILE A 1 62 ? -5.067  -9.248  11.108  1.00 51.15 ? 62  ILE A O   1 
ATOM   453 C CB  . ILE A 1 62 ? -8.226  -9.832  11.080  1.00 52.20 ? 62  ILE A CB  1 
ATOM   454 C CG1 . ILE A 1 62 ? -9.245  -10.656 11.861  1.00 53.33 ? 62  ILE A CG1 1 
ATOM   455 C CG2 . ILE A 1 62 ? -7.517  -10.681 10.048  1.00 46.94 ? 62  ILE A CG2 1 
ATOM   456 C CD1 . ILE A 1 62 ? -8.709  -11.972 12.321  1.00 57.53 ? 62  ILE A CD1 1 
ATOM   457 N N   . MET B 1 1  ? -17.402 -0.749  -3.319  1.00 59.83 ? 1   MET B N   1 
ATOM   458 C CA  . MET B 1 1  ? -18.420 0.316   -3.538  1.00 60.08 ? 1   MET B CA  1 
ATOM   459 C C   . MET B 1 1  ? -17.733 1.621   -3.948  1.00 56.80 ? 1   MET B C   1 
ATOM   460 O O   . MET B 1 1  ? -17.665 1.879   -5.132  1.00 56.92 ? 1   MET B O   1 
ATOM   461 C CB  . MET B 1 1  ? -19.243 0.553   -2.271  1.00 62.63 ? 1   MET B CB  1 
ATOM   462 C CG  . MET B 1 1  ? -20.695 0.816   -2.553  1.00 63.17 ? 1   MET B CG  1 
ATOM   463 S SD  . MET B 1 1  ? -20.850 1.454   -4.211  1.00 83.64 ? 1   MET B SD  1 
ATOM   464 C CE  . MET B 1 1  ? -22.044 0.307   -4.895  1.00 63.27 ? 1   MET B CE  1 
ATOM   465 N N   . LYS B 1 2  ? -17.239 2.395   -2.991  1.00 55.68 ? 2   LYS B N   1 
ATOM   466 C CA  . LYS B 1 2  ? -16.569 3.677   -3.313  1.00 54.05 ? 2   LYS B CA  1 
ATOM   467 C C   . LYS B 1 2  ? -15.063 3.470   -3.487  1.00 53.53 ? 2   LYS B C   1 
ATOM   468 O O   . LYS B 1 2  ? -14.498 2.654   -2.783  1.00 52.29 ? 2   LYS B O   1 
ATOM   469 C CB  . LYS B 1 2  ? -16.802 4.687   -2.190  1.00 56.56 ? 2   LYS B CB  1 
ATOM   470 C CG  . LYS B 1 2  ? -15.685 5.700   -2.018  1.00 60.42 ? 2   LYS B CG  1 
ATOM   471 C CD  . LYS B 1 2  ? -15.890 6.662   -0.868  1.00 65.91 ? 2   LYS B CD  1 
ATOM   472 C CE  . LYS B 1 2  ? -14.975 7.860   -0.963  1.00 62.78 ? 2   LYS B CE  1 
ATOM   473 N NZ  . LYS B 1 2  ? -14.467 8.021   -2.345  1.00 64.37 ? 2   LYS B NZ  1 
ATOM   474 N N   . GLU B 1 3  ? -14.467 4.205   -4.425  1.00 51.16 ? 3   GLU B N   1 
ATOM   475 C CA  . GLU B 1 3  ? -13.012 4.136   -4.691  1.00 48.11 ? 3   GLU B CA  1 
ATOM   476 C C   . GLU B 1 3  ? -12.280 4.547   -3.412  1.00 51.94 ? 3   GLU B C   1 
ATOM   477 O O   . GLU B 1 3  ? -12.768 5.433   -2.720  1.00 47.77 ? 3   GLU B O   1 
ATOM   478 C CB  . GLU B 1 3  ? -12.636 5.018   -5.877  1.00 50.56 ? 3   GLU B CB  1 
ATOM   479 C CG  . GLU B 1 3  ? -13.292 4.598   -7.179  1.00 53.30 ? 3   GLU B CG  1 
ATOM   480 C CD  . GLU B 1 3  ? -12.740 5.218   -8.450  1.00 60.50 ? 3   GLU B CD  1 
ATOM   481 O OE1 . GLU B 1 3  ? -12.706 6.447   -8.533  1.00 67.60 ? 3   GLU B OE1 1 
ATOM   482 O OE2 . GLU B 1 3  ? -12.349 4.473   -9.350  1.00 56.77 ? 3   GLU B OE2 1 
ATOM   483 N N   . GLY B 1 4  ? -11.158 3.897   -3.129  1.00 45.73 ? 4   GLY B N   1 
ATOM   484 C CA  . GLY B 1 4  ? -10.388 4.232   -1.928  1.00 42.88 ? 4   GLY B CA  1 
ATOM   485 C C   . GLY B 1 4  ? -9.529  3.079   -1.486  1.00 43.58 ? 4   GLY B C   1 
ATOM   486 O O   . GLY B 1 4  ? -9.492  2.070   -2.182  1.00 41.65 ? 4   GLY B O   1 
ATOM   487 N N   . PHE B 1 5  ? -8.855  3.265   -0.356  1.00 39.22 ? 5   PHE B N   1 
ATOM   488 C CA  . PHE B 1 5  ? -7.994  2.225   0.238   1.00 39.21 ? 5   PHE B CA  1 
ATOM   489 C C   . PHE B 1 5  ? -8.846  1.410   1.205   1.00 38.67 ? 5   PHE B C   1 
ATOM   490 O O   . PHE B 1 5  ? -9.641  1.962   1.930   1.00 38.64 ? 5   PHE B O   1 
ATOM   491 C CB  . PHE B 1 5  ? -6.751  2.842   0.874   1.00 40.50 ? 5   PHE B CB  1 
ATOM   492 C CG  . PHE B 1 5  ? -5.837  3.524   -0.106  1.00 39.60 ? 5   PHE B CG  1 
ATOM   493 C CD1 . PHE B 1 5  ? -6.020  4.849   -0.431  1.00 41.57 ? 5   PHE B CD1 1 
ATOM   494 C CD2 . PHE B 1 5  ? -4.814  2.834   -0.722  1.00 38.24 ? 5   PHE B CD2 1 
ATOM   495 C CE1 . PHE B 1 5  ? -5.191  5.471   -1.341  1.00 42.13 ? 5   PHE B CE1 1 
ATOM   496 C CE2 . PHE B 1 5  ? -3.982  3.462   -1.625  1.00 42.13 ? 5   PHE B CE2 1 
ATOM   497 C CZ  . PHE B 1 5  ? -4.167  4.781   -1.928  1.00 49.55 ? 5   PHE B CZ  1 
ATOM   498 N N   . TYR B 1 6  ? -8.600  0.115   1.189   1.00 38.31 ? 6   TYR B N   1 
ATOM   499 C CA  . TYR B 1 6  ? -9.347  -0.815  2.041   1.00 36.29 ? 6   TYR B CA  1 
ATOM   500 C C   . TYR B 1 6  ? -8.417  -1.919  2.520   1.00 38.46 ? 6   TYR B C   1 
ATOM   501 O O   . TYR B 1 6  ? -7.495  -2.287  1.837   1.00 34.28 ? 6   TYR B O   1 
ATOM   502 C CB  . TYR B 1 6  ? -10.374 -1.558  1.189   1.00 39.38 ? 6   TYR B CB  1 
ATOM   503 C CG  . TYR B 1 6  ? -11.552 -0.752  0.717   1.00 42.01 ? 6   TYR B CG  1 
ATOM   504 C CD1 . TYR B 1 6  ? -11.470 0.020   -0.420  1.00 42.54 ? 6   TYR B CD1 1 
ATOM   505 C CD2 . TYR B 1 6  ? -12.760 -0.793  1.385   1.00 43.66 ? 6   TYR B CD2 1 
ATOM   506 C CE1 . TYR B 1 6  ? -12.549 0.745   -0.878  1.00 42.93 ? 6   TYR B CE1 1 
ATOM   507 C CE2 . TYR B 1 6  ? -13.848 -0.065  0.948   1.00 42.13 ? 6   TYR B CE2 1 
ATOM   508 C CZ  . TYR B 1 6  ? -13.741 0.704   -0.193  1.00 49.55 ? 6   TYR B CZ  1 
ATOM   509 O OH  . TYR B 1 6  ? -14.791 1.429   -0.649  1.00 56.98 ? 6   TYR B OH  1 
ATOM   510 N N   . TRP B 1 7  ? -8.693  -2.410  3.716   1.00 36.18 ? 7   TRP B N   1 
ATOM   511 C CA  . TRP B 1 7  ? -7.991  -3.608  4.215   1.00 38.71 ? 7   TRP B CA  1 
ATOM   512 C C   . TRP B 1 7  ? -8.710  -4.790  3.566   1.00 40.22 ? 7   TRP B C   1 
ATOM   513 O O   . TRP B 1 7  ? -9.928  -4.835  3.616   1.00 35.21 ? 7   TRP B O   1 
ATOM   514 C CB  . TRP B 1 7  ? -8.068  -3.695  5.737   1.00 39.27 ? 7   TRP B CB  1 
ATOM   515 C CG  . TRP B 1 7  ? -7.067  -2.871  6.478   1.00 41.22 ? 7   TRP B CG  1 
ATOM   516 C CD1 . TRP B 1 7  ? -7.285  -1.684  7.102   1.00 43.01 ? 7   TRP B CD1 1 
ATOM   517 C CD2 . TRP B 1 7  ? -5.691  -3.193  6.718   1.00 42.91 ? 7   TRP B CD2 1 
ATOM   518 N NE1 . TRP B 1 7  ? -6.144  -1.241  7.701   1.00 42.13 ? 7   TRP B NE1 1 
ATOM   519 C CE2 . TRP B 1 7  ? -5.151  -2.148  7.484   1.00 42.13 ? 7   TRP B CE2 1 
ATOM   520 C CE3 . TRP B 1 7  ? -4.868  -4.260  6.367   1.00 42.31 ? 7   TRP B CE3 1 
ATOM   521 C CZ2 . TRP B 1 7  ? -3.828  -2.136  7.900   1.00 49.55 ? 7   TRP B CZ2 1 
ATOM   522 C CZ3 . TRP B 1 7  ? -3.559  -4.246  6.776   1.00 49.55 ? 7   TRP B CZ3 1 
ATOM   523 C CH2 . TRP B 1 7  ? -3.048  -3.198  7.528   1.00 56.98 ? 7   TRP B CH2 1 
ATOM   524 N N   . ILE B 1 8  ? -7.957  -5.648  2.907   1.00 39.55 ? 8   ILE B N   1 
ATOM   525 C CA  . ILE B 1 8  ? -8.573  -6.839  2.284   1.00 39.61 ? 8   ILE B CA  1 
ATOM   526 C C   . ILE B 1 8  ? -7.738  -8.049  2.658   1.00 38.63 ? 8   ILE B C   1 
ATOM   527 O O   . ILE B 1 8  ? -6.640  -7.902  3.156   1.00 35.94 ? 8   ILE B O   1 
ATOM   528 C CB  . ILE B 1 8  ? -8.626  -6.707  0.755   1.00 39.16 ? 8   ILE B CB  1 
ATOM   529 C CG1 . ILE B 1 8  ? -7.235  -6.822  0.133   1.00 39.38 ? 8   ILE B CG1 1 
ATOM   530 C CG2 . ILE B 1 8  ? -9.325  -5.438  0.339   1.00 39.05 ? 8   ILE B CG2 1 
ATOM   531 C CD1 . ILE B 1 8  ? -7.251  -7.045  -1.347  1.00 37.48 ? 8   ILE B CD1 1 
ATOM   532 N N   . GLN B 1 9  ? -8.317  -9.222  2.453   1.00 39.09 ? 9   GLN B N   1 
ATOM   533 C CA  . GLN B 1 9  ? -7.576  -10.485 2.631   1.00 37.96 ? 9   GLN B CA  1 
ATOM   534 C C   . GLN B 1 9  ? -7.640  -11.219 1.297   1.00 39.83 ? 9   GLN B C   1 
ATOM   535 O O   . GLN B 1 9  ? -8.712  -11.371 0.761   1.00 38.96 ? 9   GLN B O   1 
ATOM   536 C CB  . GLN B 1 9  ? -8.052  -11.320 3.812   1.00 37.00 ? 9   GLN B CB  1 
ATOM   537 C CG  . GLN B 1 9  ? -7.202  -12.563 3.998   1.00 40.53 ? 9   GLN B CG  1 
ATOM   538 C CD  . GLN B 1 9  ? -7.458  -13.319 5.271   1.00 43.34 ? 9   GLN B CD  1 
ATOM   539 O OE1 . GLN B 1 9  ? -7.536  -12.748 6.340   1.00 42.13 ? 9   GLN B OE1 1 
ATOM   540 N NE2 . GLN B 1 9  ? -7.559  -14.626 5.163   1.00 42.13 ? 9   GLN B NE2 1 
ATOM   541 N N   . HIS B 1 10 ? -6.474  -11.580 0.777   1.00 41.23 ? 10  HIS B N   1 
ATOM   542 C CA  . HIS B 1 10 ? -6.378  -12.277 -0.523  1.00 41.02 ? 10  HIS B CA  1 
ATOM   543 C C   . HIS B 1 10 ? -5.350  -13.390 -0.403  1.00 43.37 ? 10  HIS B C   1 
ATOM   544 O O   . HIS B 1 10 ? -4.205  -13.083 -0.162  1.00 42.59 ? 10  HIS B O   1 
ATOM   545 C CB  . HIS B 1 10 ? -5.986  -11.291 -1.615  1.00 41.68 ? 10  HIS B CB  1 
ATOM   546 C CG  . HIS B 1 10 ? -5.862  -11.922 -2.954  1.00 43.38 ? 10  HIS B CG  1 
ATOM   547 N ND1 . HIS B 1 10 ? -4.691  -11.938 -3.647  1.00 43.81 ? 10  HIS B ND1 1 
ATOM   548 C CD2 . HIS B 1 10 ? -6.761  -12.554 -3.722  1.00 43.77 ? 10  HIS B CD2 1 
ATOM   549 C CE1 . HIS B 1 10 ? -4.869  -12.558 -4.778  1.00 43.28 ? 10  HIS B CE1 1 
ATOM   550 N NE2 . HIS B 1 10 ? -6.126  -12.932 -4.853  1.00 42.13 ? 10  HIS B NE2 1 
ATOM   551 N N   . ASN B 1 11 ? -5.777  -14.637 -0.531  1.00 40.52 ? 11  ASN B N   1 
ATOM   552 C CA  . ASN B 1 11 ? -4.847  -15.783 -0.434  1.00 42.99 ? 11  ASN B CA  1 
ATOM   553 C C   . ASN B 1 11 ? -4.190  -15.805 0.937   1.00 43.06 ? 11  ASN B C   1 
ATOM   554 O O   . ASN B 1 11 ? -3.029  -16.126 0.997   1.00 44.40 ? 11  ASN B O   1 
ATOM   555 C CB  . ASN B 1 11 ? -3.797  -15.769 -1.536  1.00 44.92 ? 11  ASN B CB  1 
ATOM   556 C CG  . ASN B 1 11 ? -4.374  -16.161 -2.874  1.00 47.54 ? 11  ASN B CG  1 
ATOM   557 O OD1 . ASN B 1 11 ? -5.450  -16.731 -2.952  1.00 47.63 ? 11  ASN B OD1 1 
ATOM   558 N ND2 . ASN B 1 11 ? -3.674  -15.830 -3.936  1.00 50.46 ? 11  ASN B ND2 1 
ATOM   559 N N   . GLY B 1 12 ? -4.942  -15.463 1.978   1.00 41.61 ? 12  GLY B N   1 
ATOM   560 C CA  . GLY B 1 12 ? -4.464  -15.520 3.369   1.00 40.50 ? 12  GLY B CA  1 
ATOM   561 C C   . GLY B 1 12 ? -3.626  -14.331 3.783   1.00 43.53 ? 12  GLY B C   1 
ATOM   562 O O   . GLY B 1 12 ? -3.237  -14.282 4.928   1.00 45.06 ? 12  GLY B O   1 
ATOM   563 N N   . ARG B 1 13 ? -3.405  -13.393 2.870   1.00 43.91 ? 13  ARG B N   1 
ATOM   564 C CA  . ARG B 1 13 ? -2.562  -12.209 3.148   1.00 40.93 ? 13  ARG B CA  1 
ATOM   565 C C   . ARG B 1 13 ? -3.432  -10.981 3.414   1.00 42.00 ? 13  ARG B C   1 
ATOM   566 O O   . ARG B 1 13 ? -4.147  -10.559 2.529   1.00 37.42 ? 13  ARG B O   1 
ATOM   567 C CB  . ARG B 1 13 ? -1.606  -11.991 1.979   1.00 45.22 ? 13  ARG B CB  1 
ATOM   568 C CG  . ARG B 1 13 ? -0.995  -10.603 1.913   1.00 49.56 ? 13  ARG B CG  1 
ATOM   569 C CD  . ARG B 1 13 ? 0.071   -10.382 2.958   1.00 54.70 ? 13  ARG B CD  1 
ATOM   570 N NE  . ARG B 1 13 ? 1.125   -9.527  2.444   1.00 62.88 ? 13  ARG B NE  1 
ATOM   571 C CZ  . ARG B 1 13 ? 1.591   -8.451  3.053   1.00 62.68 ? 13  ARG B CZ  1 
ATOM   572 N NH1 . ARG B 1 13 ? 1.326   -8.249  4.333   1.00 58.23 ? 13  ARG B NH1 1 
ATOM   573 N NH2 . ARG B 1 13 ? 2.322   -7.588  2.374   1.00 58.67 ? 13  ARG B NH2 1 
ATOM   574 N N   . VAL B 1 14 ? -3.360  -10.463 4.640   1.00 40.52 ? 14  VAL B N   1 
ATOM   575 C CA  . VAL B 1 14 ? -4.092  -9.243  5.078   1.00 39.96 ? 14  VAL B CA  1 
ATOM   576 C C   . VAL B 1 14 ? -3.256  -8.067  4.581   1.00 39.22 ? 14  VAL B C   1 
ATOM   577 O O   . VAL B 1 14 ? -2.082  -8.033  4.852   1.00 39.07 ? 14  VAL B O   1 
ATOM   578 C CB  . VAL B 1 14 ? -4.287  -9.234  6.602   1.00 42.75 ? 14  VAL B CB  1 
ATOM   579 C CG1 . VAL B 1 14 ? -4.928  -7.957  7.085   1.00 41.13 ? 14  VAL B CG1 1 
ATOM   580 C CG2 . VAL B 1 14 ? -5.100  -10.429 7.050   1.00 42.67 ? 14  VAL B CG2 1 
ATOM   581 N N   . GLN B 1 15 ? -3.886  -7.150  3.875   1.00 40.44 ? 15  GLN B N   1 
ATOM   582 C CA  . GLN B 1 15 ? -3.094  -6.076  3.259   1.00 38.30 ? 15  GLN B CA  1 
ATOM   583 C C   . GLN B 1 15 ? -4.015  -4.930  2.860   1.00 41.59 ? 15  GLN B C   1 
ATOM   584 O O   . GLN B 1 15 ? -5.214  -5.134  2.783   1.00 36.53 ? 15  GLN B O   1 
ATOM   585 C CB  . GLN B 1 15 ? -2.436  -6.659  2.014   1.00 35.22 ? 15  GLN B CB  1 
ATOM   586 C CG  . GLN B 1 15 ? -3.440  -7.073  0.954   1.00 38.73 ? 15  GLN B CG  1 
ATOM   587 C CD  . GLN B 1 15 ? -2.818  -7.826  -0.194  1.00 42.78 ? 15  GLN B CD  1 
ATOM   588 O OE1 . GLN B 1 15 ? -2.950  -9.031  -0.323  1.00 43.20 ? 15  GLN B OE1 1 
ATOM   589 N NE2 . GLN B 1 15 ? -2.132  -7.112  -1.049  1.00 42.13 ? 15  GLN B NE2 1 
ATOM   590 N N   . VAL B 1 16 ? -3.422  -3.766  2.638   1.00 37.48 ? 16  VAL B N   1 
ATOM   591 C CA  . VAL B 1 16 ? -4.198  -2.596  2.166   1.00 36.52 ? 16  VAL B CA  1 
ATOM   592 C C   . VAL B 1 16 ? -4.052  -2.553  0.649   1.00 36.45 ? 16  VAL B C   1 
ATOM   593 O O   . VAL B 1 16 ? -2.959  -2.746  0.176   1.00 31.28 ? 16  VAL B O   1 
ATOM   594 C CB  . VAL B 1 16 ? -3.730  -1.282  2.815   1.00 37.64 ? 16  VAL B CB  1 
ATOM   595 C CG1 . VAL B 1 16 ? -4.471  -0.101  2.238   1.00 35.78 ? 16  VAL B CG1 1 
ATOM   596 C CG2 . VAL B 1 16 ? -3.870  -1.299  4.324   1.00 37.45 ? 16  VAL B CG2 1 
ATOM   597 N N   . ALA B 1 17 ? -5.159  -2.361  -0.048  1.00 35.98 ? 17  ALA B N   1 
ATOM   598 C CA  . ALA B 1 17 ? -5.137  -2.272  -1.515  1.00 36.89 ? 17  ALA B CA  1 
ATOM   599 C C   . ALA B 1 17 ? -6.029  -1.114  -1.942  1.00 39.47 ? 17  ALA B C   1 
ATOM   600 O O   . ALA B 1 17 ? -6.860  -0.690  -1.164  1.00 38.33 ? 17  ALA B O   1 
ATOM   601 C CB  . ALA B 1 17 ? -5.588  -3.566  -2.119  1.00 37.17 ? 17  ALA B CB  1 
ATOM   602 N N   . TYR B 1 18 ? -5.814  -0.620  -3.150  1.00 38.87 ? 18  TYR B N   1 
ATOM   603 C CA  . TYR B 1 18 ? -6.623  0.498   -3.670  1.00 41.77 ? 18  TYR B CA  1 
ATOM   604 C C   . TYR B 1 18 ? -7.719  -0.059  -4.571  1.00 42.33 ? 18  TYR B C   1 
ATOM   605 O O   . TYR B 1 18 ? -7.445  -0.880  -5.411  1.00 41.33 ? 18  TYR B O   1 
ATOM   606 C CB  . TYR B 1 18 ? -5.758  1.520   -4.404  1.00 42.63 ? 18  TYR B CB  1 
ATOM   607 C CG  . TYR B 1 18 ? -6.500  2.785   -4.736  1.00 44.48 ? 18  TYR B CG  1 
ATOM   608 C CD1 . TYR B 1 18 ? -6.846  3.681   -3.748  1.00 43.81 ? 18  TYR B CD1 1 
ATOM   609 C CD2 . TYR B 1 18 ? -6.888  3.070   -6.027  1.00 48.35 ? 18  TYR B CD2 1 
ATOM   610 C CE1 . TYR B 1 18 ? -7.550  4.832   -4.030  1.00 46.89 ? 18  TYR B CE1 1 
ATOM   611 C CE2 . TYR B 1 18 ? -7.593  4.218   -6.330  1.00 50.73 ? 18  TYR B CE2 1 
ATOM   612 C CZ  . TYR B 1 18 ? -7.926  5.102   -5.326  1.00 49.62 ? 18  TYR B CZ  1 
ATOM   613 O OH  . TYR B 1 18 ? -8.609  6.242   -5.612  1.00 59.13 ? 18  TYR B OH  1 
ATOM   614 N N   . TYR B 1 19 ? -8.920  0.470   -4.413  1.00 46.26 ? 19  TYR B N   1 
ATOM   615 C CA  . TYR B 1 19 ? -10.070 0.009   -5.214  1.00 44.61 ? 19  TYR B CA  1 
ATOM   616 C C   . TYR B 1 19 ? -10.517 1.090   -6.192  1.00 49.31 ? 19  TYR B C   1 
ATOM   617 O O   . TYR B 1 19 ? -10.791 2.194   -5.769  1.00 46.42 ? 19  TYR B O   1 
ATOM   618 C CB  . TYR B 1 19 ? -11.237 -0.313  -4.292  1.00 42.94 ? 19  TYR B CB  1 
ATOM   619 C CG  . TYR B 1 19 ? -12.462 -0.783  -5.018  1.00 47.58 ? 19  TYR B CG  1 
ATOM   620 C CD1 . TYR B 1 19 ? -12.583 -2.090  -5.445  1.00 47.25 ? 19  TYR B CD1 1 
ATOM   621 C CD2 . TYR B 1 19 ? -13.497 0.083   -5.290  1.00 49.53 ? 19  TYR B CD2 1 
ATOM   622 C CE1 . TYR B 1 19 ? -13.706 -2.528  -6.118  1.00 48.68 ? 19  TYR B CE1 1 
ATOM   623 C CE2 . TYR B 1 19 ? -14.624 -0.337  -5.964  1.00 53.95 ? 19  TYR B CE2 1 
ATOM   624 C CZ  . TYR B 1 19 ? -14.731 -1.646  -6.379  1.00 51.42 ? 19  TYR B CZ  1 
ATOM   625 O OH  . TYR B 1 19 ? -15.849 -2.053  -7.035  1.00 56.98 ? 19  TYR B OH  1 
ATOM   626 N N   . THR B 1 20 ? -10.589 0.735   -7.468  1.00 47.76 ? 20  THR B N   1 
ATOM   627 C CA  . THR B 1 20 ? -11.102 1.663   -8.497  1.00 50.30 ? 20  THR B CA  1 
ATOM   628 C C   . THR B 1 20 ? -12.188 0.944   -9.291  1.00 49.29 ? 20  THR B C   1 
ATOM   629 O O   . THR B 1 20 ? -12.237 -0.266  -9.257  1.00 49.29 ? 20  THR B O   1 
ATOM   630 C CB  . THR B 1 20 ? -10.000 2.142   -9.444  1.00 50.31 ? 20  THR B CB  1 
ATOM   631 O OG1 . THR B 1 20 ? -9.599  1.059   -10.275 1.00 50.46 ? 20  THR B OG1 1 
ATOM   632 C CG2 . THR B 1 20 ? -8.795  2.683   -8.716  1.00 52.44 ? 20  THR B CG2 1 
ATOM   633 N N   . HIS B 1 21 ? -12.997 1.703   -10.017 1.00 57.15 ? 21  HIS B N   1 
ATOM   634 C CA  . HIS B 1 21 ? -14.089 1.136   -10.846 1.00 58.35 ? 21  HIS B CA  1 
ATOM   635 C C   . HIS B 1 21 ? -13.545 0.706   -12.207 1.00 56.40 ? 21  HIS B C   1 
ATOM   636 O O   . HIS B 1 21 ? -12.836 1.511   -12.788 1.00 61.16 ? 21  HIS B O   1 
ATOM   637 C CB  . HIS B 1 21 ? -15.211 2.157   -10.974 1.00 55.11 ? 21  HIS B CB  1 
ATOM   638 C CG  . HIS B 1 21 ? -15.817 2.479   -9.657  1.00 54.53 ? 21  HIS B CG  1 
ATOM   639 N ND1 . HIS B 1 21 ? -16.119 3.751   -9.284  1.00 58.07 ? 21  HIS B ND1 1 
ATOM   640 C CD2 . HIS B 1 21 ? -16.155 1.695   -8.622  1.00 56.08 ? 21  HIS B CD2 1 
ATOM   641 C CE1 . HIS B 1 21 ? -16.631 3.741   -8.077  1.00 57.09 ? 21  HIS B CE1 1 
ATOM   642 N NE2 . HIS B 1 21 ? -16.666 2.501   -7.653  1.00 53.29 ? 21  HIS B NE2 1 
ATOM   643 N N   . GLY B 1 35 ? -14.643 -2.964  -11.187 1.00 55.53 ? 35  GLY B N   1 
ATOM   644 C CA  . GLY B 1 35 ? -14.095 -3.276  -9.857  1.00 47.78 ? 35  GLY B CA  1 
ATOM   645 C C   . GLY B 1 35 ? -12.719 -3.897  -9.954  1.00 46.55 ? 35  GLY B C   1 
ATOM   646 O O   . GLY B 1 35 ? -12.623 -5.023  -10.390 1.00 47.53 ? 35  GLY B O   1 
ATOM   647 N N   . VAL B 1 36 ? -11.687 -3.176  -9.531  1.00 46.69 ? 36  VAL B N   1 
ATOM   648 C CA  . VAL B 1 36 ? -10.304 -3.717  -9.615  1.00 47.19 ? 36  VAL B CA  1 
ATOM   649 C C   . VAL B 1 36 ? -9.540  -3.416  -8.328  1.00 45.31 ? 36  VAL B C   1 
ATOM   650 O O   . VAL B 1 36 ? -9.667  -2.327  -7.815  1.00 43.88 ? 36  VAL B O   1 
ATOM   651 C CB  . VAL B 1 36 ? -9.555  -3.114  -10.809 1.00 47.47 ? 36  VAL B CB  1 
ATOM   652 C CG1 . VAL B 1 36 ? -8.124  -3.596  -10.861 1.00 45.94 ? 36  VAL B CG1 1 
ATOM   653 C CG2 . VAL B 1 36 ? -10.268 -3.380  -12.113 1.00 46.09 ? 36  VAL B CG2 1 
ATOM   654 N N   . TRP B 1 37 ? -8.734  -4.373  -7.880  1.00 44.46 ? 37  TRP B N   1 
ATOM   655 C CA  . TRP B 1 37 ? -7.903  -4.200  -6.668  1.00 43.54 ? 37  TRP B CA  1 
ATOM   656 C C   . TRP B 1 37 ? -6.447  -3.972  -7.068  1.00 44.75 ? 37  TRP B C   1 
ATOM   657 O O   . TRP B 1 37 ? -5.861  -4.865  -7.655  1.00 41.21 ? 37  TRP B O   1 
ATOM   658 C CB  . TRP B 1 37 ? -8.001  -5.420  -5.752  1.00 40.48 ? 37  TRP B CB  1 
ATOM   659 C CG  . TRP B 1 37 ? -9.305  -5.530  -5.039  1.00 42.86 ? 37  TRP B CG  1 
ATOM   660 C CD1 . TRP B 1 37 ? -10.272 -6.466  -5.231  1.00 43.41 ? 37  TRP B CD1 1 
ATOM   661 C CD2 . TRP B 1 37 ? -9.792  -4.662  -4.013  1.00 41.35 ? 37  TRP B CD2 1 
ATOM   662 N NE1 . TRP B 1 37 ? -11.322 -6.240  -4.394  1.00 42.13 ? 37  TRP B NE1 1 
ATOM   663 C CE2 . TRP B 1 37 ? -11.059 -5.139  -3.639  1.00 42.13 ? 37  TRP B CE2 1 
ATOM   664 C CE3 . TRP B 1 37 ? -9.280  -3.536  -3.376  1.00 42.13 ? 37  TRP B CE3 1 
ATOM   665 C CZ2 . TRP B 1 37 ? -11.821 -4.524  -2.659  1.00 49.55 ? 37  TRP B CZ2 1 
ATOM   666 C CZ3 . TRP B 1 37 ? -10.030 -2.926  -2.407  1.00 49.55 ? 37  TRP B CZ3 1 
ATOM   667 C CH2 . TRP B 1 37 ? -11.282 -3.415  -2.058  1.00 56.98 ? 37  TRP B CH2 1 
ATOM   668 N N   . HIS B 1 38 ? -5.919  -2.799  -6.742  1.00 40.15 ? 38  HIS B N   1 
ATOM   669 C CA  . HIS B 1 38 ? -4.501  -2.467  -7.005  1.00 40.50 ? 38  HIS B CA  1 
ATOM   670 C C   . HIS B 1 38 ? -3.730  -2.818  -5.745  1.00 42.46 ? 38  HIS B C   1 
ATOM   671 O O   . HIS B 1 38 ? -3.954  -2.177  -4.727  1.00 40.42 ? 38  HIS B O   1 
ATOM   672 C CB  . HIS B 1 38 ? -4.349  -1.000  -7.386  1.00 42.67 ? 38  HIS B CB  1 
ATOM   673 C CG  . HIS B 1 38 ? -5.090  -0.643  -8.620  1.00 45.92 ? 38  HIS B CG  1 
ATOM   674 N ND1 . HIS B 1 38 ? -4.687  -1.047  -9.855  1.00 47.04 ? 38  HIS B ND1 1 
ATOM   675 C CD2 . HIS B 1 38 ? -6.216  0.060   -8.811  1.00 50.90 ? 38  HIS B CD2 1 
ATOM   676 C CE1 . HIS B 1 38 ? -5.516  -0.596  -10.752 1.00 43.34 ? 38  HIS B CE1 1 
ATOM   677 N NE2 . HIS B 1 38 ? -6.452  0.079   -10.144 1.00 51.75 ? 38  HIS B NE2 1 
ATOM   678 N N   . LEU B 1 39 ? -2.903  -3.851  -5.828  1.00 38.73 ? 39  LEU B N   1 
ATOM   679 C CA  . LEU B 1 39 ? -2.161  -4.330  -4.646  1.00 41.10 ? 39  LEU B CA  1 
ATOM   680 C C   . LEU B 1 39 ? -0.759  -3.727  -4.594  1.00 44.41 ? 39  LEU B C   1 
ATOM   681 O O   . LEU B 1 39 ? -0.207  -3.416  -5.635  1.00 41.52 ? 39  LEU B O   1 
ATOM   682 C CB  . LEU B 1 39 ? -2.059  -5.852  -4.698  1.00 40.81 ? 39  LEU B CB  1 
ATOM   683 C CG  . LEU B 1 39 ? -3.340  -6.615  -4.985  1.00 42.77 ? 39  LEU B CG  1 
ATOM   684 C CD1 . LEU B 1 39 ? -3.065  -8.102  -4.981  1.00 46.27 ? 39  LEU B CD1 1 
ATOM   685 C CD2 . LEU B 1 39 ? -4.399  -6.283  -3.967  1.00 43.56 ? 39  LEU B CD2 1 
ATOM   686 N N   . THR B 1 40 ? -0.205  -3.632  -3.389  1.00 40.33 ? 40  THR B N   1 
ATOM   687 C CA  . THR B 1 40 ? 1.153   -3.085  -3.197  1.00 41.46 ? 40  THR B CA  1 
ATOM   688 C C   . THR B 1 40 ? 2.161   -4.042  -3.821  1.00 49.82 ? 40  THR B C   1 
ATOM   689 O O   . THR B 1 40 ? 3.134   -3.563  -4.375  1.00 52.81 ? 40  THR B O   1 
ATOM   690 C CB  . THR B 1 40 ? 1.440   -2.789  -1.730  1.00 41.34 ? 40  THR B CB  1 
ATOM   691 O OG1 . THR B 1 40 ? 1.286   -4.007  -1.015  1.00 38.67 ? 40  THR B OG1 1 
ATOM   692 C CG2 . THR B 1 40 ? 0.520   -1.728  -1.181  1.00 40.15 ? 40  THR B CG2 1 
ATOM   693 N N   . GLN B 1 41 ? 1.934   -5.345  -3.703  1.00 45.90 ? 41  GLN B N   1 
ATOM   694 C CA  . GLN B 1 41 ? 2.863   -6.312  -4.328  1.00 48.04 ? 41  GLN B CA  1 
ATOM   695 C C   . GLN B 1 41 ? 2.032   -7.320  -5.130  1.00 49.74 ? 41  GLN B C   1 
ATOM   696 O O   . GLN B 1 41 ? 0.998   -7.750  -4.639  1.00 52.97 ? 41  GLN B O   1 
ATOM   697 C CB  . GLN B 1 41 ? 3.770   -6.942  -3.278  1.00 48.99 ? 41  GLN B CB  1 
ATOM   698 C CG  . GLN B 1 41 ? 4.776   -5.979  -2.679  1.00 48.08 ? 41  GLN B CG  1 
ATOM   699 C CD  . GLN B 1 41 ? 5.685   -6.623  -1.663  1.00 49.98 ? 41  GLN B CD  1 
ATOM   700 O OE1 . GLN B 1 41 ? 5.290   -6.910  -0.544  1.00 53.12 ? 41  GLN B OE1 1 
ATOM   701 N NE2 . GLN B 1 41 ? 6.922   -6.858  -2.045  1.00 49.60 ? 41  GLN B NE2 1 
ATOM   702 N N   . GLY B 1 42 ? 2.438   -7.617  -6.356  1.00 49.03 ? 42  GLY B N   1 
ATOM   703 C CA  . GLY B 1 42 ? 1.689   -8.580  -7.175  1.00 47.83 ? 42  GLY B CA  1 
ATOM   704 C C   . GLY B 1 42 ? 0.777   -7.887  -8.162  1.00 50.38 ? 42  GLY B C   1 
ATOM   705 O O   . GLY B 1 42 ? 0.533   -6.711  -7.995  1.00 50.11 ? 42  GLY B O   1 
ATOM   706 N N   . ASP B 1 43 ? 0.248   -8.636  -9.115  1.00 50.97 ? 43  ASP B N   1 
ATOM   707 C CA  . ASP B 1 43 ? -0.590  -8.057  -10.187 1.00 50.93 ? 43  ASP B CA  1 
ATOM   708 C C   . ASP B 1 43 ? -1.963  -7.663  -9.663  1.00 49.41 ? 43  ASP B C   1 
ATOM   709 O O   . ASP B 1 43 ? -2.428  -8.292  -8.736  1.00 49.17 ? 43  ASP B O   1 
ATOM   710 C CB  . ASP B 1 43 ? -0.843  -9.094  -11.278 1.00 55.93 ? 43  ASP B CB  1 
ATOM   711 C CG  . ASP B 1 43 ? 0.394   -9.544  -12.020 1.00 57.56 ? 43  ASP B CG  1 
ATOM   712 O OD1 . ASP B 1 43 ? 1.352   -8.782  -12.072 1.00 62.27 ? 43  ASP B OD1 1 
ATOM   713 O OD2 . ASP B 1 43 ? 0.367   -10.645 -12.551 1.00 66.71 ? 43  ASP B OD2 1 
ATOM   714 N N   . ASP B 1 44 ? -2.558  -6.660  -10.295 1.00 48.73 ? 44  ASP B N   1 
ATOM   715 C CA  . ASP B 1 44 ? -3.925  -6.224  -9.940  1.00 50.72 ? 44  ASP B CA  1 
ATOM   716 C C   . ASP B 1 44 ? -4.846  -7.428  -10.097 1.00 49.00 ? 44  ASP B C   1 
ATOM   717 O O   . ASP B 1 44 ? -4.565  -8.264  -10.925 1.00 52.76 ? 44  ASP B O   1 
ATOM   718 C CB  . ASP B 1 44 ? -4.423  -5.135  -10.882 1.00 45.10 ? 44  ASP B CB  1 
ATOM   719 C CG  . ASP B 1 44 ? -3.484  -3.956  -10.983 1.00 54.26 ? 44  ASP B CG  1 
ATOM   720 O OD1 . ASP B 1 44 ? -2.699  -3.758  -10.059 1.00 47.05 ? 44  ASP B OD1 1 
ATOM   721 O OD2 . ASP B 1 44 ? -3.557  -3.255  -11.994 1.00 61.67 ? 44  ASP B OD2 1 
ATOM   722 N N   . ILE B 1 45 ? -5.879  -7.492  -9.284  1.00 48.50 ? 45  ILE B N   1 
ATOM   723 C CA  . ILE B 1 45 ? -6.863  -8.587  -9.416  1.00 47.75 ? 45  ILE B CA  1 
ATOM   724 C C   . ILE B 1 45 ? -8.231  -7.931  -9.416  1.00 49.44 ? 45  ILE B C   1 
ATOM   725 O O   . ILE B 1 45 ? -8.396  -6.892  -8.797  1.00 47.41 ? 45  ILE B O   1 
ATOM   726 C CB  . ILE B 1 45 ? -6.729  -9.588  -8.266  1.00 49.81 ? 45  ILE B CB  1 
ATOM   727 C CG1 . ILE B 1 45 ? -6.890  -8.899  -6.912  1.00 45.56 ? 45  ILE B CG1 1 
ATOM   728 C CG2 . ILE B 1 45 ? -5.425  -10.339 -8.383  1.00 46.50 ? 45  ILE B CG2 1 
ATOM   729 C CD1 . ILE B 1 45 ? -6.821  -9.827  -5.748  1.00 48.11 ? 45  ILE B CD1 1 
ATOM   730 N N   . CYS B 1 46 ? -9.155  -8.501  -10.171 1.00 50.68 ? 46  CYS B N   1 
ATOM   731 C CA  . CYS B 1 46 ? -10.527 -7.962  -10.185 1.00 50.31 ? 46  CYS B CA  1 
ATOM   732 C C   . CYS B 1 46 ? -11.250 -8.453  -8.939  1.00 48.00 ? 46  CYS B C   1 
ATOM   733 O O   . CYS B 1 46 ? -10.818 -9.410  -8.345  1.00 45.39 ? 46  CYS B O   1 
ATOM   734 C CB  . CYS B 1 46 ? -11.299 -8.443  -11.400 1.00 57.24 ? 46  CYS B CB  1 
ATOM   735 S SG  . CYS B 1 46 ? -10.807 -7.583  -12.908 1.00 79.27 ? 46  CYS B SG  1 
ATOM   736 N N   . HIS B 1 47 ? -12.269 -7.696  -8.573  1.00 48.54 ? 47  HIS B N   1 
ATOM   737 C CA  . HIS B 1 47 ? -13.142 -7.952  -7.415  1.00 48.11 ? 47  HIS B CA  1 
ATOM   738 C C   . HIS B 1 47 ? -14.127 -9.038  -7.829  1.00 51.94 ? 47  HIS B C   1 
ATOM   739 O O   . HIS B 1 47 ? -15.236 -8.685  -8.193  1.00 54.54 ? 47  HIS B O   1 
ATOM   740 C CB  . HIS B 1 47 ? -13.884 -6.662  -7.088  1.00 47.09 ? 47  HIS B CB  1 
ATOM   741 C CG  . HIS B 1 47 ? -14.553 -6.676  -5.762  1.00 49.27 ? 47  HIS B CG  1 
ATOM   742 N ND1 . HIS B 1 47 ? -14.297 -7.634  -4.828  1.00 49.25 ? 47  HIS B ND1 1 
ATOM   743 C CD2 . HIS B 1 47 ? -15.461 -5.850  -5.217  1.00 48.24 ? 47  HIS B CD2 1 
ATOM   744 C CE1 . HIS B 1 47 ? -15.018 -7.401  -3.766  1.00 43.88 ? 47  HIS B CE1 1 
ATOM   745 N NE2 . HIS B 1 47 ? -15.726 -6.315  -3.976  1.00 44.90 ? 47  HIS B NE2 1 
ATOM   746 N N   . ASN B 1 48 ? -13.711 -10.298 -7.754  1.00 56.38 ? 48  ASN B N   1 
ATOM   747 C CA  . ASN B 1 48 ? -14.560 -11.437 -8.171  1.00 52.07 ? 48  ASN B CA  1 
ATOM   748 C C   . ASN B 1 48 ? -14.810 -12.394 -7.008  1.00 51.50 ? 48  ASN B C   1 
ATOM   749 O O   . ASN B 1 48 ? -15.282 -13.485 -7.270  1.00 54.40 ? 48  ASN B O   1 
ATOM   750 C CB  . ASN B 1 48 ? -13.930 -12.200 -9.329  1.00 54.59 ? 48  ASN B CB  1 
ATOM   751 C CG  . ASN B 1 48 ? -12.485 -12.554 -9.076  1.00 59.50 ? 48  ASN B CG  1 
ATOM   752 O OD1 . ASN B 1 48 ? -11.717 -12.744 -10.009 1.00 65.72 ? 48  ASN B OD1 1 
ATOM   753 N ND2 . ASN B 1 48 ? -12.104 -12.623 -7.820  1.00 62.82 ? 48  ASN B ND2 1 
ATOM   754 N N   . GLY B 1 49 ? -14.487 -12.005 -5.781  1.00 51.57 ? 49  GLY B N   1 
ATOM   755 C CA  . GLY B 1 49 ? -14.724 -12.886 -4.623  1.00 45.49 ? 49  GLY B CA  1 
ATOM   756 C C   . GLY B 1 49 ? -13.450 -13.483 -4.069  1.00 47.74 ? 49  GLY B C   1 
ATOM   757 O O   . GLY B 1 49 ? -13.480 -13.945 -2.943  1.00 44.68 ? 49  GLY B O   1 
ATOM   758 N N   . GLU B 1 50 ? -12.369 -13.464 -4.844  1.00 44.48 ? 50  GLU B N   1 
ATOM   759 C CA  . GLU B 1 50 ? -11.078 -14.029 -4.386  1.00 45.02 ? 50  GLU B CA  1 
ATOM   760 C C   . GLU B 1 50 ? -10.558 -13.207 -3.205  1.00 44.36 ? 50  GLU B C   1 
ATOM   761 O O   . GLU B 1 50 ? -9.961  -13.778 -2.319  1.00 42.75 ? 50  GLU B O   1 
ATOM   762 C CB  . GLU B 1 50 ? -10.038 -13.984 -5.502  1.00 49.76 ? 50  GLU B CB  1 
ATOM   763 C CG  . GLU B 1 50 ? -10.264 -14.993 -6.609  1.00 56.12 ? 50  GLU B CG  1 
ATOM   764 C CD  . GLU B 1 50 ? -10.092 -16.450 -6.233  1.00 57.39 ? 50  GLU B CD  1 
ATOM   765 O OE1 . GLU B 1 50 ? -9.229  -16.752 -5.414  1.00 58.40 ? 50  GLU B OE1 1 
ATOM   766 O OE2 . GLU B 1 50 ? -10.825 -17.273 -6.766  1.00 68.80 ? 50  GLU B OE2 1 
ATOM   767 N N   . ALA B 1 51 ? -10.765 -11.900 -3.252  1.00 43.52 ? 51  ALA B N   1 
ATOM   768 C CA  . ALA B 1 51 ? -10.321 -10.983 -2.185  1.00 43.50 ? 51  ALA B CA  1 
ATOM   769 C C   . ALA B 1 51 ? -11.539 -10.589 -1.365  1.00 43.10 ? 51  ALA B C   1 
ATOM   770 O O   . ALA B 1 51 ? -12.535 -10.201 -1.947  1.00 43.55 ? 51  ALA B O   1 
ATOM   771 C CB  . ALA B 1 51 ? -9.681  -9.762  -2.777  1.00 44.71 ? 51  ALA B CB  1 
ATOM   772 N N   . GLU B 1 52 ? -11.427 -10.716 -0.048  1.00 40.49 ? 52  GLU B N   1 
ATOM   773 C CA  . GLU B 1 52 ? -12.522 -10.374 0.885   1.00 43.12 ? 52  GLU B CA  1 
ATOM   774 C C   . GLU B 1 52 ? -12.191 -9.045  1.557   1.00 42.02 ? 52  GLU B C   1 
ATOM   775 O O   . GLU B 1 52 ? -11.071 -8.854  1.943   1.00 39.18 ? 52  GLU B O   1 
ATOM   776 C CB  . GLU B 1 52 ? -12.763 -11.525 1.853   1.00 41.13 ? 52  GLU B CB  1 
ATOM   777 C CG  . GLU B 1 52 ? -13.219 -12.787 1.155   1.00 41.37 ? 52  GLU B CG  1 
ATOM   778 C CD  . GLU B 1 52 ? -14.643 -12.783 0.643   1.00 41.54 ? 52  GLU B CD  1 
ATOM   779 O OE1 . GLU B 1 52 ? -15.425 -11.994 1.134   1.00 42.13 ? 52  GLU B OE1 1 
ATOM   780 O OE2 . GLU B 1 52 ? -14.946 -13.580 -0.236  1.00 42.13 ? 52  GLU B OE2 1 
ATOM   781 N N   . ILE B 1 53 ? -13.170 -8.152  1.626   1.00 39.74 ? 53  ILE B N   1 
ATOM   782 C CA  . ILE B 1 53 ? -12.993 -6.793  2.203   1.00 41.19 ? 53  ILE B CA  1 
ATOM   783 C C   . ILE B 1 53 ? -13.109 -6.870  3.723   1.00 43.82 ? 53  ILE B C   1 
ATOM   784 O O   . ILE B 1 53 ? -14.131 -7.320  4.209   1.00 41.94 ? 53  ILE B O   1 
ATOM   785 C CB  . ILE B 1 53 ? -14.000 -5.813  1.586   1.00 38.88 ? 53  ILE B CB  1 
ATOM   786 C CG1 . ILE B 1 53 ? -13.802 -5.685  0.078   1.00 40.90 ? 53  ILE B CG1 1 
ATOM   787 C CG2 . ILE B 1 53 ? -13.906 -4.471  2.258   1.00 38.90 ? 53  ILE B CG2 1 
ATOM   788 C CD1 . ILE B 1 53 ? -14.982 -5.112  -0.645  1.00 40.95 ? 53  ILE B CD1 1 
ATOM   789 N N   . LEU B 1 54 ? -12.081 -6.435  4.442   1.00 41.83 ? 54  LEU B N   1 
ATOM   790 C CA  . LEU B 1 54 ? -12.114 -6.511  5.919   1.00 39.29 ? 54  LEU B CA  1 
ATOM   791 C C   . LEU B 1 54 ? -12.565 -5.182  6.522   1.00 43.95 ? 54  LEU B C   1 
ATOM   792 O O   . LEU B 1 54 ? -13.242 -5.199  7.525   1.00 45.23 ? 54  LEU B O   1 
ATOM   793 C CB  . LEU B 1 54 ? -10.709 -6.849  6.402   1.00 40.34 ? 54  LEU B CB  1 
ATOM   794 C CG  . LEU B 1 54 ? -10.197 -8.209  5.969   1.00 39.30 ? 54  LEU B CG  1 
ATOM   795 C CD1 . LEU B 1 54 ? -8.764  -8.392  6.395   1.00 39.08 ? 54  LEU B CD1 1 
ATOM   796 C CD2 . LEU B 1 54 ? -11.064 -9.298  6.552   1.00 47.57 ? 54  LEU B CD2 1 
ATOM   797 N N   . ALA B 1 55 ? -12.170 -4.080  5.907   1.00 40.63 ? 55  ALA B N   1 
ATOM   798 C CA  . ALA B 1 55 ? -12.513 -2.763  6.461   1.00 42.04 ? 55  ALA B CA  1 
ATOM   799 C C   . ALA B 1 55 ? -12.222 -1.685  5.432   1.00 43.22 ? 55  ALA B C   1 
ATOM   800 O O   . ALA B 1 55 ? -11.370 -1.897  4.594   1.00 41.54 ? 55  ALA B O   1 
ATOM   801 C CB  . ALA B 1 55 ? -11.692 -2.541  7.695   1.00 45.53 ? 55  ALA B CB  1 
ATOM   802 N N   . GLY B 1 56 ? -12.918 -0.561  5.513   1.00 42.92 ? 56  GLY B N   1 
ATOM   803 C CA  . GLY B 1 56 ? -12.651 0.542   4.582   1.00 42.70 ? 56  GLY B CA  1 
ATOM   804 C C   . GLY B 1 56 ? -13.913 1.136   4.014   1.00 46.96 ? 56  GLY B C   1 
ATOM   805 O O   . GLY B 1 56 ? -14.980 0.650   4.335   1.00 48.70 ? 56  GLY B O   1 
ATOM   806 N N   . PRO B 1 57 ? -13.841 2.211   3.206   1.00 45.79 ? 57  PRO B N   1 
ATOM   807 C CA  . PRO B 1 57 ? -12.570 2.798   2.782   1.00 44.61 ? 57  PRO B CA  1 
ATOM   808 C C   . PRO B 1 57 ? -11.888 3.560   3.923   1.00 46.44 ? 57  PRO B C   1 
ATOM   809 O O   . PRO B 1 57 ? -12.567 4.137   4.691   1.00 47.43 ? 57  PRO B O   1 
ATOM   810 C CB  . PRO B 1 57 ? -13.002 3.780   1.697   1.00 45.25 ? 57  PRO B CB  1 
ATOM   811 C CG  . PRO B 1 57 ? -14.374 4.173   2.111   1.00 47.70 ? 57  PRO B CG  1 
ATOM   812 C CD  . PRO B 1 57 ? -14.982 2.905   2.651   1.00 44.02 ? 57  PRO B CD  1 
ATOM   813 N N   . LEU B 1 58 ? -10.562 3.531   3.970   1.00 44.52 ? 58  LEU B N   1 
ATOM   814 C CA  . LEU B 1 58 ? -9.813  4.187   5.066   1.00 44.84 ? 58  LEU B CA  1 
ATOM   815 C C   . LEU B 1 58 ? -9.758  5.699   4.865   1.00 44.06 ? 58  LEU B C   1 
ATOM   816 O O   . LEU B 1 58 ? -9.534  6.134   3.762   1.00 42.92 ? 58  LEU B O   1 
ATOM   817 C CB  . LEU B 1 58 ? -8.399  3.609   5.116   1.00 44.43 ? 58  LEU B CB  1 
ATOM   818 C CG  . LEU B 1 58 ? -8.319  2.093   5.111   1.00 42.93 ? 58  LEU B CG  1 
ATOM   819 C CD1 . LEU B 1 58 ? -6.883  1.632   5.132   1.00 42.24 ? 58  LEU B CD1 1 
ATOM   820 C CD2 . LEU B 1 58 ? -9.060  1.530   6.297   1.00 49.16 ? 58  LEU B CD2 1 
ATOM   821 N N   . GLU B 1 59 ? -9.944  6.419   5.952   1.00 45.49 ? 59  GLU B N   1 
ATOM   822 C CA  . GLU B 1 59 ? -9.918  7.884   5.916   1.00 45.69 ? 59  GLU B CA  1 
ATOM   823 C C   . GLU B 1 59 ? -8.457  8.299   5.868   1.00 44.55 ? 59  GLU B C   1 
ATOM   824 O O   . GLU B 1 59 ? -7.709  7.844   6.711   1.00 46.56 ? 59  GLU B O   1 
ATOM   825 C CB  . GLU B 1 59 ? -10.555 8.401   7.200   1.00 50.58 ? 59  GLU B CB  1 
ATOM   826 C CG  . GLU B 1 59 ? -11.015 9.835   7.108   1.00 58.07 ? 59  GLU B CG  1 
ATOM   827 C CD  . GLU B 1 59 ? -11.232 10.518  8.446   1.00 67.84 ? 59  GLU B CD  1 
ATOM   828 O OE1 . GLU B 1 59 ? -11.221 9.824   9.473   1.00 69.22 ? 59  GLU B OE1 1 
ATOM   829 O OE2 . GLU B 1 59 ? -11.414 11.742  8.448   1.00 74.46 ? 59  GLU B OE2 1 
ATOM   830 N N   . PRO B 1 60 ? -8.013  9.120   4.905   1.00 44.43 ? 60  PRO B N   1 
ATOM   831 C CA  . PRO B 1 60 ? -6.625  9.558   4.866   1.00 49.65 ? 60  PRO B CA  1 
ATOM   832 C C   . PRO B 1 60 ? -6.322  10.512  6.029   1.00 48.92 ? 60  PRO B C   1 
ATOM   833 O O   . PRO B 1 60 ? -7.181  11.224  6.419   1.00 50.99 ? 60  PRO B O   1 
ATOM   834 C CB  . PRO B 1 60 ? -6.535  10.304  3.536   1.00 47.91 ? 60  PRO B CB  1 
ATOM   835 C CG  . PRO B 1 60 ? -7.932  10.745  3.268   1.00 49.00 ? 60  PRO B CG  1 
ATOM   836 C CD  . PRO B 1 60 ? -8.797  9.637   3.808   1.00 45.02 ? 60  PRO B CD  1 
ATOM   837 N N   . PRO B 1 61 ? -5.091  10.574  6.563   1.00 48.43 ? 61  PRO B N   1 
ATOM   838 C CA  . PRO B 1 61 ? -4.804  11.455  7.684   1.00 49.32 ? 61  PRO B CA  1 
ATOM   839 C C   . PRO B 1 61 ? -4.720  12.931  7.270   1.00 48.61 ? 61  PRO B C   1 
ATOM   840 O O   . PRO B 1 61 ? -4.712  13.758  8.114   1.00 51.65 ? 61  PRO B O   1 
ATOM   841 C CB  . PRO B 1 61 ? -3.459  10.918  8.172   1.00 49.96 ? 61  PRO B CB  1 
ATOM   842 C CG  . PRO B 1 61 ? -2.798  10.427  6.926   1.00 44.55 ? 61  PRO B CG  1 
ATOM   843 C CD  . PRO B 1 61 ? -3.922  9.856   6.096   1.00 45.36 ? 61  PRO B CD  1 
ATOM   844 N N   . ILE B 1 62 ? -4.747  13.207  5.973   1.00 49.42 ? 62  ILE B N   1 
ATOM   845 C CA  . ILE B 1 62 ? -4.692  14.610  5.479   1.00 50.76 ? 62  ILE B CA  1 
ATOM   846 C C   . ILE B 1 62 ? -5.354  14.689  4.101   1.00 51.30 ? 62  ILE B C   1 
ATOM   847 O O   . ILE B 1 62 ? -5.557  13.628  3.505   1.00 51.80 ? 62  ILE B O   1 
ATOM   848 C CB  . ILE B 1 62 ? -3.241  15.114  5.443   1.00 51.06 ? 62  ILE B CB  1 
ATOM   849 C CG1 . ILE B 1 62 ? -3.177  16.623  5.649   1.00 52.28 ? 62  ILE B CG1 1 
ATOM   850 C CG2 . ILE B 1 62 ? -2.569  14.716  4.153   1.00 48.66 ? 62  ILE B CG2 1 
ATOM   851 C CD1 . ILE B 1 62 ? -4.368  17.177  6.365   1.00 56.16 ? 62  ILE B CD1 1 
HETATM 852 O O   . HOH C 2 .  ? 26.766  2.444   -4.108  1.00 51.57 ? 101 HOH A O   1 
HETATM 853 O O   . HOH C 2 .  ? -3.521  3.392   -5.868  1.00 72.50 ? 102 HOH A O   1 
HETATM 854 O O   . HOH C 2 .  ? 26.267  8.564   -7.175  1.00 50.81 ? 103 HOH A O   1 
HETATM 855 O O   . HOH C 2 .  ? 26.840  3.322   -7.219  1.00 51.50 ? 104 HOH A O   1 
HETATM 856 O O   . HOH C 2 .  ? 25.585  4.473   -9.304  1.00 57.72 ? 105 HOH A O   1 
HETATM 857 O O   . HOH C 2 .  ? 15.971  0.594   -1.366  1.00 44.02 ? 106 HOH A O   1 
HETATM 858 O O   . HOH C 2 .  ? 16.099  4.696   3.367   1.00 48.25 ? 107 HOH A O   1 
HETATM 859 O O   . HOH C 2 .  ? 19.931  2.870   -4.564  1.00 52.21 ? 108 HOH A O   1 
HETATM 860 O O   . HOH C 2 .  ? 0.443   -3.334  14.058  1.00 54.68 ? 109 HOH A O   1 
HETATM 861 O O   . HOH C 2 .  ? -0.503  -2.594  -8.336  1.00 50.65 ? 110 HOH A O   1 
HETATM 862 O O   . HOH C 2 .  ? 10.294  3.790   8.370   1.00 46.73 ? 111 HOH A O   1 
HETATM 863 O O   . HOH C 2 .  ? 11.062  8.500   1.394   1.00 40.96 ? 112 HOH A O   1 
HETATM 864 O O   . HOH C 2 .  ? 0.430   4.813   -6.087  1.00 46.11 ? 113 HOH A O   1 
HETATM 865 O O   . HOH C 2 .  ? -11.068 -6.751  14.193  1.00 56.86 ? 114 HOH A O   1 
HETATM 866 O O   . HOH C 2 .  ? 5.101   -0.240  -6.360  1.00 46.39 ? 115 HOH A O   1 
HETATM 867 O O   . HOH C 2 .  ? 2.453   -0.783  -8.410  1.00 54.08 ? 116 HOH A O   1 
HETATM 868 O O   . HOH C 2 .  ? -0.039  3.201   -2.891  1.00 38.52 ? 117 HOH A O   1 
HETATM 869 O O   . HOH C 2 .  ? 12.329  7.486   -4.115  1.00 46.56 ? 118 HOH A O   1 
HETATM 870 O O   . HOH C 2 .  ? 17.585  -5.334  4.586   1.00 57.29 ? 119 HOH A O   1 
HETATM 871 O O   . HOH C 2 .  ? 11.661  -7.896  3.344   1.00 59.44 ? 120 HOH A O   1 
HETATM 872 O O   . HOH C 2 .  ? 4.611   0.067   -12.373 1.00 55.84 ? 121 HOH A O   1 
HETATM 873 O O   . HOH C 2 .  ? 6.358   5.199   -8.792  1.00 51.93 ? 122 HOH A O   1 
HETATM 874 O O   . HOH C 2 .  ? 11.989  -6.099  -0.376  1.00 47.04 ? 123 HOH A O   1 
HETATM 875 O O   . HOH C 2 .  ? 5.421   4.420   -11.791 1.00 55.70 ? 124 HOH A O   1 
HETATM 876 O O   . HOH C 2 .  ? 8.165   13.183  -4.584  1.00 45.57 ? 125 HOH A O   1 
HETATM 877 O O   . HOH C 2 .  ? 1.026   -2.621  8.702   1.00 42.29 ? 126 HOH A O   1 
HETATM 878 O O   . HOH C 2 .  ? -3.848  12.663  -2.500  1.00 48.40 ? 127 HOH A O   1 
HETATM 879 O O   . HOH C 2 .  ? 6.310   -4.203  -5.511  1.00 58.13 ? 128 HOH A O   1 
HETATM 880 O O   . HOH C 2 .  ? -1.753  16.767  1.111   1.00 47.89 ? 129 HOH A O   1 
HETATM 881 O O   . HOH C 2 .  ? 12.234  7.376   7.787   1.00 54.74 ? 130 HOH A O   1 
HETATM 882 O O   . HOH C 2 .  ? -3.062  1.740   13.251  1.00 58.80 ? 131 HOH A O   1 
HETATM 883 O O   . HOH C 2 .  ? 10.427  14.033  -8.169  1.00 61.59 ? 132 HOH A O   1 
HETATM 884 O O   . HOH C 2 .  ? 2.788   6.246   -7.970  1.00 60.50 ? 133 HOH A O   1 
HETATM 885 O O   . HOH C 2 .  ? -1.453  16.998  -1.918  1.00 50.33 ? 134 HOH A O   1 
HETATM 886 O O   . HOH C 2 .  ? 2.828   8.017   -6.095  1.00 44.94 ? 135 HOH A O   1 
HETATM 887 O O   . HOH C 2 .  ? -5.908  9.845   -0.193  1.00 49.26 ? 136 HOH A O   1 
HETATM 888 O O   . HOH C 2 .  ? 13.540  5.048   -6.285  1.00 49.61 ? 137 HOH A O   1 
HETATM 889 O O   . HOH C 2 .  ? 18.932  -2.639  -6.879  1.00 61.08 ? 138 HOH A O   1 
HETATM 890 O O   . HOH C 2 .  ? -0.133  10.541  11.859  1.00 53.78 ? 139 HOH A O   1 
HETATM 891 O O   . HOH C 2 .  ? 5.100   7.033   11.456  1.00 53.53 ? 140 HOH A O   1 
HETATM 892 O O   . HOH C 2 .  ? 10.458  10.440  4.457   1.00 59.92 ? 141 HOH A O   1 
HETATM 893 O O   . HOH C 2 .  ? 8.208   2.642   11.799  1.00 53.27 ? 142 HOH A O   1 
HETATM 894 O O   . HOH C 2 .  ? 26.183  1.326   -10.953 1.00 56.23 ? 143 HOH A O   1 
HETATM 895 O O   . HOH C 2 .  ? 1.389   -0.487  -11.019 1.00 66.16 ? 144 HOH A O   1 
HETATM 896 O O   . HOH C 2 .  ? 9.148   10.781  6.519   1.00 42.41 ? 145 HOH A O   1 
HETATM 897 O O   . HOH C 2 .  ? 1.725   6.834   13.308  1.00 49.28 ? 146 HOH A O   1 
HETATM 898 O O   . HOH C 2 .  ? 0.835   -1.056  14.407  1.00 61.94 ? 147 HOH A O   1 
HETATM 899 O O   . HOH C 2 .  ? 0.579   12.658  -8.403  1.00 56.28 ? 148 HOH A O   1 
HETATM 900 O O   . HOH C 2 .  ? 18.046  7.313   1.896   1.00 60.36 ? 149 HOH A O   1 
HETATM 901 O O   . HOH C 2 .  ? 12.104  4.553   -8.457  1.00 61.79 ? 150 HOH A O   1 
HETATM 902 O O   . HOH C 2 .  ? -4.891  8.431   -3.895  1.00 54.28 ? 151 HOH A O   1 
HETATM 903 O O   . HOH C 2 .  ? 2.698   10.073  -7.583  1.00 53.24 ? 152 HOH A O   1 
HETATM 904 O O   . HOH C 2 .  ? 26.389  6.136   -7.828  1.00 52.57 ? 153 HOH A O   1 
HETATM 905 O O   . HOH C 2 .  ? -11.153 -4.481  13.400  1.00 57.34 ? 154 HOH A O   1 
HETATM 906 O O   . HOH C 2 .  ? -3.399  6.688   -5.360  1.00 60.16 ? 155 HOH A O   1 
HETATM 907 O O   . HOH C 2 .  ? 1.391   18.635  -3.817  1.00 50.37 ? 156 HOH A O   1 
HETATM 908 O O   . HOH C 2 .  ? -6.340  -11.650 14.329  1.00 58.49 ? 157 HOH A O   1 
HETATM 909 O O   . HOH C 2 .  ? 8.898   10.050  9.532   1.00 49.49 ? 158 HOH A O   1 
HETATM 910 O O   . HOH C 2 .  ? 0.657   -5.303  8.366   1.00 45.91 ? 159 HOH A O   1 
HETATM 911 O O   . HOH C 2 .  ? 12.794  -5.026  -3.007  1.00 57.86 ? 160 HOH A O   1 
HETATM 912 O O   . HOH C 2 .  ? -0.215  8.767   13.440  1.00 62.20 ? 161 HOH A O   1 
HETATM 913 O O   . HOH D 2 .  ? 8.142   -6.684  -3.869  1.00 50.41 ? 101 HOH B O   1 
HETATM 914 O O   . HOH D 2 .  ? 4.027   -2.389  -6.201  1.00 51.95 ? 102 HOH B O   1 
HETATM 915 O O   . HOH D 2 .  ? -1.668  -11.890 -12.818 1.00 65.29 ? 103 HOH B O   1 
HETATM 916 O O   . HOH D 2 .  ? -17.830 -1.002  -8.074  1.00 57.18 ? 104 HOH B O   1 
HETATM 917 O O   . HOH D 2 .  ? -1.952  -10.372 -7.474  1.00 52.32 ? 105 HOH B O   1 
HETATM 918 O O   . HOH D 2 .  ? -1.390  -4.735  -1.078  1.00 39.44 ? 106 HOH B O   1 
HETATM 919 O O   . HOH D 2 .  ? -6.039  13.112  1.087   1.00 49.90 ? 107 HOH B O   1 
HETATM 920 O O   . HOH D 2 .  ? -13.007 -9.870  -4.415  1.00 46.91 ? 108 HOH B O   1 
HETATM 921 O O   . HOH D 2 .  ? 2.923   -5.897  -0.176  1.00 50.22 ? 109 HOH B O   1 
HETATM 922 O O   . HOH D 2 .  ? -12.341 -16.724 -8.843  1.00 67.08 ? 110 HOH B O   1 
HETATM 923 O O   . HOH D 2 .  ? -7.900  -15.693 -3.013  1.00 44.18 ? 111 HOH B O   1 
HETATM 924 O O   . HOH D 2 .  ? -15.766 -1.941  4.264   1.00 47.01 ? 112 HOH B O   1 
HETATM 925 O O   . HOH D 2 .  ? -4.267  -15.353 7.195   1.00 53.29 ? 113 HOH B O   1 
HETATM 926 O O   . HOH D 2 .  ? -9.878  6.530   -8.007  1.00 57.77 ? 114 HOH B O   1 
HETATM 927 O O   . HOH D 2 .  ? -6.409  -13.949 8.516   1.00 56.00 ? 115 HOH B O   1 
HETATM 928 O O   . HOH D 2 .  ? -9.273  5.750   1.068   1.00 41.91 ? 116 HOH B O   1 
HETATM 929 O O   . HOH D 2 .  ? -11.218 -10.448 -5.764  1.00 56.52 ? 117 HOH B O   1 
HETATM 930 O O   . HOH D 2 .  ? -0.156  -10.348 -4.283  1.00 58.25 ? 118 HOH B O   1 
HETATM 931 O O   . HOH D 2 .  ? -1.376  -11.608 6.390   1.00 45.49 ? 119 HOH B O   1 
HETATM 932 O O   . HOH D 2 .  ? -8.529  -10.809 -11.840 1.00 56.21 ? 120 HOH B O   1 
HETATM 933 O O   . HOH D 2 .  ? -14.985 -0.472  7.606   1.00 50.68 ? 121 HOH B O   1 
HETATM 934 O O   . HOH D 2 .  ? -15.844 -9.019  0.635   1.00 42.05 ? 122 HOH B O   1 
HETATM 935 O O   . HOH D 2 .  ? -2.106  -10.927 -2.476  1.00 43.96 ? 123 HOH B O   1 
HETATM 936 O O   . HOH D 2 .  ? -0.335  -14.907 0.511   1.00 49.47 ? 124 HOH B O   1 
HETATM 937 O O   . HOH D 2 .  ? -1.175  -7.258  7.607   1.00 46.72 ? 125 HOH B O   1 
HETATM 938 O O   . HOH D 2 .  ? 1.286   -11.395 -8.520  1.00 55.51 ? 126 HOH B O   1 
HETATM 939 O O   . HOH D 2 .  ? -15.553 -9.867  -1.767  1.00 62.07 ? 127 HOH B O   1 
HETATM 940 O O   . HOH D 2 .  ? -10.692 4.806   8.516   1.00 55.85 ? 128 HOH B O   1 
HETATM 941 O O   . HOH D 2 .  ? -9.967  7.984   -3.396  1.00 56.93 ? 129 HOH B O   1 
HETATM 942 O O   . HOH D 2 .  ? -5.548  0.927   9.879   1.00 46.32 ? 130 HOH B O   1 
HETATM 943 O O   . HOH D 2 .  ? -1.213  -13.041 -1.361  1.00 55.62 ? 131 HOH B O   1 
HETATM 944 O O   . HOH D 2 .  ? -7.911  8.090   -2.523  1.00 69.67 ? 132 HOH B O   1 
HETATM 945 O O   . HOH D 2 .  ? -4.055  16.389  1.309   1.00 55.73 ? 133 HOH B O   1 
HETATM 946 O O   . HOH D 2 .  ? -11.352 1.946   8.721   1.00 57.11 ? 134 HOH B O   1 
HETATM 947 O O   . HOH D 2 .  ? -8.183  7.828   -0.214  1.00 48.74 ? 135 HOH B O   1 
# 
